data_8E3I
#
_entry.id   8E3I
#
_cell.length_a   1.00
_cell.length_b   1.00
_cell.length_c   1.00
_cell.angle_alpha   90.00
_cell.angle_beta   90.00
_cell.angle_gamma   90.00
#
_symmetry.space_group_name_H-M   'P 1'
#
loop_
_entity.id
_entity.type
_entity.pdbx_description
1 polymer 'Cleavage and polyadenylation specificity factor subunit 1'
2 polymer 'Cleavage and polyadenylation specificity factor subunit 4'
3 polymer "RNA (5'-R(P*CP*AP*UP*UP*AP*AP*AP*CP*AP*AP*C)-3')"
4 polymer "pre-mRNA 3' end processing protein WDR33"
5 non-polymer 'ZINC ION'
#
loop_
_entity_poly.entity_id
_entity_poly.type
_entity_poly.pdbx_seq_one_letter_code
_entity_poly.pdbx_strand_id
1 'polypeptide(L)'
;MYAVYKQAHPPTGLEFSMYCNFFNNSERNLVVAGTSQLYVYRLNRDAEALTKNDRSTEGKAHREKLELAASFSFFGNVMS
MASVQLAGAKRDALLLSFKDAKLSVVEYDPGTHDLKTLSLHYFEEPELRDGFVQNVHTPRVRVDPDGRCAAMLVYGTRLV
VLPFRRESLAEEHEGLVGEGQRSSFLPSYIIDVRALDEKLLNIIDLQFLHGYYEPTLLILFEPNQTWPGRVAVRQDTCSI
VAISLNITQKVHPVIWSLTSLPFDCTQALAVPKPIGGVVVFAVNSLLYLNQSVPPYGVALNSLTTGTTAFPLRTQEGVRI
TLDCAQATFISYDKMVISLKGGEIYVLTLITDGMRSVRAFHFDKAAASVLTTSMVTMEPGYLFLGSRLGNSLLLKYTEKL
QEPPASAVREAADKEEPPSKKKRVDATAGWSAAGKSVPQDEVDEIEVYGSEAQSGTQLATYSFEVCDSILNIGPCANAAV
GEPAFLSEEFQNSPEPDLEIVVCSGHGKNGALSVLQKSIRPQVVTTFELPGCYDMWTVIAPVRKEEEDNPKGEGTEQEPS
TTPEADDDGRRHGFLILSREDSTMILQTGQEIMELDTSGFATQGPTVFAGNIGDNRYIVQVSPLGIRLLEGVNQLHFIPV
DLGAPIVQCAVADPYVVIMSAEGHVTMFLLKSDSYGGRHHRLALHKPPLHHQSKVITLCLYRDLSGMFTTESRLGGARDE
LGGRSGPEAEGLGSETSPTVDDEEEMLYGDSGSLFSPSKEEARRSSQPPADRDPAPFRAEPTHWCLLVRENGTMEIYQLP
DWRLVFLVKNFPVGQRVLVDSSFGQPTTQGEARREEATRQGELPLVKEVLLVALGSRQSRPYLLVHVDQELLIYEAFPHD
SQLGQGNLKVRFKKVPHNINFREKKPKPSKKKAEGGGAEEGAGARGRVARFRYFEDIYGYSGVFICGPSPHWLLVTGRGA
LRLHPMAIDGPVDSFAPFHNVNCPRGFLYFNRQGELRISVLPAYLSYDAPWPVRKIPLRCTAHYVAYHVESKVYAVATST
NTPCARIPRMTGEEKEFETIERDERYIHPQQEAFSIQLISPVSWEAIPNARIELQEWEHVTCMKTVSLRSEETVSGLKGY
VAAGTCLMQGEEVTCRGRILIMDVIEVVPEPGQPLTKNKFKVLYEKEQKGPVTALCHCNGHLVSAIGQKIFLWSLRASEL
TGMAFIDTQLYIHQMISVKNFILAADVMKSISLLRYQEESKTLSLVSRDAKPLEVYSVDFMVDNAQLGFLVSDRDRNLMV
YMYLPEAKESFGGMRLLRRADFHVGAHVNTFWRTPCRGATEGLSKKSVVWENKHITWFATLDGGIGLLLPMQEKTYRRLL
MLQNALTTMLPHHAGLNPRAFRMLHVDRRTLQNAVRNVLDGELLNRYLYLSTMERSELAKKIGTTPDIILDDLLETDRVT
AHF
;
A
2 'polypeptide(L)'
;GMQEIIASVDHIKFDLEIAVEQQLGAQPLPFPGMDKSGAAVCEFFLKAACGKGGMCPFRHISGEKTVVCKHWLRGLCKKG
DQCEFLHEYDMTKMPECYFYSKFGECSNKECPFLHIDPESKIKDCPWYDRGFCKHGPLCRHRHTRRVICVNYLVGFCPEG
PSCKFMHPRFELPMGTTEQPPLPQQTQPPAKQRTPQVIGVMQSQNSSAGNRGPRPLEQVTCYKCGEKGHYANRCTKGHLA
FLSGQ
;
C
3 'polyribonucleotide' CAUUAAACAAC E
4 'polypeptide(L)'
;MATEIGSPPRFFHMPRFQHQAPRQLFYKRPDFAQQQAMQQLTFDGKRMRKAVNRKTIDYNPSVIKYLENRIWQRDQRDMR
AIQPDAGYYNDLVPPIGMLNNPMNAVTTKFVRTSTNKVKCPVFVVRWTPEGRRLVTGASSGEFTLWNGLTFNFETILQAH
DSPVRAMTWSHNDMWMLTADHGGYVKYWQSNMNNVKMFQAHKEAIREASFSPTDNKFATCSDDGTVRIWDFLRCHEERIL
RGHGADVKCVDWHPTKGLVVSGSKDSQQPIKFWDPKTGQSLATLHAHKNTVMEVKLNLNGNWLLTASRDHLCKLFDIRNL
KEELQVFRGHKKEATAVAWHPVHEGLFASGGSDGSLLFWHVGVEKEVGGMEMAHEGMIWSLAWHPLGHILCSGSNDHTSK
FWTRNRPGDKMRDRYNLNLLPGMSEDGVEYDDLEPNSLAVIPGMGIPEQLKLAMEQEQMGKDESNEIEMTIPGLDWGMEE
VMQKDQKKVPQKKVPYAKPIPAQFQQAWMQNKVPIPAPNEVLNDRKEDIKLEEKKKTQAEIEQEMATLQYTNPQLLEQLK
IERLAQKQVEQI
;
B
#
# COMPACT_ATOMS: atom_id res chain seq x y z
N MET A 1 10.04 -19.66 -7.18
CA MET A 1 9.03 -19.77 -8.23
C MET A 1 7.62 -19.84 -7.67
N TYR A 2 7.41 -20.68 -6.66
CA TYR A 2 6.10 -20.89 -6.09
C TYR A 2 6.04 -20.38 -4.66
N ALA A 3 4.89 -19.84 -4.28
CA ALA A 3 4.70 -19.27 -2.95
C ALA A 3 3.22 -19.30 -2.62
N VAL A 4 2.93 -19.08 -1.34
CA VAL A 4 1.58 -18.89 -0.86
C VAL A 4 1.54 -17.57 -0.10
N TYR A 5 0.48 -16.80 -0.32
CA TYR A 5 0.26 -15.56 0.40
C TYR A 5 -0.66 -15.81 1.58
N LYS A 6 -0.25 -15.33 2.75
CA LYS A 6 -1.09 -15.34 3.93
C LYS A 6 -1.05 -13.95 4.54
N GLN A 7 -2.19 -13.49 5.05
CA GLN A 7 -2.19 -12.26 5.84
C GLN A 7 -2.20 -12.65 7.32
N ALA A 8 -1.28 -12.08 8.07
CA ALA A 8 -1.20 -12.35 9.50
C ALA A 8 -1.99 -11.32 10.31
N HIS A 9 -2.05 -10.08 9.82
CA HIS A 9 -2.79 -9.01 10.46
C HIS A 9 -3.81 -8.47 9.47
N PRO A 10 -5.10 -8.46 9.80
CA PRO A 10 -6.08 -7.87 8.89
C PRO A 10 -5.85 -6.37 8.76
N PRO A 11 -6.22 -5.77 7.63
CA PRO A 11 -6.02 -4.33 7.48
C PRO A 11 -6.83 -3.54 8.49
N THR A 12 -6.23 -2.47 9.00
CA THR A 12 -6.88 -1.55 9.91
C THR A 12 -6.90 -0.17 9.26
N GLY A 13 -8.04 0.49 9.30
CA GLY A 13 -8.18 1.76 8.63
C GLY A 13 -9.49 1.82 7.86
N LEU A 14 -10.31 2.81 8.17
CA LEU A 14 -11.66 2.90 7.66
C LEU A 14 -11.76 4.06 6.68
N GLU A 15 -12.32 3.78 5.50
CA GLU A 15 -12.49 4.80 4.47
C GLU A 15 -13.94 5.24 4.30
N PHE A 16 -14.90 4.40 4.67
CA PHE A 16 -16.31 4.69 4.49
C PHE A 16 -17.03 4.39 5.78
N SER A 17 -18.07 5.18 6.07
CA SER A 17 -18.88 4.98 7.27
C SER A 17 -20.28 5.48 7.00
N MET A 18 -21.27 4.76 7.53
CA MET A 18 -22.66 5.16 7.38
C MET A 18 -23.49 4.55 8.49
N TYR A 19 -24.68 5.12 8.68
CA TYR A 19 -25.56 4.77 9.78
C TYR A 19 -26.87 4.29 9.18
N CYS A 20 -27.11 2.97 9.21
CA CYS A 20 -28.24 2.38 8.51
C CYS A 20 -28.77 1.19 9.30
N ASN A 21 -29.87 0.62 8.83
CA ASN A 21 -30.54 -0.51 9.47
C ASN A 21 -29.98 -1.81 8.89
N PHE A 22 -28.82 -2.21 9.42
CA PHE A 22 -28.14 -3.38 8.87
C PHE A 22 -28.86 -4.68 9.25
N PHE A 23 -29.24 -4.82 10.52
CA PHE A 23 -29.83 -6.07 10.98
C PHE A 23 -31.35 -6.08 10.89
N ASN A 24 -31.98 -4.96 11.23
CA ASN A 24 -33.44 -4.86 11.20
C ASN A 24 -33.81 -3.39 11.24
N ASN A 25 -35.11 -3.13 11.11
CA ASN A 25 -35.59 -1.75 11.04
C ASN A 25 -35.79 -1.11 12.40
N SER A 26 -35.60 -1.87 13.49
CA SER A 26 -35.79 -1.30 14.82
C SER A 26 -34.63 -0.40 15.22
N GLU A 27 -33.39 -0.82 14.94
CA GLU A 27 -32.21 -0.05 15.31
C GLU A 27 -31.37 0.24 14.07
N ARG A 28 -30.59 1.31 14.16
CA ARG A 28 -29.57 1.63 13.16
C ARG A 28 -28.21 1.19 13.65
N ASN A 29 -27.31 0.97 12.70
CA ASN A 29 -25.98 0.46 13.01
C ASN A 29 -24.93 1.30 12.32
N LEU A 30 -23.76 1.40 12.94
CA LEU A 30 -22.61 2.04 12.30
C LEU A 30 -21.94 1.02 11.41
N VAL A 31 -22.06 1.20 10.10
CA VAL A 31 -21.46 0.32 9.11
C VAL A 31 -20.24 1.06 8.56
N VAL A 32 -19.06 0.50 8.79
CA VAL A 32 -17.82 1.10 8.31
C VAL A 32 -17.10 0.08 7.45
N ALA A 33 -16.34 0.57 6.49
CA ALA A 33 -15.59 -0.28 5.58
C ALA A 33 -14.19 0.26 5.40
N GLY A 34 -13.26 -0.64 5.15
CA GLY A 34 -11.88 -0.30 4.88
C GLY A 34 -11.45 -0.88 3.55
N THR A 35 -10.21 -1.34 3.53
CA THR A 35 -9.67 -2.05 2.37
C THR A 35 -10.07 -3.52 2.47
N SER A 36 -11.13 -3.90 1.77
CA SER A 36 -11.61 -5.28 1.71
C SER A 36 -12.14 -5.78 3.05
N GLN A 37 -12.60 -4.87 3.91
CA GLN A 37 -13.17 -5.23 5.20
C GLN A 37 -14.47 -4.46 5.40
N LEU A 38 -15.45 -5.11 5.99
CA LEU A 38 -16.72 -4.48 6.37
C LEU A 38 -16.98 -4.76 7.84
N TYR A 39 -17.34 -3.72 8.58
CA TYR A 39 -17.60 -3.82 10.00
C TYR A 39 -18.96 -3.22 10.32
N VAL A 40 -19.71 -3.88 11.19
CA VAL A 40 -20.98 -3.37 11.69
C VAL A 40 -20.85 -3.21 13.20
N TYR A 41 -21.17 -2.02 13.69
CA TYR A 41 -21.00 -1.67 15.10
C TYR A 41 -22.33 -1.28 15.70
N ARG A 42 -22.56 -1.73 16.94
CA ARG A 42 -23.64 -1.22 17.75
C ARG A 42 -23.10 -0.17 18.70
N LEU A 43 -23.98 0.67 19.22
CA LEU A 43 -23.62 1.70 20.20
C LEU A 43 -24.16 1.28 21.54
N ASN A 44 -23.26 0.91 22.46
CA ASN A 44 -23.64 0.56 23.81
C ASN A 44 -23.56 1.79 24.71
N ARG A 45 -24.63 2.04 25.45
CA ARG A 45 -24.68 3.19 26.34
C ARG A 45 -24.55 2.76 27.80
N ARG A 63 -20.19 4.95 30.31
CA ARG A 63 -19.58 5.48 29.11
C ARG A 63 -20.04 4.71 27.87
N GLU A 64 -20.01 5.37 26.71
CA GLU A 64 -20.47 4.77 25.47
C GLU A 64 -19.33 4.04 24.78
N LYS A 65 -19.63 2.86 24.25
CA LYS A 65 -18.62 2.05 23.58
C LYS A 65 -19.23 1.42 22.34
N LEU A 66 -18.47 1.42 21.24
CA LEU A 66 -18.87 0.72 20.04
C LEU A 66 -18.47 -0.74 20.15
N GLU A 67 -19.45 -1.64 20.11
CA GLU A 67 -19.17 -3.06 20.22
C GLU A 67 -19.51 -3.74 18.90
N LEU A 68 -18.55 -4.52 18.39
CA LEU A 68 -18.65 -5.06 17.04
C LEU A 68 -19.75 -6.11 16.97
N ALA A 69 -20.63 -5.95 15.98
CA ALA A 69 -21.76 -6.85 15.80
C ALA A 69 -21.57 -7.82 14.64
N ALA A 70 -20.83 -7.42 13.61
CA ALA A 70 -20.58 -8.27 12.45
C ALA A 70 -19.36 -7.76 11.72
N SER A 71 -18.62 -8.68 11.10
CA SER A 71 -17.47 -8.32 10.29
C SER A 71 -17.40 -9.26 9.11
N PHE A 72 -17.16 -8.70 7.92
CA PHE A 72 -17.12 -9.47 6.69
C PHE A 72 -15.89 -9.07 5.88
N SER A 73 -15.33 -10.05 5.17
CA SER A 73 -14.19 -9.83 4.31
C SER A 73 -14.59 -10.03 2.86
N PHE A 74 -13.96 -9.28 1.96
CA PHE A 74 -14.26 -9.32 0.55
C PHE A 74 -13.01 -9.64 -0.25
N PHE A 75 -13.22 -10.30 -1.39
CA PHE A 75 -12.16 -10.49 -2.38
C PHE A 75 -12.14 -9.31 -3.35
N GLY A 76 -11.91 -8.14 -2.77
CA GLY A 76 -11.91 -6.89 -3.50
C GLY A 76 -11.91 -5.73 -2.52
N ASN A 77 -11.36 -4.60 -2.92
CA ASN A 77 -11.33 -3.42 -2.05
C ASN A 77 -12.53 -2.55 -2.32
N VAL A 78 -13.22 -2.14 -1.26
CA VAL A 78 -14.40 -1.30 -1.39
C VAL A 78 -14.00 0.07 -1.87
N MET A 79 -14.65 0.55 -2.94
CA MET A 79 -14.38 1.86 -3.49
C MET A 79 -15.42 2.89 -3.11
N SER A 80 -16.64 2.46 -2.81
CA SER A 80 -17.72 3.35 -2.43
C SER A 80 -18.78 2.52 -1.72
N MET A 81 -19.39 3.11 -0.70
CA MET A 81 -20.37 2.41 0.13
C MET A 81 -21.60 3.28 0.29
N ALA A 82 -22.77 2.67 0.19
CA ALA A 82 -24.03 3.38 0.35
C ALA A 82 -25.11 2.37 0.73
N SER A 83 -26.20 2.88 1.28
CA SER A 83 -27.31 2.04 1.72
C SER A 83 -28.62 2.57 1.20
N VAL A 84 -29.57 1.67 0.98
CA VAL A 84 -30.90 2.02 0.51
C VAL A 84 -31.91 1.12 1.21
N GLN A 85 -33.11 1.64 1.44
CA GLN A 85 -34.22 0.87 1.98
C GLN A 85 -35.11 0.45 0.81
N LEU A 86 -35.02 -0.81 0.41
CA LEU A 86 -35.78 -1.30 -0.72
C LEU A 86 -37.25 -1.46 -0.33
N ALA A 87 -38.08 -1.69 -1.36
CA ALA A 87 -39.52 -1.77 -1.15
C ALA A 87 -39.88 -3.04 -0.38
N GLY A 88 -40.65 -2.88 0.69
CA GLY A 88 -41.07 -4.01 1.49
C GLY A 88 -39.94 -4.81 2.09
N ALA A 89 -38.92 -4.13 2.62
CA ALA A 89 -37.72 -4.76 3.13
C ALA A 89 -37.64 -4.61 4.63
N LYS A 90 -37.11 -5.63 5.31
CA LYS A 90 -36.87 -5.57 6.74
C LYS A 90 -35.50 -5.02 7.08
N ARG A 91 -34.69 -4.68 6.08
CA ARG A 91 -33.33 -4.24 6.29
C ARG A 91 -32.95 -3.22 5.23
N ASP A 92 -31.85 -2.54 5.45
CA ASP A 92 -31.25 -1.70 4.43
C ASP A 92 -30.25 -2.54 3.62
N ALA A 93 -30.42 -2.55 2.30
CA ALA A 93 -29.43 -3.17 1.44
C ALA A 93 -28.19 -2.28 1.36
N LEU A 94 -27.03 -2.90 1.27
CA LEU A 94 -25.77 -2.18 1.20
C LEU A 94 -25.31 -2.17 -0.25
N LEU A 95 -25.01 -0.98 -0.77
CA LEU A 95 -24.49 -0.82 -2.12
C LEU A 95 -22.97 -0.67 -2.02
N LEU A 96 -22.24 -1.69 -2.44
CA LEU A 96 -20.79 -1.70 -2.37
C LEU A 96 -20.22 -1.61 -3.78
N SER A 97 -19.24 -0.74 -3.96
CA SER A 97 -18.59 -0.53 -5.24
C SER A 97 -17.18 -1.10 -5.17
N PHE A 98 -16.78 -1.80 -6.23
CA PHE A 98 -15.46 -2.43 -6.29
C PHE A 98 -14.73 -1.99 -7.54
N LYS A 99 -13.40 -2.07 -7.47
CA LYS A 99 -12.54 -1.36 -8.42
C LYS A 99 -12.78 -1.86 -9.85
N ASP A 100 -12.65 -0.91 -10.79
CA ASP A 100 -13.18 -0.95 -12.15
C ASP A 100 -14.64 -0.56 -12.09
N ALA A 101 -15.53 -1.42 -12.60
CA ALA A 101 -16.97 -1.14 -12.57
C ALA A 101 -17.69 -2.37 -12.04
N LYS A 102 -17.78 -2.48 -10.72
CA LYS A 102 -18.54 -3.53 -10.06
C LYS A 102 -19.43 -2.89 -9.01
N LEU A 103 -20.72 -3.19 -9.07
CA LEU A 103 -21.66 -2.78 -8.04
C LEU A 103 -22.34 -4.02 -7.48
N SER A 104 -22.21 -4.23 -6.18
CA SER A 104 -22.77 -5.39 -5.51
C SER A 104 -23.77 -4.92 -4.47
N VAL A 105 -24.97 -5.49 -4.50
CA VAL A 105 -26.02 -5.14 -3.57
C VAL A 105 -26.13 -6.30 -2.58
N VAL A 106 -25.87 -6.02 -1.30
CA VAL A 106 -25.83 -7.05 -0.29
C VAL A 106 -26.76 -6.67 0.87
N GLU A 107 -27.26 -7.69 1.55
CA GLU A 107 -28.04 -7.51 2.78
C GLU A 107 -27.52 -8.48 3.83
N TYR A 108 -27.77 -8.12 5.08
CA TYR A 108 -27.60 -9.09 6.16
C TYR A 108 -28.63 -10.19 6.02
N ASP A 109 -28.21 -11.42 6.31
CA ASP A 109 -29.11 -12.56 6.23
C ASP A 109 -29.41 -13.08 7.62
N PRO A 110 -30.64 -12.98 8.11
CA PRO A 110 -31.04 -13.78 9.28
C PRO A 110 -31.07 -15.26 8.89
N GLY A 111 -30.86 -16.11 9.88
CA GLY A 111 -30.67 -17.51 9.56
C GLY A 111 -29.20 -17.84 9.47
N THR A 112 -28.64 -17.77 8.27
CA THR A 112 -27.19 -17.82 8.11
C THR A 112 -26.62 -16.43 8.34
N HIS A 113 -25.83 -16.27 9.41
CA HIS A 113 -25.42 -14.97 9.93
C HIS A 113 -24.49 -14.18 8.99
N ASP A 114 -24.28 -14.63 7.75
CA ASP A 114 -23.45 -13.92 6.80
C ASP A 114 -24.22 -12.84 6.05
N LEU A 115 -23.53 -12.23 5.09
CA LEU A 115 -24.15 -11.35 4.12
C LEU A 115 -24.84 -12.17 3.04
N LYS A 116 -25.78 -11.53 2.34
CA LYS A 116 -26.49 -12.14 1.23
C LYS A 116 -26.40 -11.21 0.04
N THR A 117 -25.95 -11.74 -1.10
CA THR A 117 -25.81 -10.96 -2.32
C THR A 117 -27.12 -10.99 -3.09
N LEU A 118 -27.73 -9.81 -3.25
CA LEU A 118 -28.99 -9.71 -3.99
C LEU A 118 -28.75 -9.53 -5.48
N SER A 119 -27.79 -8.69 -5.86
CA SER A 119 -27.44 -8.52 -7.26
C SER A 119 -26.00 -8.03 -7.35
N LEU A 120 -25.29 -8.53 -8.35
CA LEU A 120 -23.93 -8.08 -8.66
C LEU A 120 -23.93 -7.61 -10.11
N HIS A 121 -23.46 -6.39 -10.33
CA HIS A 121 -23.49 -5.75 -11.63
C HIS A 121 -22.07 -5.55 -12.14
N TYR A 122 -21.85 -5.86 -13.41
CA TYR A 122 -20.58 -5.62 -14.07
C TYR A 122 -20.78 -4.60 -15.18
N PHE A 123 -19.91 -3.59 -15.21
CA PHE A 123 -19.90 -2.59 -16.26
C PHE A 123 -18.49 -2.44 -16.81
N GLU A 124 -17.79 -3.56 -16.90
CA GLU A 124 -16.39 -3.60 -17.31
C GLU A 124 -16.33 -4.03 -18.78
N GLU A 125 -16.78 -3.14 -19.66
CA GLU A 125 -16.66 -3.36 -21.09
C GLU A 125 -15.68 -2.34 -21.64
N PRO A 126 -14.85 -2.74 -22.62
CA PRO A 126 -13.90 -1.79 -23.21
C PRO A 126 -14.57 -0.59 -23.87
N GLU A 127 -15.82 -0.73 -24.30
CA GLU A 127 -16.53 0.39 -24.90
C GLU A 127 -16.74 1.52 -23.90
N LEU A 128 -17.07 1.17 -22.65
CA LEU A 128 -17.30 2.20 -21.64
C LEU A 128 -16.03 2.93 -21.26
N ARG A 129 -14.87 2.33 -21.52
CA ARG A 129 -13.60 2.95 -21.14
C ARG A 129 -13.11 3.98 -22.15
N ASP A 130 -13.71 4.01 -23.35
CA ASP A 130 -13.40 5.02 -24.38
C ASP A 130 -11.94 4.97 -24.81
N GLY A 131 -11.31 3.80 -24.73
CA GLY A 131 -9.93 3.66 -25.13
C GLY A 131 -8.90 4.00 -24.07
N PHE A 132 -9.34 4.42 -22.88
CA PHE A 132 -8.43 4.72 -21.78
C PHE A 132 -8.17 3.42 -21.03
N VAL A 133 -6.98 2.84 -21.21
CA VAL A 133 -6.66 1.59 -20.54
C VAL A 133 -6.44 1.82 -19.04
N GLN A 134 -5.88 2.96 -18.67
CA GLN A 134 -5.60 3.27 -17.27
C GLN A 134 -6.79 3.98 -16.67
N ASN A 135 -7.35 3.41 -15.61
CA ASN A 135 -8.50 3.97 -14.92
C ASN A 135 -8.01 4.83 -13.76
N VAL A 136 -8.33 6.12 -13.80
CA VAL A 136 -7.96 7.04 -12.74
C VAL A 136 -9.17 7.50 -11.93
N HIS A 137 -10.37 7.02 -12.24
CA HIS A 137 -11.59 7.42 -11.55
C HIS A 137 -12.12 6.23 -10.78
N THR A 138 -12.32 6.40 -9.49
CA THR A 138 -12.94 5.36 -8.69
C THR A 138 -14.45 5.35 -8.92
N PRO A 139 -15.08 4.18 -8.95
CA PRO A 139 -16.53 4.14 -9.11
C PRO A 139 -17.25 4.64 -7.86
N ARG A 140 -18.12 5.63 -8.03
CA ARG A 140 -18.75 6.34 -6.92
C ARG A 140 -20.24 6.09 -6.96
N VAL A 141 -20.77 5.50 -5.88
CA VAL A 141 -22.20 5.19 -5.78
C VAL A 141 -22.90 6.28 -4.99
N ARG A 142 -24.02 6.76 -5.49
CA ARG A 142 -24.86 7.71 -4.79
C ARG A 142 -26.29 7.17 -4.76
N VAL A 143 -27.03 7.55 -3.73
CA VAL A 143 -28.39 7.07 -3.52
C VAL A 143 -29.33 8.27 -3.41
N ASP A 144 -30.49 8.15 -4.04
CA ASP A 144 -31.52 9.16 -3.89
C ASP A 144 -31.99 9.19 -2.43
N PRO A 145 -32.21 10.38 -1.86
CA PRO A 145 -32.70 10.44 -0.47
C PRO A 145 -34.02 9.73 -0.26
N ASP A 146 -34.89 9.72 -1.26
CA ASP A 146 -36.18 9.03 -1.15
C ASP A 146 -36.10 7.55 -1.50
N GLY A 147 -34.93 7.06 -1.88
CA GLY A 147 -34.78 5.67 -2.24
C GLY A 147 -35.37 5.29 -3.58
N ARG A 148 -35.61 6.27 -4.45
CA ARG A 148 -36.21 5.97 -5.75
C ARG A 148 -35.21 5.30 -6.69
N CYS A 149 -33.94 5.68 -6.59
CA CYS A 149 -32.92 5.11 -7.46
C CYS A 149 -31.57 5.25 -6.82
N ALA A 150 -30.60 4.55 -7.38
CA ALA A 150 -29.19 4.70 -7.05
C ALA A 150 -28.41 4.96 -8.33
N ALA A 151 -27.33 5.71 -8.21
CA ALA A 151 -26.48 6.03 -9.35
C ALA A 151 -25.03 5.73 -8.99
N MET A 152 -24.30 5.15 -9.94
CA MET A 152 -22.87 4.93 -9.78
C MET A 152 -22.15 5.49 -10.99
N LEU A 153 -21.20 6.39 -10.75
CA LEU A 153 -20.43 7.01 -11.82
C LEU A 153 -19.23 6.14 -12.13
N VAL A 154 -19.10 5.74 -13.39
CA VAL A 154 -18.16 4.71 -13.82
C VAL A 154 -17.23 5.30 -14.85
N TYR A 155 -15.92 5.11 -14.64
CA TYR A 155 -14.85 5.59 -15.52
C TYR A 155 -14.87 7.11 -15.70
N GLY A 156 -15.59 7.83 -14.86
CA GLY A 156 -15.69 9.27 -14.96
C GLY A 156 -16.60 9.76 -16.06
N THR A 157 -17.15 8.87 -16.88
CA THR A 157 -17.97 9.26 -18.02
C THR A 157 -19.30 8.54 -18.11
N ARG A 158 -19.45 7.36 -17.49
CA ARG A 158 -20.68 6.59 -17.60
C ARG A 158 -21.42 6.63 -16.27
N LEU A 159 -22.67 7.08 -16.32
CA LEU A 159 -23.51 7.16 -15.14
C LEU A 159 -24.51 6.01 -15.17
N VAL A 160 -24.32 5.03 -14.31
CA VAL A 160 -25.19 3.87 -14.21
C VAL A 160 -26.33 4.22 -13.26
N VAL A 161 -27.55 3.92 -13.67
CA VAL A 161 -28.75 4.20 -12.88
C VAL A 161 -29.40 2.88 -12.51
N LEU A 162 -29.62 2.68 -11.21
CA LEU A 162 -30.36 1.51 -10.73
C LEU A 162 -31.70 1.96 -10.17
N PRO A 163 -32.78 1.83 -10.93
CA PRO A 163 -34.10 2.13 -10.38
C PRO A 163 -34.50 1.13 -9.32
N PHE A 164 -35.33 1.59 -8.39
CA PHE A 164 -35.94 0.74 -7.38
C PHE A 164 -37.45 0.83 -7.50
N ARG A 165 -38.13 -0.24 -7.08
CA ARG A 165 -39.58 -0.28 -7.15
C ARG A 165 -40.20 0.59 -6.06
N SER A 183 -36.45 -9.10 -6.83
CA SER A 183 -37.33 -8.36 -7.72
C SER A 183 -37.52 -6.93 -7.24
N SER A 184 -36.65 -6.49 -6.34
CA SER A 184 -36.67 -5.14 -5.83
C SER A 184 -35.91 -4.16 -6.71
N PHE A 185 -35.33 -4.63 -7.80
CA PHE A 185 -34.57 -3.80 -8.72
C PHE A 185 -35.20 -3.84 -10.10
N LEU A 186 -35.14 -2.70 -10.78
CA LEU A 186 -35.53 -2.59 -12.17
C LEU A 186 -34.28 -2.62 -13.04
N PRO A 187 -34.39 -3.01 -14.30
CA PRO A 187 -33.20 -3.10 -15.16
C PRO A 187 -32.46 -1.77 -15.22
N SER A 188 -31.14 -1.84 -15.06
CA SER A 188 -30.31 -0.66 -15.04
C SER A 188 -29.98 -0.20 -16.45
N TYR A 189 -29.69 1.10 -16.58
CA TYR A 189 -29.28 1.68 -17.85
C TYR A 189 -28.13 2.64 -17.59
N ILE A 190 -27.30 2.82 -18.62
CA ILE A 190 -26.10 3.63 -18.54
C ILE A 190 -26.34 4.95 -19.26
N ILE A 191 -25.97 6.05 -18.63
CA ILE A 191 -26.01 7.37 -19.23
C ILE A 191 -24.58 7.83 -19.48
N ASP A 192 -24.31 8.25 -20.71
CA ASP A 192 -23.01 8.82 -21.06
C ASP A 192 -23.06 10.32 -20.82
N VAL A 193 -22.29 10.79 -19.83
CA VAL A 193 -22.37 12.20 -19.44
C VAL A 193 -21.85 13.10 -20.55
N ARG A 194 -20.95 12.59 -21.41
CA ARG A 194 -20.54 13.35 -22.57
C ARG A 194 -21.71 13.57 -23.53
N ALA A 195 -22.56 12.56 -23.69
CA ALA A 195 -23.72 12.68 -24.57
C ALA A 195 -24.77 13.62 -24.02
N LEU A 196 -24.66 14.04 -22.76
CA LEU A 196 -25.57 15.02 -22.21
C LEU A 196 -25.32 16.39 -22.83
N ASP A 197 -26.14 17.35 -22.42
CA ASP A 197 -25.83 18.74 -22.70
C ASP A 197 -24.70 19.22 -21.81
N GLU A 198 -23.96 20.21 -22.30
CA GLU A 198 -22.91 20.97 -21.62
C GLU A 198 -21.59 20.20 -21.50
N LYS A 199 -21.53 18.91 -21.85
CA LYS A 199 -20.26 18.20 -22.00
C LYS A 199 -19.44 18.25 -20.69
N LEU A 200 -19.94 17.52 -19.70
CA LEU A 200 -19.39 17.59 -18.35
C LEU A 200 -17.88 17.31 -18.31
N LEU A 201 -17.49 16.08 -18.63
CA LEU A 201 -16.14 15.72 -19.05
C LEU A 201 -15.07 15.74 -17.97
N ASN A 202 -15.34 16.31 -16.80
CA ASN A 202 -14.42 16.18 -15.66
C ASN A 202 -15.24 16.31 -14.39
N ILE A 203 -15.73 15.19 -13.86
CA ILE A 203 -16.68 15.22 -12.77
C ILE A 203 -15.93 15.20 -11.45
N ILE A 204 -16.20 16.19 -10.61
CA ILE A 204 -15.56 16.29 -9.30
C ILE A 204 -16.37 15.57 -8.24
N ASP A 205 -17.67 15.86 -8.17
CA ASP A 205 -18.55 15.22 -7.21
C ASP A 205 -19.97 15.20 -7.78
N LEU A 206 -20.76 14.27 -7.28
CA LEU A 206 -22.16 14.13 -7.68
C LEU A 206 -22.97 13.76 -6.46
N GLN A 207 -24.10 14.44 -6.25
CA GLN A 207 -24.95 14.20 -5.11
C GLN A 207 -26.41 14.34 -5.51
N PHE A 208 -27.24 13.44 -4.99
CA PHE A 208 -28.68 13.58 -5.16
C PHE A 208 -29.21 14.69 -4.26
N LEU A 209 -30.20 15.43 -4.75
CA LEU A 209 -30.72 16.59 -4.05
C LEU A 209 -32.04 16.25 -3.38
N HIS A 210 -32.33 16.97 -2.30
CA HIS A 210 -33.58 16.75 -1.57
C HIS A 210 -34.70 17.62 -2.11
N GLY A 211 -35.93 17.18 -1.87
CA GLY A 211 -37.10 17.98 -2.15
C GLY A 211 -37.54 18.03 -3.60
N TYR A 212 -37.26 17.00 -4.39
CA TYR A 212 -37.63 16.98 -5.80
C TYR A 212 -38.61 15.84 -6.07
N TYR A 213 -39.52 16.08 -7.02
CA TYR A 213 -40.48 15.05 -7.41
C TYR A 213 -39.80 13.90 -8.14
N GLU A 214 -38.74 14.18 -8.88
CA GLU A 214 -37.94 13.17 -9.57
C GLU A 214 -36.54 13.12 -8.99
N PRO A 215 -35.87 11.96 -9.02
CA PRO A 215 -34.48 11.88 -8.55
C PRO A 215 -33.59 12.85 -9.31
N THR A 216 -33.10 13.88 -8.63
CA THR A 216 -32.32 14.94 -9.24
C THR A 216 -30.87 14.81 -8.78
N LEU A 217 -29.97 14.64 -9.73
CA LEU A 217 -28.55 14.43 -9.45
C LEU A 217 -27.80 15.71 -9.80
N LEU A 218 -27.15 16.31 -8.81
CA LEU A 218 -26.32 17.48 -9.04
C LEU A 218 -24.88 17.03 -9.26
N ILE A 219 -24.31 17.44 -10.38
CA ILE A 219 -22.97 17.04 -10.77
C ILE A 219 -22.09 18.28 -10.76
N LEU A 220 -20.98 18.21 -10.02
CA LEU A 220 -19.98 19.27 -10.00
C LEU A 220 -18.83 18.85 -10.91
N PHE A 221 -18.49 19.70 -11.88
CA PHE A 221 -17.59 19.28 -12.94
C PHE A 221 -16.82 20.46 -13.49
N GLU A 222 -15.73 20.15 -14.21
CA GLU A 222 -14.91 21.11 -14.92
C GLU A 222 -14.99 20.83 -16.42
N PRO A 223 -15.78 21.58 -17.18
CA PRO A 223 -15.75 21.38 -18.64
C PRO A 223 -14.38 21.62 -19.24
N ASN A 224 -13.67 22.64 -18.75
CA ASN A 224 -12.28 22.89 -19.10
C ASN A 224 -11.46 22.83 -17.83
N GLN A 225 -10.49 21.93 -17.78
CA GLN A 225 -9.73 21.70 -16.57
C GLN A 225 -8.54 22.64 -16.48
N THR A 226 -8.17 22.97 -15.24
CA THR A 226 -6.98 23.76 -14.95
C THR A 226 -6.33 23.18 -13.70
N TRP A 227 -5.21 23.75 -13.30
CA TRP A 227 -4.53 23.29 -12.10
C TRP A 227 -3.87 24.50 -11.46
N PRO A 228 -3.59 24.44 -10.15
CA PRO A 228 -2.97 25.59 -9.49
C PRO A 228 -1.58 25.85 -10.05
N GLY A 229 -1.43 26.95 -10.76
CA GLY A 229 -0.23 27.25 -11.52
C GLY A 229 -0.53 27.79 -12.90
N ARG A 230 -1.61 27.36 -13.51
CA ARG A 230 -2.13 27.95 -14.74
C ARG A 230 -3.38 28.78 -14.49
N VAL A 231 -3.63 29.15 -13.23
CA VAL A 231 -4.81 29.92 -12.88
C VAL A 231 -4.77 31.31 -13.51
N ALA A 232 -3.58 31.85 -13.77
CA ALA A 232 -3.49 33.18 -14.37
C ALA A 232 -4.15 33.23 -15.73
N VAL A 233 -4.18 32.10 -16.44
CA VAL A 233 -4.76 32.08 -17.78
C VAL A 233 -6.09 31.34 -17.86
N ARG A 234 -6.47 30.61 -16.82
CA ARG A 234 -7.75 29.86 -16.80
C ARG A 234 -8.24 29.79 -15.36
N GLN A 235 -9.16 30.68 -14.98
CA GLN A 235 -9.54 30.79 -13.58
C GLN A 235 -10.79 29.99 -13.22
N ASP A 236 -11.95 30.37 -13.74
CA ASP A 236 -13.23 29.85 -13.23
C ASP A 236 -13.69 28.71 -14.11
N THR A 237 -13.42 27.49 -13.67
CA THR A 237 -13.53 26.31 -14.52
C THR A 237 -14.61 25.34 -14.06
N CYS A 238 -15.15 25.49 -12.87
CA CYS A 238 -16.09 24.51 -12.33
C CYS A 238 -17.52 24.91 -12.66
N SER A 239 -18.38 23.90 -12.77
CA SER A 239 -19.78 24.10 -13.11
C SER A 239 -20.62 23.07 -12.37
N ILE A 240 -21.90 23.36 -12.22
CA ILE A 240 -22.87 22.41 -11.70
C ILE A 240 -24.04 22.33 -12.67
N VAL A 241 -24.57 21.12 -12.83
CA VAL A 241 -25.85 20.90 -13.49
C VAL A 241 -26.66 19.95 -12.63
N ALA A 242 -27.96 20.16 -12.58
CA ALA A 242 -28.88 19.26 -11.90
C ALA A 242 -29.71 18.58 -12.98
N ILE A 243 -29.50 17.29 -13.15
CA ILE A 243 -30.26 16.51 -14.14
C ILE A 243 -31.40 15.81 -13.42
N SER A 244 -32.61 15.95 -13.97
CA SER A 244 -33.80 15.30 -13.43
C SER A 244 -33.94 13.96 -14.13
N LEU A 245 -33.79 12.88 -13.37
CA LEU A 245 -33.78 11.53 -13.94
C LEU A 245 -35.20 10.98 -13.99
N ASN A 246 -35.71 10.78 -15.20
CA ASN A 246 -36.97 10.08 -15.41
C ASN A 246 -36.67 8.59 -15.50
N ILE A 247 -37.13 7.84 -14.50
CA ILE A 247 -36.81 6.42 -14.42
C ILE A 247 -37.43 5.66 -15.60
N THR A 248 -38.70 5.94 -15.89
CA THR A 248 -39.42 5.16 -16.89
C THR A 248 -39.01 5.55 -18.31
N GLN A 249 -39.21 6.81 -18.69
CA GLN A 249 -38.86 7.25 -20.04
C GLN A 249 -37.36 7.27 -20.29
N LYS A 250 -36.54 7.12 -19.25
CA LYS A 250 -35.09 7.15 -19.37
C LYS A 250 -34.60 8.46 -20.02
N VAL A 251 -35.28 9.56 -19.71
CA VAL A 251 -34.86 10.87 -20.14
C VAL A 251 -34.35 11.62 -18.92
N HIS A 252 -33.44 12.54 -19.16
CA HIS A 252 -32.69 13.21 -18.11
C HIS A 252 -32.27 14.61 -18.52
N PRO A 253 -33.23 15.55 -18.57
CA PRO A 253 -32.90 16.92 -18.96
C PRO A 253 -32.10 17.63 -17.88
N VAL A 254 -31.40 18.68 -18.30
CA VAL A 254 -30.60 19.50 -17.41
C VAL A 254 -31.42 20.69 -16.94
N ILE A 255 -31.46 20.90 -15.64
CA ILE A 255 -32.06 22.09 -15.05
C ILE A 255 -31.03 22.71 -14.10
N TRP A 256 -31.10 24.04 -13.95
CA TRP A 256 -30.29 24.76 -12.97
C TRP A 256 -28.79 24.53 -13.20
N SER A 257 -28.30 25.15 -14.27
CA SER A 257 -26.88 25.16 -14.59
C SER A 257 -26.22 26.41 -14.02
N LEU A 258 -25.04 26.24 -13.42
CA LEU A 258 -24.13 27.33 -13.09
C LEU A 258 -22.77 27.00 -13.69
N THR A 259 -22.03 28.03 -14.13
CA THR A 259 -20.89 27.76 -15.01
C THR A 259 -19.64 28.56 -14.68
N SER A 260 -19.63 29.37 -13.63
CA SER A 260 -18.45 30.16 -13.32
C SER A 260 -17.99 29.95 -11.89
N LEU A 261 -18.01 28.70 -11.45
CA LEU A 261 -17.59 28.36 -10.10
C LEU A 261 -16.06 28.41 -10.00
N PRO A 262 -15.52 28.61 -8.79
CA PRO A 262 -14.06 28.64 -8.63
C PRO A 262 -13.41 27.34 -9.08
N PHE A 263 -12.17 27.45 -9.57
CA PHE A 263 -11.50 26.29 -10.14
C PHE A 263 -11.28 25.18 -9.11
N ASP A 264 -11.01 25.54 -7.87
CA ASP A 264 -10.67 24.55 -6.86
C ASP A 264 -11.90 24.14 -6.04
N CYS A 265 -12.97 23.77 -6.75
CA CYS A 265 -14.15 23.23 -6.09
C CYS A 265 -13.91 21.77 -5.77
N THR A 266 -13.90 21.46 -4.48
CA THR A 266 -13.86 20.11 -3.96
C THR A 266 -15.31 19.63 -3.80
N GLN A 267 -15.53 18.58 -3.01
CA GLN A 267 -16.83 17.93 -2.86
C GLN A 267 -17.97 18.92 -2.71
N ALA A 268 -19.17 18.47 -3.09
CA ALA A 268 -20.41 19.16 -2.83
C ALA A 268 -21.28 18.34 -1.90
N LEU A 269 -22.13 19.00 -1.12
CA LEU A 269 -23.00 18.34 -0.15
C LEU A 269 -24.43 18.85 -0.32
N ALA A 270 -25.37 17.92 -0.36
CA ALA A 270 -26.78 18.26 -0.55
C ALA A 270 -27.40 18.66 0.78
N VAL A 271 -28.00 19.84 0.81
CA VAL A 271 -28.66 20.32 2.03
C VAL A 271 -30.00 19.62 2.20
N PRO A 272 -30.39 19.24 3.43
CA PRO A 272 -31.67 18.54 3.62
C PRO A 272 -32.91 19.33 3.21
N LYS A 273 -34.07 18.67 3.34
CA LYS A 273 -35.29 19.15 2.69
C LYS A 273 -35.72 20.57 3.06
N PRO A 274 -35.72 21.01 4.33
CA PRO A 274 -36.28 22.34 4.63
C PRO A 274 -35.61 23.47 3.86
N ILE A 275 -34.28 23.51 3.87
CA ILE A 275 -33.56 24.55 3.14
C ILE A 275 -33.31 24.12 1.70
N GLY A 276 -32.81 22.90 1.51
CA GLY A 276 -32.55 22.39 0.19
C GLY A 276 -31.34 23.03 -0.45
N GLY A 277 -31.16 22.73 -1.72
CA GLY A 277 -30.00 23.23 -2.44
C GLY A 277 -28.78 22.36 -2.23
N VAL A 278 -27.62 22.99 -2.42
CA VAL A 278 -26.35 22.29 -2.32
C VAL A 278 -25.32 23.25 -1.73
N VAL A 279 -24.41 22.71 -0.92
CA VAL A 279 -23.25 23.43 -0.44
C VAL A 279 -22.04 22.88 -1.16
N VAL A 280 -21.31 23.75 -1.84
CA VAL A 280 -20.15 23.36 -2.62
C VAL A 280 -18.90 23.75 -1.84
N PHE A 281 -18.08 22.77 -1.51
CA PHE A 281 -16.80 23.03 -0.87
C PHE A 281 -15.78 23.38 -1.93
N ALA A 282 -15.13 24.53 -1.77
CA ALA A 282 -13.97 24.86 -2.56
C ALA A 282 -12.77 24.91 -1.62
N VAL A 283 -11.57 24.91 -2.20
CA VAL A 283 -10.36 24.93 -1.38
C VAL A 283 -10.31 26.18 -0.53
N ASN A 284 -10.62 27.33 -1.12
CA ASN A 284 -10.45 28.61 -0.45
C ASN A 284 -11.76 29.36 -0.26
N SER A 285 -12.90 28.75 -0.57
CA SER A 285 -14.17 29.44 -0.50
C SER A 285 -15.28 28.45 -0.22
N LEU A 286 -16.42 28.97 0.22
CA LEU A 286 -17.61 28.19 0.51
C LEU A 286 -18.78 28.78 -0.25
N LEU A 287 -19.52 27.92 -0.95
CA LEU A 287 -20.61 28.35 -1.82
C LEU A 287 -21.89 27.64 -1.42
N TYR A 288 -22.98 28.39 -1.32
CA TYR A 288 -24.32 27.82 -1.22
C TYR A 288 -25.07 28.12 -2.50
N LEU A 289 -25.61 27.09 -3.13
CA LEU A 289 -26.30 27.21 -4.41
C LEU A 289 -27.69 26.63 -4.29
N ASN A 290 -28.67 27.34 -4.86
CA ASN A 290 -30.03 26.86 -4.95
C ASN A 290 -30.57 27.19 -6.33
N GLN A 291 -31.63 26.47 -6.72
CA GLN A 291 -32.15 26.58 -8.09
C GLN A 291 -32.65 27.99 -8.39
N SER A 292 -33.36 28.60 -7.44
CA SER A 292 -33.98 29.91 -7.66
C SER A 292 -33.15 31.06 -7.10
N VAL A 293 -32.62 30.89 -5.89
CA VAL A 293 -31.88 31.97 -5.22
C VAL A 293 -30.59 32.27 -5.99
N PRO A 294 -30.12 33.52 -6.03
CA PRO A 294 -28.79 33.77 -6.57
C PRO A 294 -27.73 33.12 -5.70
N PRO A 295 -26.57 32.80 -6.27
CA PRO A 295 -25.53 32.11 -5.50
C PRO A 295 -25.06 32.94 -4.32
N TYR A 296 -24.81 32.26 -3.20
CA TYR A 296 -24.20 32.86 -2.02
C TYR A 296 -22.86 32.19 -1.77
N GLY A 297 -21.80 32.97 -1.75
CA GLY A 297 -20.48 32.44 -1.53
C GLY A 297 -19.66 33.36 -0.64
N VAL A 298 -18.74 32.75 0.10
CA VAL A 298 -17.86 33.50 0.98
C VAL A 298 -16.42 33.07 0.71
N ALA A 299 -15.48 33.96 1.04
CA ALA A 299 -14.06 33.68 0.92
C ALA A 299 -13.54 33.27 2.29
N LEU A 300 -12.88 32.13 2.35
CA LEU A 300 -12.36 31.59 3.59
C LEU A 300 -10.96 32.09 3.92
N ASN A 301 -10.27 32.70 2.98
CA ASN A 301 -8.93 33.22 3.19
C ASN A 301 -8.59 34.13 2.02
N SER A 302 -7.49 34.88 2.16
CA SER A 302 -7.13 35.88 1.16
C SER A 302 -6.57 35.27 -0.11
N LEU A 303 -6.46 33.95 -0.20
CA LEU A 303 -5.92 33.31 -1.39
C LEU A 303 -6.93 33.27 -2.54
N THR A 304 -8.13 33.81 -2.35
CA THR A 304 -9.14 33.86 -3.39
C THR A 304 -9.01 35.08 -4.30
N THR A 305 -8.12 36.02 -3.99
CA THR A 305 -8.13 37.33 -4.63
C THR A 305 -7.91 37.27 -6.13
N GLY A 306 -6.73 36.84 -6.56
CA GLY A 306 -6.43 36.79 -7.99
C GLY A 306 -6.81 35.50 -8.66
N THR A 307 -7.42 34.57 -7.93
CA THR A 307 -7.67 33.23 -8.44
C THR A 307 -9.14 32.98 -8.77
N THR A 308 -10.05 33.81 -8.26
CA THR A 308 -11.48 33.60 -8.42
C THR A 308 -12.16 34.92 -8.73
N ALA A 309 -12.93 34.95 -9.81
CA ALA A 309 -13.76 36.10 -10.15
C ALA A 309 -15.20 35.93 -9.67
N PHE A 310 -15.52 34.79 -9.06
CA PHE A 310 -16.85 34.59 -8.49
C PHE A 310 -17.09 35.60 -7.37
N PRO A 311 -18.31 36.13 -7.26
CA PRO A 311 -18.57 37.12 -6.20
C PRO A 311 -18.48 36.47 -4.82
N LEU A 312 -17.43 36.81 -4.08
CA LEU A 312 -17.16 36.21 -2.78
C LEU A 312 -17.07 37.30 -1.72
N ARG A 313 -17.70 37.07 -0.59
CA ARG A 313 -17.74 37.99 0.53
C ARG A 313 -16.91 37.43 1.67
N THR A 314 -15.98 38.24 2.19
CA THR A 314 -15.06 37.78 3.21
C THR A 314 -15.82 37.33 4.45
N GLN A 315 -15.73 36.04 4.76
CA GLN A 315 -16.30 35.52 6.00
C GLN A 315 -15.42 35.94 7.17
N GLU A 316 -16.04 36.51 8.19
CA GLU A 316 -15.29 37.15 9.27
C GLU A 316 -14.88 36.14 10.33
N GLY A 317 -13.64 36.24 10.77
CA GLY A 317 -13.16 35.44 11.88
C GLY A 317 -12.71 34.04 11.54
N VAL A 318 -12.69 33.67 10.26
CA VAL A 318 -12.29 32.32 9.85
C VAL A 318 -11.16 32.45 8.83
N ARG A 319 -10.11 31.66 9.02
CA ARG A 319 -8.99 31.57 8.08
C ARG A 319 -8.64 30.10 7.94
N ILE A 320 -9.33 29.41 7.03
CA ILE A 320 -9.24 27.96 6.91
C ILE A 320 -9.20 27.57 5.44
N THR A 321 -9.11 26.26 5.21
CA THR A 321 -9.09 25.65 3.90
C THR A 321 -9.98 24.41 3.93
N LEU A 322 -10.69 24.13 2.84
CA LEU A 322 -11.60 23.01 2.75
C LEU A 322 -11.19 21.99 1.69
N ASP A 323 -9.90 21.92 1.38
CA ASP A 323 -9.46 21.13 0.23
C ASP A 323 -9.68 19.63 0.44
N CYS A 324 -9.31 19.12 1.61
CA CYS A 324 -9.52 17.71 1.96
C CYS A 324 -10.26 17.66 3.28
N ALA A 325 -11.57 17.84 3.23
CA ALA A 325 -12.38 17.98 4.42
C ALA A 325 -13.57 17.05 4.34
N GLN A 326 -13.93 16.47 5.47
CA GLN A 326 -15.12 15.64 5.58
C GLN A 326 -16.20 16.40 6.31
N ALA A 327 -17.40 16.42 5.74
CA ALA A 327 -18.51 17.16 6.33
C ALA A 327 -19.75 16.29 6.32
N THR A 328 -20.57 16.48 7.35
CA THR A 328 -21.87 15.85 7.43
C THR A 328 -22.83 16.81 8.10
N PHE A 329 -24.12 16.65 7.82
CA PHE A 329 -25.15 17.51 8.39
C PHE A 329 -25.62 16.92 9.71
N ILE A 330 -25.52 17.73 10.77
CA ILE A 330 -26.19 17.43 12.02
C ILE A 330 -27.47 18.25 12.05
N SER A 331 -28.61 17.58 12.24
CA SER A 331 -29.94 18.21 12.17
C SER A 331 -30.05 18.87 10.79
N TYR A 332 -30.65 20.04 10.67
CA TYR A 332 -30.60 20.86 9.47
C TYR A 332 -29.81 22.12 9.79
N ASP A 333 -29.51 22.88 8.74
CA ASP A 333 -28.75 24.14 8.70
C ASP A 333 -27.56 24.12 9.64
N LYS A 334 -26.98 22.95 9.88
CA LYS A 334 -25.79 22.80 10.71
C LYS A 334 -24.95 21.66 10.16
N MET A 335 -23.69 21.97 9.88
CA MET A 335 -22.76 21.02 9.27
C MET A 335 -21.53 20.95 10.13
N VAL A 336 -21.09 19.73 10.47
CA VAL A 336 -19.83 19.54 11.16
C VAL A 336 -18.77 19.19 10.12
N ILE A 337 -17.70 19.97 10.08
CA ILE A 337 -16.66 19.83 9.07
C ILE A 337 -15.37 19.45 9.77
N SER A 338 -14.75 18.35 9.33
CA SER A 338 -13.45 17.94 9.81
C SER A 338 -12.42 18.40 8.78
N LEU A 339 -11.64 19.41 9.14
CA LEU A 339 -10.64 19.98 8.24
C LEU A 339 -9.44 19.06 8.12
N LYS A 340 -8.63 19.30 7.09
CA LYS A 340 -7.29 18.73 7.09
C LYS A 340 -6.51 19.31 8.25
N GLY A 341 -5.76 18.46 8.94
CA GLY A 341 -5.16 18.83 10.19
C GLY A 341 -5.99 18.48 11.40
N GLY A 342 -7.25 18.08 11.20
CA GLY A 342 -8.07 17.51 12.24
C GLY A 342 -9.04 18.46 12.91
N GLU A 343 -8.97 19.75 12.61
CA GLU A 343 -9.84 20.72 13.27
C GLU A 343 -11.30 20.50 12.90
N ILE A 344 -12.17 20.66 13.88
CA ILE A 344 -13.61 20.45 13.72
C ILE A 344 -14.30 21.80 13.77
N TYR A 345 -15.10 22.09 12.75
CA TYR A 345 -15.88 23.31 12.67
C TYR A 345 -17.35 22.95 12.56
N VAL A 346 -18.20 23.78 13.17
CA VAL A 346 -19.64 23.68 13.00
C VAL A 346 -20.06 24.85 12.14
N LEU A 347 -20.62 24.56 10.98
CA LEU A 347 -21.08 25.57 10.04
C LEU A 347 -22.59 25.67 10.12
N THR A 348 -23.09 26.88 10.33
CA THR A 348 -24.53 27.13 10.43
C THR A 348 -24.99 27.91 9.21
N LEU A 349 -26.04 27.43 8.56
CA LEU A 349 -26.69 28.16 7.48
C LEU A 349 -27.73 29.09 8.10
N ILE A 350 -27.43 30.39 8.12
CA ILE A 350 -28.34 31.39 8.67
C ILE A 350 -29.34 31.76 7.60
N THR A 351 -30.63 31.61 7.91
CA THR A 351 -31.70 31.81 6.95
C THR A 351 -32.73 32.79 7.50
N ASP A 352 -33.52 33.34 6.59
CA ASP A 352 -34.66 34.16 6.97
C ASP A 352 -35.85 33.26 7.29
N GLY A 353 -37.04 33.86 7.43
CA GLY A 353 -38.22 33.07 7.72
C GLY A 353 -38.65 32.15 6.60
N MET A 354 -38.35 32.51 5.35
CA MET A 354 -38.73 31.70 4.20
C MET A 354 -37.61 30.77 3.74
N ARG A 355 -36.55 30.62 4.54
CA ARG A 355 -35.54 29.57 4.42
C ARG A 355 -34.53 29.82 3.30
N SER A 356 -34.18 31.08 3.06
CA SER A 356 -33.11 31.40 2.11
C SER A 356 -31.82 31.68 2.87
N VAL A 357 -30.74 31.03 2.46
CA VAL A 357 -29.46 31.18 3.15
C VAL A 357 -28.90 32.56 2.85
N ARG A 358 -28.67 33.34 3.91
CA ARG A 358 -28.15 34.69 3.78
C ARG A 358 -26.79 34.88 4.41
N ALA A 359 -26.34 33.95 5.26
CA ALA A 359 -25.04 34.08 5.90
C ALA A 359 -24.57 32.70 6.33
N PHE A 360 -23.27 32.62 6.59
CA PHE A 360 -22.64 31.44 7.18
C PHE A 360 -22.10 31.80 8.55
N HIS A 361 -22.21 30.88 9.50
CA HIS A 361 -21.58 31.03 10.80
C HIS A 361 -20.59 29.89 11.00
N PHE A 362 -19.36 30.24 11.35
CA PHE A 362 -18.30 29.27 11.57
C PHE A 362 -17.92 29.28 13.05
N ASP A 363 -17.96 28.10 13.66
CA ASP A 363 -17.55 27.93 15.05
C ASP A 363 -16.49 26.83 15.11
N LYS A 364 -15.33 27.15 15.66
CA LYS A 364 -14.24 26.20 15.77
C LYS A 364 -14.37 25.45 17.08
N ALA A 365 -14.78 24.19 17.00
CA ALA A 365 -14.82 23.31 18.16
C ALA A 365 -13.48 22.59 18.30
N ALA A 366 -13.43 21.56 19.13
CA ALA A 366 -12.17 20.89 19.44
C ALA A 366 -11.61 20.18 18.20
N ALA A 367 -10.29 20.13 18.12
CA ALA A 367 -9.61 19.38 17.08
C ALA A 367 -9.72 17.88 17.37
N SER A 368 -9.50 17.08 16.33
CA SER A 368 -9.66 15.64 16.46
C SER A 368 -8.81 14.94 15.39
N VAL A 369 -9.12 13.66 15.17
CA VAL A 369 -8.31 12.82 14.30
C VAL A 369 -8.42 13.26 12.84
N LEU A 370 -7.40 12.93 12.05
CA LEU A 370 -7.48 13.09 10.61
C LEU A 370 -8.46 12.07 10.03
N THR A 371 -9.51 12.56 9.39
CA THR A 371 -10.63 11.73 9.00
C THR A 371 -10.65 11.47 7.51
N THR A 372 -11.18 10.30 7.13
CA THR A 372 -11.54 9.99 5.76
C THR A 372 -13.03 9.95 5.52
N SER A 373 -13.83 9.85 6.58
CA SER A 373 -15.28 9.82 6.46
C SER A 373 -15.89 10.27 7.77
N MET A 374 -17.15 10.68 7.70
CA MET A 374 -17.89 11.13 8.87
C MET A 374 -19.36 10.76 8.69
N VAL A 375 -20.01 10.39 9.79
CA VAL A 375 -21.42 10.06 9.77
C VAL A 375 -22.02 10.38 11.12
N THR A 376 -23.29 10.72 11.11
CA THR A 376 -24.03 11.04 12.34
C THR A 376 -24.77 9.80 12.81
N MET A 377 -24.48 9.37 14.02
CA MET A 377 -25.22 8.33 14.72
C MET A 377 -26.46 8.98 15.35
N GLU A 378 -27.07 8.32 16.34
CA GLU A 378 -28.16 8.89 17.11
C GLU A 378 -27.80 10.32 17.52
N PRO A 379 -28.79 11.21 17.67
CA PRO A 379 -28.47 12.63 17.90
C PRO A 379 -27.55 12.83 19.09
N GLY A 380 -26.56 13.69 18.92
CA GLY A 380 -25.52 13.88 19.89
C GLY A 380 -24.28 13.05 19.67
N TYR A 381 -24.27 12.15 18.68
CA TYR A 381 -23.14 11.26 18.46
C TYR A 381 -22.65 11.40 17.03
N LEU A 382 -21.33 11.45 16.88
CA LEU A 382 -20.66 11.63 15.61
C LEU A 382 -19.48 10.68 15.53
N PHE A 383 -19.41 9.91 14.45
CA PHE A 383 -18.30 8.98 14.25
C PHE A 383 -17.33 9.56 13.23
N LEU A 384 -16.06 9.57 13.58
CA LEU A 384 -14.99 10.05 12.71
C LEU A 384 -14.19 8.85 12.23
N GLY A 385 -14.48 8.38 11.02
CA GLY A 385 -13.72 7.30 10.44
C GLY A 385 -12.36 7.80 9.99
N SER A 386 -11.32 7.03 10.28
CA SER A 386 -9.96 7.47 10.05
C SER A 386 -9.13 6.35 9.44
N ARG A 387 -8.44 6.66 8.34
CA ARG A 387 -7.40 5.80 7.82
C ARG A 387 -6.04 6.16 8.41
N LEU A 388 -5.86 7.41 8.82
CA LEU A 388 -4.67 7.89 9.51
C LEU A 388 -5.05 8.11 10.97
N GLY A 389 -4.50 7.29 11.86
CA GLY A 389 -4.85 7.39 13.26
C GLY A 389 -6.12 6.63 13.59
N ASN A 390 -6.43 6.59 14.88
CA ASN A 390 -7.55 5.80 15.37
C ASN A 390 -8.88 6.47 15.01
N SER A 391 -9.80 5.70 14.44
CA SER A 391 -11.16 6.17 14.28
C SER A 391 -11.81 6.31 15.65
N LEU A 392 -12.46 7.44 15.89
CA LEU A 392 -12.99 7.73 17.21
C LEU A 392 -14.43 8.21 17.12
N LEU A 393 -15.21 7.86 18.13
CA LEU A 393 -16.60 8.26 18.25
C LEU A 393 -16.70 9.47 19.17
N LEU A 394 -17.36 10.51 18.69
CA LEU A 394 -17.50 11.76 19.43
C LEU A 394 -18.92 11.95 19.92
N LYS A 395 -19.05 12.69 21.01
CA LYS A 395 -20.34 13.11 21.53
C LYS A 395 -20.34 14.63 21.62
N TYR A 396 -21.29 15.26 20.94
CA TYR A 396 -21.39 16.71 20.93
C TYR A 396 -22.65 17.13 21.68
N THR A 397 -22.52 18.18 22.49
CA THR A 397 -23.63 18.75 23.22
C THR A 397 -23.63 20.26 23.03
N GLU A 398 -24.82 20.83 22.97
CA GLU A 398 -24.95 22.28 22.87
C GLU A 398 -24.48 22.94 24.17
N LYS A 399 -23.67 23.97 24.03
CA LYS A 399 -23.13 24.68 25.18
C LYS A 399 -24.16 25.64 25.75
N LEU A 400 -24.00 25.98 27.02
CA LEU A 400 -24.92 26.88 27.70
C LEU A 400 -24.33 28.28 27.86
N ALA A 459 -26.60 26.64 19.51
CA ALA A 459 -25.68 27.45 18.69
C ALA A 459 -24.31 26.79 18.62
N THR A 460 -23.55 26.89 19.71
CA THR A 460 -22.23 26.27 19.76
C THR A 460 -22.29 24.90 20.39
N TYR A 461 -21.27 24.09 20.11
CA TYR A 461 -21.22 22.71 20.56
C TYR A 461 -19.84 22.41 21.11
N SER A 462 -19.78 21.44 22.02
CA SER A 462 -18.54 20.93 22.56
C SER A 462 -18.46 19.45 22.26
N PHE A 463 -17.29 18.98 21.83
CA PHE A 463 -17.08 17.61 21.40
C PHE A 463 -16.17 16.89 22.38
N GLU A 464 -16.52 15.65 22.72
CA GLU A 464 -15.71 14.82 23.59
C GLU A 464 -15.58 13.42 22.99
N VAL A 465 -14.46 12.78 23.24
CA VAL A 465 -14.17 11.45 22.71
C VAL A 465 -14.80 10.42 23.65
N CYS A 466 -15.66 9.57 23.10
CA CYS A 466 -16.28 8.50 23.87
C CYS A 466 -15.61 7.16 23.64
N ASP A 467 -15.16 6.89 22.42
CA ASP A 467 -14.55 5.61 22.08
C ASP A 467 -13.62 5.82 20.91
N SER A 468 -12.71 4.88 20.73
CA SER A 468 -11.77 4.91 19.61
C SER A 468 -11.54 3.49 19.11
N ILE A 469 -11.51 3.34 17.80
CA ILE A 469 -11.21 2.07 17.15
C ILE A 469 -9.74 2.10 16.76
N LEU A 470 -8.97 1.13 17.23
CA LEU A 470 -7.54 1.12 17.01
C LEU A 470 -7.22 0.98 15.53
N ASN A 471 -6.30 1.81 15.05
CA ASN A 471 -5.85 1.79 13.67
C ASN A 471 -4.33 1.78 13.65
N ILE A 472 -3.75 0.67 13.21
CA ILE A 472 -2.36 0.64 12.79
C ILE A 472 -2.34 1.39 11.46
N GLY A 473 -1.84 2.61 11.46
CA GLY A 473 -1.99 3.50 10.32
C GLY A 473 -1.26 3.00 9.11
N PRO A 474 -1.13 3.84 8.08
CA PRO A 474 -0.30 3.49 6.94
C PRO A 474 1.10 3.12 7.40
N CYS A 475 1.45 1.84 7.26
CA CYS A 475 2.72 1.33 7.75
C CYS A 475 3.83 1.75 6.79
N ALA A 476 4.36 2.95 7.04
CA ALA A 476 5.41 3.49 6.18
C ALA A 476 6.66 2.63 6.25
N ASN A 477 7.06 2.22 7.45
CA ASN A 477 8.30 1.50 7.65
C ASN A 477 8.10 0.58 8.85
N ALA A 478 8.90 -0.49 8.87
CA ALA A 478 8.82 -1.45 9.98
C ALA A 478 10.22 -1.90 10.33
N ALA A 479 10.44 -2.09 11.62
CA ALA A 479 11.71 -2.56 12.13
C ALA A 479 11.49 -3.76 13.04
N VAL A 480 12.28 -4.79 12.83
CA VAL A 480 12.26 -5.96 13.69
C VAL A 480 13.31 -5.78 14.78
N GLY A 481 12.91 -6.10 16.01
CA GLY A 481 13.82 -6.03 17.14
C GLY A 481 13.38 -7.01 18.20
N GLU A 482 14.22 -7.18 19.19
CA GLU A 482 13.82 -8.12 20.23
C GLU A 482 13.23 -7.39 21.42
N PRO A 483 12.17 -7.91 22.03
CA PRO A 483 11.63 -7.27 23.24
C PRO A 483 12.62 -7.35 24.38
N ALA A 484 12.58 -6.34 25.25
CA ALA A 484 13.56 -6.21 26.32
C ALA A 484 13.23 -7.07 27.53
N PHE A 485 11.97 -7.45 27.71
CA PHE A 485 11.50 -8.03 28.97
C PHE A 485 11.12 -9.50 28.85
N LEU A 486 11.89 -10.30 28.14
CA LEU A 486 11.65 -11.75 28.14
C LEU A 486 12.09 -12.35 29.47
N SER A 487 11.21 -13.16 30.07
CA SER A 487 11.53 -13.74 31.37
C SER A 487 12.66 -14.76 31.25
N GLU A 488 13.36 -14.96 32.37
CA GLU A 488 14.58 -15.76 32.34
C GLU A 488 14.30 -17.22 31.99
N GLU A 489 13.06 -17.67 32.21
CA GLU A 489 12.72 -19.07 31.92
C GLU A 489 12.65 -19.37 30.43
N PHE A 490 12.50 -18.35 29.58
CA PHE A 490 12.38 -18.55 28.14
C PHE A 490 13.62 -18.10 27.39
N GLN A 491 14.74 -17.89 28.10
CA GLN A 491 15.95 -17.40 27.45
C GLN A 491 16.61 -18.47 26.59
N ASN A 492 16.44 -19.74 26.94
CA ASN A 492 17.06 -20.84 26.22
C ASN A 492 16.19 -21.38 25.09
N SER A 493 15.10 -20.69 24.77
CA SER A 493 14.25 -21.13 23.67
C SER A 493 15.02 -21.05 22.36
N PRO A 494 14.87 -22.04 21.48
CA PRO A 494 15.69 -22.03 20.25
C PRO A 494 15.20 -21.03 19.22
N GLU A 495 13.90 -20.80 19.12
CA GLU A 495 13.39 -19.80 18.19
C GLU A 495 13.64 -18.40 18.73
N PRO A 496 14.01 -17.46 17.87
CA PRO A 496 14.32 -16.11 18.34
C PRO A 496 13.08 -15.40 18.88
N ASP A 497 13.29 -14.61 19.92
CA ASP A 497 12.24 -13.81 20.54
C ASP A 497 12.35 -12.39 20.01
N LEU A 498 11.36 -11.98 19.23
CA LEU A 498 11.49 -10.75 18.47
C LEU A 498 10.11 -10.19 18.12
N GLU A 499 10.07 -8.87 17.90
CA GLU A 499 8.82 -8.13 17.71
C GLU A 499 8.97 -7.20 16.52
N ILE A 500 7.90 -6.47 16.22
CA ILE A 500 7.84 -5.56 15.08
C ILE A 500 7.49 -4.17 15.60
N VAL A 501 8.25 -3.17 15.17
CA VAL A 501 7.95 -1.77 15.45
C VAL A 501 7.65 -1.10 14.12
N VAL A 502 6.47 -0.48 14.04
CA VAL A 502 5.92 0.02 12.79
C VAL A 502 5.72 1.53 12.90
N CYS A 503 6.17 2.26 11.88
CA CYS A 503 5.85 3.68 11.73
C CYS A 503 4.43 3.79 11.19
N SER A 504 3.49 4.25 12.02
CA SER A 504 2.08 4.25 11.68
C SER A 504 1.50 5.64 11.81
N GLY A 505 0.32 5.83 11.22
CA GLY A 505 -0.36 7.11 11.26
C GLY A 505 0.27 8.14 10.34
N HIS A 506 -0.13 9.39 10.56
CA HIS A 506 0.47 10.51 9.86
C HIS A 506 0.17 11.80 10.61
N GLY A 507 1.13 12.71 10.58
CA GLY A 507 0.92 14.04 11.14
C GLY A 507 0.68 14.00 12.64
N LYS A 508 -0.37 14.69 13.07
CA LYS A 508 -0.71 14.71 14.49
C LYS A 508 -1.05 13.34 15.03
N ASN A 509 -1.46 12.41 14.16
CA ASN A 509 -1.76 11.04 14.54
C ASN A 509 -0.60 10.10 14.28
N GLY A 510 0.56 10.62 13.90
CA GLY A 510 1.71 9.75 13.72
C GLY A 510 2.09 9.06 15.01
N ALA A 511 2.47 7.79 14.90
CA ALA A 511 2.71 6.98 16.07
C ALA A 511 3.66 5.84 15.72
N LEU A 512 4.14 5.17 16.76
CA LEU A 512 4.86 3.92 16.63
C LEU A 512 4.00 2.81 17.20
N SER A 513 3.87 1.73 16.44
CA SER A 513 3.11 0.56 16.89
C SER A 513 4.09 -0.58 17.16
N VAL A 514 4.04 -1.12 18.36
CA VAL A 514 4.85 -2.28 18.74
C VAL A 514 3.95 -3.50 18.62
N LEU A 515 4.29 -4.39 17.70
CA LEU A 515 3.45 -5.52 17.35
C LEU A 515 4.12 -6.83 17.76
N GLN A 516 3.42 -7.62 18.56
CA GLN A 516 3.80 -8.98 18.88
C GLN A 516 2.63 -9.88 18.54
N LYS A 517 2.89 -10.96 17.80
CA LYS A 517 1.81 -11.85 17.43
C LYS A 517 1.37 -12.71 18.60
N SER A 518 2.31 -13.22 19.38
CA SER A 518 2.04 -14.20 20.43
C SER A 518 2.14 -13.55 21.80
N ILE A 519 1.50 -14.20 22.77
CA ILE A 519 1.54 -13.73 24.16
C ILE A 519 2.70 -14.41 24.87
N ARG A 520 3.48 -13.60 25.59
CA ARG A 520 4.65 -14.09 26.33
C ARG A 520 4.43 -13.87 27.82
N PRO A 521 4.27 -14.93 28.61
CA PRO A 521 4.00 -14.74 30.04
C PRO A 521 5.20 -14.14 30.76
N GLN A 522 4.89 -13.37 31.80
CA GLN A 522 5.90 -12.88 32.74
C GLN A 522 5.87 -13.80 33.96
N VAL A 523 6.82 -14.72 34.02
CA VAL A 523 6.83 -15.73 35.07
C VAL A 523 7.27 -15.09 36.38
N VAL A 524 6.41 -15.20 37.40
CA VAL A 524 6.78 -14.73 38.73
C VAL A 524 7.68 -15.74 39.42
N THR A 525 7.24 -16.99 39.51
CA THR A 525 8.06 -18.06 40.06
C THR A 525 7.61 -19.38 39.45
N THR A 526 8.49 -20.37 39.52
CA THR A 526 8.26 -21.68 38.93
C THR A 526 8.34 -22.74 40.02
N PHE A 527 7.38 -23.66 40.02
CA PHE A 527 7.36 -24.79 40.95
C PHE A 527 7.57 -26.09 40.17
N GLU A 528 8.52 -26.89 40.62
CA GLU A 528 8.80 -28.19 40.01
C GLU A 528 7.87 -29.21 40.65
N LEU A 529 6.73 -29.44 40.02
CA LEU A 529 5.73 -30.36 40.54
C LEU A 529 5.46 -31.48 39.55
N PRO A 530 6.10 -32.64 39.68
CA PRO A 530 5.83 -33.75 38.77
C PRO A 530 4.66 -34.60 39.24
N GLY A 531 4.14 -35.37 38.30
CA GLY A 531 3.03 -36.27 38.57
C GLY A 531 1.65 -35.67 38.45
N CYS A 532 1.43 -34.52 39.08
CA CYS A 532 0.15 -33.83 38.98
C CYS A 532 -0.05 -33.31 37.56
N TYR A 533 -1.26 -33.51 37.04
CA TYR A 533 -1.58 -33.18 35.66
C TYR A 533 -2.66 -32.11 35.50
N ASP A 534 -3.63 -32.04 36.40
CA ASP A 534 -4.71 -31.07 36.30
C ASP A 534 -4.73 -30.18 37.54
N MET A 535 -5.16 -28.93 37.36
CA MET A 535 -5.21 -27.95 38.44
C MET A 535 -6.59 -27.33 38.50
N TRP A 536 -6.91 -26.76 39.67
CA TRP A 536 -8.09 -25.93 39.85
C TRP A 536 -7.77 -24.88 40.90
N THR A 537 -8.13 -23.62 40.61
CA THR A 537 -7.98 -22.53 41.55
C THR A 537 -9.36 -22.07 41.99
N VAL A 538 -9.57 -22.01 43.31
CA VAL A 538 -10.85 -21.62 43.86
C VAL A 538 -10.66 -20.42 44.77
N ILE A 539 -11.71 -19.61 44.87
CA ILE A 539 -11.70 -18.41 45.70
C ILE A 539 -12.22 -18.79 47.08
N ALA A 540 -11.49 -18.39 48.11
CA ALA A 540 -11.87 -18.67 49.49
C ALA A 540 -11.94 -17.37 50.28
N PRO A 541 -12.82 -17.30 51.29
CA PRO A 541 -12.93 -16.11 52.14
C PRO A 541 -11.74 -15.96 53.09
N ARG A 570 -11.15 -10.50 45.81
CA ARG A 570 -11.55 -11.89 45.59
C ARG A 570 -10.36 -12.73 45.14
N ARG A 571 -9.31 -12.74 45.97
CA ARG A 571 -8.12 -13.51 45.66
C ARG A 571 -8.41 -15.02 45.74
N HIS A 572 -7.62 -15.79 45.00
CA HIS A 572 -7.73 -17.24 45.03
C HIS A 572 -7.04 -17.77 46.27
N GLY A 573 -7.77 -18.53 47.07
CA GLY A 573 -7.24 -19.01 48.34
C GLY A 573 -6.59 -20.37 48.26
N PHE A 574 -7.14 -21.25 47.42
CA PHE A 574 -6.67 -22.62 47.34
C PHE A 574 -6.29 -22.97 45.91
N LEU A 575 -5.25 -23.78 45.76
CA LEU A 575 -4.86 -24.36 44.50
C LEU A 575 -4.90 -25.88 44.67
N ILE A 576 -5.69 -26.55 43.85
CA ILE A 576 -5.98 -27.97 43.99
C ILE A 576 -5.34 -28.73 42.84
N LEU A 577 -4.53 -29.72 43.17
CA LEU A 577 -3.79 -30.49 42.19
C LEU A 577 -4.28 -31.93 42.21
N SER A 578 -4.37 -32.53 41.03
CA SER A 578 -4.78 -33.92 40.89
C SER A 578 -3.59 -34.72 40.35
N ARG A 579 -3.15 -35.71 41.12
CA ARG A 579 -2.13 -36.64 40.67
C ARG A 579 -2.78 -37.93 40.20
N GLU A 580 -1.95 -38.92 39.86
CA GLU A 580 -2.47 -40.19 39.36
C GLU A 580 -3.31 -40.89 40.42
N ASP A 581 -2.86 -40.88 41.68
CA ASP A 581 -3.59 -41.54 42.76
C ASP A 581 -3.68 -40.69 44.02
N SER A 582 -3.44 -39.39 43.93
CA SER A 582 -3.49 -38.53 45.10
C SER A 582 -3.87 -37.11 44.68
N THR A 583 -4.26 -36.30 45.66
CA THR A 583 -4.65 -34.92 45.44
C THR A 583 -3.80 -34.02 46.33
N MET A 584 -3.20 -33.00 45.72
CA MET A 584 -2.34 -32.05 46.42
C MET A 584 -3.07 -30.73 46.57
N ILE A 585 -3.07 -30.19 47.78
CA ILE A 585 -3.75 -28.94 48.09
C ILE A 585 -2.70 -27.91 48.48
N LEU A 586 -2.71 -26.77 47.79
CA LEU A 586 -1.82 -25.65 48.09
C LEU A 586 -2.66 -24.46 48.54
N GLN A 587 -2.33 -23.90 49.70
CA GLN A 587 -3.02 -22.73 50.23
C GLN A 587 -2.32 -21.48 49.72
N THR A 588 -2.92 -20.83 48.74
CA THR A 588 -2.32 -19.65 48.14
C THR A 588 -2.71 -18.39 48.91
N GLY A 589 -1.72 -17.52 49.12
CA GLY A 589 -1.90 -16.31 49.89
C GLY A 589 -0.63 -15.49 49.89
N GLN A 590 -0.22 -15.03 51.07
CA GLN A 590 1.09 -14.36 51.17
C GLN A 590 2.21 -15.31 50.80
N GLU A 591 2.12 -16.57 51.25
CA GLU A 591 3.01 -17.62 50.82
C GLU A 591 2.19 -18.82 50.38
N ILE A 592 2.66 -19.51 49.36
CA ILE A 592 1.98 -20.68 48.82
C ILE A 592 2.57 -21.91 49.50
N MET A 593 1.77 -22.58 50.32
CA MET A 593 2.22 -23.73 51.08
C MET A 593 1.21 -24.86 50.97
N GLU A 594 1.73 -26.08 50.97
CA GLU A 594 0.89 -27.28 50.90
C GLU A 594 0.17 -27.50 52.22
N LEU A 595 -1.10 -27.87 52.14
CA LEU A 595 -1.90 -28.19 53.32
C LEU A 595 -2.02 -29.70 53.47
N ASP A 596 -1.47 -30.22 54.56
CA ASP A 596 -1.67 -31.62 54.93
C ASP A 596 -2.87 -31.81 55.84
N THR A 597 -3.54 -30.72 56.24
CA THR A 597 -4.72 -30.82 57.07
C THR A 597 -5.88 -31.41 56.29
N SER A 598 -6.90 -31.86 57.02
CA SER A 598 -8.05 -32.53 56.42
C SER A 598 -8.94 -31.52 55.69
N GLY A 599 -10.07 -32.01 55.19
CA GLY A 599 -11.06 -31.20 54.54
C GLY A 599 -11.20 -31.51 53.07
N PHE A 600 -10.07 -31.68 52.38
CA PHE A 600 -10.04 -32.02 50.97
C PHE A 600 -9.67 -33.48 50.79
N ALA A 601 -10.34 -34.13 49.86
CA ALA A 601 -10.12 -35.56 49.61
C ALA A 601 -8.81 -35.73 48.88
N THR A 602 -7.72 -35.83 49.64
CA THR A 602 -6.39 -36.04 49.10
C THR A 602 -6.09 -37.51 48.84
N GLN A 603 -7.02 -38.40 49.18
CA GLN A 603 -6.76 -39.83 49.05
C GLN A 603 -6.58 -40.25 47.60
N GLY A 604 -7.41 -39.70 46.70
CA GLY A 604 -7.35 -40.06 45.30
C GLY A 604 -7.43 -38.85 44.40
N PRO A 605 -7.46 -39.08 43.10
CA PRO A 605 -7.55 -37.97 42.15
C PRO A 605 -8.90 -37.27 42.23
N THR A 606 -8.91 -36.00 41.84
CA THR A 606 -10.13 -35.20 41.80
C THR A 606 -10.53 -34.98 40.34
N VAL A 607 -11.81 -35.23 40.04
CA VAL A 607 -12.31 -35.00 38.69
C VAL A 607 -12.41 -33.51 38.41
N PHE A 608 -12.94 -32.74 39.36
CA PHE A 608 -13.15 -31.31 39.17
C PHE A 608 -13.22 -30.64 40.53
N ALA A 609 -12.81 -29.37 40.57
CA ALA A 609 -12.92 -28.56 41.77
C ALA A 609 -13.23 -27.13 41.36
N GLY A 610 -14.21 -26.52 42.02
CA GLY A 610 -14.60 -25.17 41.68
C GLY A 610 -15.35 -24.51 42.81
N ASN A 611 -15.87 -23.33 42.52
CA ASN A 611 -16.64 -22.55 43.49
C ASN A 611 -18.13 -22.71 43.20
N ILE A 612 -18.88 -23.10 44.21
CA ILE A 612 -20.32 -23.29 44.09
C ILE A 612 -21.01 -22.17 44.84
N GLY A 613 -22.22 -21.81 44.39
CA GLY A 613 -22.93 -20.70 44.97
C GLY A 613 -22.43 -19.36 44.46
N ASP A 614 -21.97 -18.51 45.36
CA ASP A 614 -21.42 -17.20 45.04
C ASP A 614 -20.04 -17.05 45.64
N ASN A 615 -19.20 -18.06 45.42
CA ASN A 615 -17.84 -18.22 45.97
C ASN A 615 -17.86 -18.48 47.47
N ARG A 616 -19.02 -18.58 48.09
CA ARG A 616 -19.08 -18.88 49.52
C ARG A 616 -18.55 -20.28 49.81
N TYR A 617 -18.88 -21.24 48.98
CA TYR A 617 -18.51 -22.63 49.18
C TYR A 617 -17.53 -23.09 48.10
N ILE A 618 -16.89 -24.22 48.36
CA ILE A 618 -16.01 -24.89 47.41
C ILE A 618 -16.59 -26.27 47.14
N VAL A 619 -16.67 -26.64 45.86
CA VAL A 619 -17.20 -27.92 45.44
C VAL A 619 -16.04 -28.77 44.92
N GLN A 620 -15.97 -30.01 45.41
CA GLN A 620 -14.91 -30.94 45.03
C GLN A 620 -15.54 -32.28 44.67
N VAL A 621 -15.21 -32.80 43.50
CA VAL A 621 -15.77 -34.06 43.02
C VAL A 621 -14.63 -35.02 42.73
N SER A 622 -14.81 -36.26 43.16
CA SER A 622 -13.89 -37.36 42.98
C SER A 622 -14.65 -38.51 42.31
N PRO A 623 -13.94 -39.53 41.82
CA PRO A 623 -14.66 -40.69 41.26
C PRO A 623 -15.62 -41.34 42.24
N LEU A 624 -15.32 -41.28 43.54
CA LEU A 624 -16.18 -41.90 44.54
C LEU A 624 -17.44 -41.08 44.79
N GLY A 625 -17.32 -39.75 44.83
CA GLY A 625 -18.47 -38.94 45.19
C GLY A 625 -18.19 -37.46 45.04
N ILE A 626 -19.13 -36.67 45.57
CA ILE A 626 -19.11 -35.22 45.46
C ILE A 626 -19.04 -34.62 46.85
N ARG A 627 -18.14 -33.65 47.04
CA ARG A 627 -17.83 -33.11 48.36
C ARG A 627 -18.06 -31.60 48.36
N LEU A 628 -18.64 -31.11 49.46
CA LEU A 628 -18.92 -29.68 49.63
C LEU A 628 -18.06 -29.12 50.74
N LEU A 629 -17.43 -27.97 50.48
CA LEU A 629 -16.44 -27.38 51.37
C LEU A 629 -16.82 -25.97 51.74
N GLU A 630 -16.66 -25.62 53.01
CA GLU A 630 -16.74 -24.24 53.47
C GLU A 630 -15.40 -23.51 53.36
N GLY A 631 -14.34 -24.23 53.00
CA GLY A 631 -12.99 -23.70 53.04
C GLY A 631 -12.03 -24.82 53.37
N VAL A 632 -11.26 -24.65 54.44
CA VAL A 632 -10.46 -25.77 54.94
C VAL A 632 -11.35 -26.88 55.46
N ASN A 633 -12.49 -26.51 56.05
CA ASN A 633 -13.40 -27.47 56.66
C ASN A 633 -14.42 -27.96 55.64
N GLN A 634 -14.79 -29.24 55.77
CA GLN A 634 -15.75 -29.88 54.89
C GLN A 634 -17.13 -29.76 55.52
N LEU A 635 -18.10 -29.30 54.73
CA LEU A 635 -19.46 -29.20 55.22
C LEU A 635 -20.15 -30.57 55.20
N HIS A 636 -20.26 -31.17 54.02
CA HIS A 636 -20.77 -32.53 53.92
C HIS A 636 -20.29 -33.15 52.62
N PHE A 637 -20.35 -34.48 52.55
CA PHE A 637 -19.87 -35.25 51.42
C PHE A 637 -20.96 -36.22 50.98
N ILE A 638 -21.17 -36.32 49.68
CA ILE A 638 -22.21 -37.16 49.10
C ILE A 638 -21.53 -38.21 48.22
N PRO A 639 -21.66 -39.50 48.52
CA PRO A 639 -21.09 -40.51 47.63
C PRO A 639 -21.98 -40.75 46.42
N VAL A 640 -21.34 -41.02 45.28
CA VAL A 640 -22.06 -41.25 44.04
C VAL A 640 -21.19 -42.05 43.08
N ALA A 644 -20.59 -46.58 37.43
CA ALA A 644 -19.42 -46.15 36.70
C ALA A 644 -18.77 -44.95 37.36
N PRO A 645 -17.44 -44.87 37.30
CA PRO A 645 -16.74 -43.74 37.91
C PRO A 645 -17.04 -42.42 37.21
N ILE A 646 -16.99 -41.34 37.98
CA ILE A 646 -17.19 -40.01 37.42
C ILE A 646 -16.00 -39.64 36.56
N VAL A 647 -16.26 -39.19 35.34
CA VAL A 647 -15.21 -38.81 34.42
C VAL A 647 -15.18 -37.31 34.14
N GLN A 648 -16.34 -36.65 34.10
CA GLN A 648 -16.38 -35.23 33.78
C GLN A 648 -17.50 -34.59 34.60
N CYS A 649 -17.21 -33.40 35.14
CA CYS A 649 -18.17 -32.66 35.95
C CYS A 649 -18.31 -31.25 35.42
N ALA A 650 -19.55 -30.76 35.41
CA ALA A 650 -19.86 -29.40 34.98
C ALA A 650 -20.55 -28.68 36.12
N VAL A 651 -20.00 -27.52 36.50
CA VAL A 651 -20.54 -26.72 37.60
C VAL A 651 -20.85 -25.33 37.07
N ALA A 652 -22.08 -24.88 37.31
CA ALA A 652 -22.48 -23.51 36.98
C ALA A 652 -23.63 -23.12 37.89
N ASP A 653 -23.39 -22.10 38.73
CA ASP A 653 -24.43 -21.54 39.60
C ASP A 653 -24.81 -22.62 40.61
N PRO A 654 -26.02 -22.65 41.22
CA PRO A 654 -26.27 -23.73 42.18
C PRO A 654 -26.48 -25.09 41.55
N TYR A 655 -26.13 -25.25 40.28
CA TYR A 655 -26.33 -26.50 39.56
C TYR A 655 -25.00 -27.21 39.37
N VAL A 656 -24.96 -28.48 39.75
CA VAL A 656 -23.80 -29.34 39.56
C VAL A 656 -24.25 -30.56 38.77
N VAL A 657 -23.59 -30.82 37.65
CA VAL A 657 -23.89 -31.97 36.80
C VAL A 657 -22.63 -32.80 36.65
N ILE A 658 -22.73 -34.09 36.95
CA ILE A 658 -21.61 -35.02 36.84
C ILE A 658 -22.01 -36.12 35.87
N MET A 659 -21.03 -36.63 35.12
CA MET A 659 -21.26 -37.69 34.15
C MET A 659 -20.31 -38.85 34.43
N SER A 660 -20.85 -40.06 34.42
CA SER A 660 -20.05 -41.26 34.64
C SER A 660 -19.40 -41.69 33.32
N ALA A 661 -18.64 -42.78 33.35
CA ALA A 661 -17.94 -43.22 32.16
C ALA A 661 -18.88 -43.79 31.11
N GLU A 662 -20.02 -44.34 31.53
CA GLU A 662 -21.00 -44.90 30.61
C GLU A 662 -22.09 -43.91 30.21
N GLY A 663 -21.94 -42.64 30.56
CA GLY A 663 -22.88 -41.62 30.15
C GLY A 663 -24.02 -41.35 31.11
N HIS A 664 -24.00 -41.92 32.31
CA HIS A 664 -25.03 -41.65 33.30
C HIS A 664 -24.87 -40.22 33.80
N VAL A 665 -25.98 -39.49 33.85
CA VAL A 665 -25.98 -38.07 34.21
C VAL A 665 -26.89 -37.88 35.42
N THR A 666 -26.36 -37.25 36.46
CA THR A 666 -27.16 -36.81 37.59
C THR A 666 -26.76 -35.38 37.94
N MET A 667 -27.71 -34.64 38.52
CA MET A 667 -27.55 -33.22 38.77
C MET A 667 -27.70 -32.94 40.26
N PHE A 668 -26.92 -31.99 40.75
CA PHE A 668 -26.96 -31.57 42.15
C PHE A 668 -27.31 -30.09 42.25
N LEU A 669 -27.98 -29.74 43.34
CA LEU A 669 -28.53 -28.40 43.51
C LEU A 669 -28.29 -27.94 44.94
N LEU A 670 -27.88 -26.68 45.10
CA LEU A 670 -27.76 -26.09 46.43
C LEU A 670 -29.13 -25.66 46.95
N LYS A 671 -29.56 -26.29 48.03
CA LYS A 671 -30.76 -25.89 48.75
C LYS A 671 -30.32 -25.37 50.12
N SER A 672 -30.75 -24.17 50.47
CA SER A 672 -30.29 -23.56 51.71
C SER A 672 -30.91 -24.25 52.93
N ASP A 673 -30.11 -24.38 53.98
CA ASP A 673 -30.57 -24.98 55.23
C ASP A 673 -30.66 -23.93 56.33
N HIS A 680 -25.85 -24.41 53.57
CA HIS A 680 -26.44 -24.97 52.35
C HIS A 680 -26.17 -26.46 52.26
N ARG A 681 -26.68 -27.08 51.19
CA ARG A 681 -26.47 -28.51 50.98
C ARG A 681 -26.69 -28.83 49.51
N LEU A 682 -25.91 -29.76 48.99
CA LEU A 682 -26.14 -30.26 47.64
C LEU A 682 -27.29 -31.26 47.65
N ALA A 683 -28.30 -31.00 46.81
CA ALA A 683 -29.50 -31.81 46.75
C ALA A 683 -29.51 -32.60 45.44
N LEU A 684 -29.85 -33.88 45.53
CA LEU A 684 -29.86 -34.75 44.36
C LEU A 684 -31.16 -34.57 43.59
N HIS A 685 -31.03 -34.38 42.27
CA HIS A 685 -32.19 -34.33 41.37
C HIS A 685 -31.77 -35.04 40.08
N LYS A 686 -32.23 -36.26 39.91
CA LYS A 686 -31.86 -37.04 38.73
C LYS A 686 -32.57 -36.48 37.51
N PRO A 687 -31.85 -36.04 36.48
CA PRO A 687 -32.49 -35.46 35.30
C PRO A 687 -33.34 -36.49 34.58
N PRO A 688 -34.54 -36.10 34.12
CA PRO A 688 -35.30 -36.98 33.24
C PRO A 688 -34.75 -36.94 31.83
N LEU A 689 -34.03 -37.99 31.43
CA LEU A 689 -33.40 -38.04 30.13
C LEU A 689 -33.64 -39.41 29.52
N HIS A 690 -34.10 -39.42 28.26
CA HIS A 690 -34.31 -40.65 27.52
C HIS A 690 -33.06 -40.96 26.72
N HIS A 691 -32.36 -42.02 27.13
CA HIS A 691 -31.04 -42.34 26.60
C HIS A 691 -31.18 -43.21 25.35
N GLN A 692 -31.67 -42.58 24.28
CA GLN A 692 -31.61 -43.24 22.98
C GLN A 692 -30.18 -43.43 22.51
N SER A 693 -29.28 -42.55 22.96
CA SER A 693 -27.87 -42.66 22.64
C SER A 693 -27.07 -42.25 23.88
N LYS A 694 -25.83 -42.72 23.93
CA LYS A 694 -24.97 -42.47 25.08
C LYS A 694 -24.46 -41.03 25.06
N VAL A 695 -24.53 -40.36 26.21
CA VAL A 695 -23.96 -39.04 26.37
C VAL A 695 -22.44 -39.19 26.53
N ILE A 696 -21.68 -38.43 25.74
CA ILE A 696 -20.24 -38.52 25.75
C ILE A 696 -19.56 -37.29 26.35
N THR A 697 -20.23 -36.14 26.36
CA THR A 697 -19.66 -34.94 26.97
C THR A 697 -20.80 -34.01 27.35
N LEU A 698 -20.51 -33.08 28.26
CA LEU A 698 -21.53 -32.21 28.82
C LEU A 698 -20.98 -30.81 28.99
N CYS A 699 -21.88 -29.86 29.20
CA CYS A 699 -21.53 -28.48 29.48
C CYS A 699 -22.69 -27.82 30.18
N LEU A 700 -22.38 -26.91 31.11
CA LEU A 700 -23.37 -26.08 31.77
C LEU A 700 -23.09 -24.61 31.46
N TYR A 701 -24.16 -23.82 31.37
CA TYR A 701 -24.02 -22.44 30.98
C TYR A 701 -25.15 -21.61 31.56
N ARG A 702 -24.80 -20.46 32.13
CA ARG A 702 -25.77 -19.45 32.56
C ARG A 702 -25.80 -18.29 31.58
N ASP A 703 -27.01 -17.91 31.18
CA ASP A 703 -27.22 -16.83 30.23
C ASP A 703 -27.57 -15.57 31.02
N LEU A 704 -26.62 -14.64 31.12
CA LEU A 704 -26.89 -13.39 31.81
C LEU A 704 -27.58 -12.38 30.90
N SER A 705 -27.09 -12.22 29.67
CA SER A 705 -27.77 -11.38 28.69
C SER A 705 -28.70 -12.26 27.86
N GLY A 706 -29.98 -11.91 27.86
CA GLY A 706 -31.01 -12.83 27.44
C GLY A 706 -31.07 -13.14 25.96
N MET A 707 -29.96 -13.64 25.41
CA MET A 707 -30.01 -14.19 24.06
C MET A 707 -30.73 -15.53 24.04
N PHE A 708 -30.51 -16.34 25.08
CA PHE A 708 -31.20 -17.63 25.23
C PHE A 708 -32.63 -17.37 25.71
N THR A 709 -33.45 -16.86 24.79
CA THR A 709 -34.75 -16.32 25.16
C THR A 709 -35.72 -17.44 25.57
N THR A 710 -35.82 -18.49 24.78
CA THR A 710 -36.79 -19.54 25.07
C THR A 710 -36.15 -20.93 25.05
N PRO A 781 -31.45 -14.50 35.23
CA PRO A 781 -30.42 -15.51 34.97
C PRO A 781 -30.99 -16.90 34.76
N THR A 782 -31.00 -17.37 33.52
CA THR A 782 -31.50 -18.69 33.18
C THR A 782 -30.32 -19.65 32.99
N HIS A 783 -30.61 -20.94 33.14
CA HIS A 783 -29.58 -21.97 33.18
C HIS A 783 -29.85 -23.02 32.11
N TRP A 784 -28.77 -23.46 31.47
CA TRP A 784 -28.85 -24.36 30.33
C TRP A 784 -27.80 -25.45 30.45
N CYS A 785 -28.14 -26.64 29.99
CA CYS A 785 -27.20 -27.75 29.91
C CYS A 785 -26.99 -28.13 28.47
N LEU A 786 -25.72 -28.20 28.06
CA LEU A 786 -25.36 -28.58 26.70
C LEU A 786 -24.80 -29.99 26.71
N LEU A 787 -25.30 -30.82 25.80
CA LEU A 787 -25.10 -32.27 25.84
C LEU A 787 -24.85 -32.78 24.43
N VAL A 788 -23.91 -33.71 24.30
CA VAL A 788 -23.59 -34.35 23.02
C VAL A 788 -23.77 -35.85 23.19
N ARG A 789 -24.54 -36.45 22.28
CA ARG A 789 -24.80 -37.87 22.32
C ARG A 789 -23.80 -38.64 21.46
N GLU A 790 -23.86 -39.97 21.56
CA GLU A 790 -22.91 -40.80 20.83
C GLU A 790 -23.23 -40.86 19.34
N ASN A 791 -24.50 -40.77 18.96
CA ASN A 791 -24.86 -40.80 17.55
C ASN A 791 -24.32 -39.58 16.82
N GLY A 792 -24.05 -38.50 17.52
CA GLY A 792 -23.53 -37.30 16.91
C GLY A 792 -24.49 -36.14 17.00
N THR A 793 -25.45 -36.21 17.92
CA THR A 793 -26.44 -35.17 18.09
C THR A 793 -26.11 -34.31 19.29
N MET A 794 -26.29 -33.01 19.12
CA MET A 794 -26.07 -32.01 20.16
C MET A 794 -27.41 -31.49 20.64
N GLU A 795 -27.60 -31.50 21.96
CA GLU A 795 -28.88 -31.16 22.58
C GLU A 795 -28.66 -30.10 23.64
N ILE A 796 -29.55 -29.11 23.70
CA ILE A 796 -29.56 -28.11 24.76
C ILE A 796 -30.84 -28.31 25.57
N TYR A 797 -30.73 -28.19 26.89
CA TYR A 797 -31.85 -28.40 27.79
C TYR A 797 -32.03 -27.21 28.71
N GLN A 798 -33.29 -26.82 28.92
CA GLN A 798 -33.61 -25.94 30.04
C GLN A 798 -33.26 -26.66 31.33
N LEU A 799 -32.43 -26.04 32.16
CA LEU A 799 -31.73 -26.77 33.22
C LEU A 799 -32.56 -27.06 34.48
N PRO A 800 -33.37 -26.14 35.00
CA PRO A 800 -34.19 -26.52 36.16
C PRO A 800 -35.15 -27.66 35.86
N ASP A 801 -35.91 -27.55 34.77
CA ASP A 801 -36.57 -28.70 34.18
C ASP A 801 -35.53 -29.44 33.36
N TRP A 802 -35.95 -30.36 32.49
CA TRP A 802 -35.00 -30.95 31.56
C TRP A 802 -35.64 -31.13 30.18
N ARG A 803 -36.29 -30.08 29.68
CA ARG A 803 -36.97 -30.15 28.39
C ARG A 803 -36.02 -29.72 27.28
N LEU A 804 -36.08 -30.45 26.17
CA LEU A 804 -35.22 -30.18 25.02
C LEU A 804 -35.66 -28.89 24.33
N VAL A 805 -34.69 -28.01 24.04
CA VAL A 805 -34.94 -26.76 23.34
C VAL A 805 -34.22 -26.69 22.01
N PHE A 806 -33.01 -27.27 21.94
CA PHE A 806 -32.19 -27.21 20.72
C PHE A 806 -31.71 -28.61 20.38
N LEU A 807 -31.60 -28.88 19.08
CA LEU A 807 -31.16 -30.19 18.61
C LEU A 807 -30.44 -30.03 17.27
N VAL A 808 -29.25 -30.62 17.16
CA VAL A 808 -28.47 -30.61 15.93
C VAL A 808 -28.23 -32.05 15.52
N LYS A 809 -28.64 -32.42 14.30
CA LYS A 809 -28.59 -33.81 13.88
C LYS A 809 -27.17 -34.32 13.71
N ASN A 810 -26.32 -33.55 13.04
CA ASN A 810 -24.95 -33.97 12.74
C ASN A 810 -24.01 -32.91 13.29
N PHE A 811 -23.68 -33.03 14.57
CA PHE A 811 -22.86 -32.04 15.26
C PHE A 811 -21.36 -32.18 14.99
N PRO A 812 -20.76 -33.37 15.07
CA PRO A 812 -19.29 -33.46 14.97
C PRO A 812 -18.72 -33.05 13.62
N VAL A 813 -19.52 -33.04 12.55
CA VAL A 813 -18.97 -32.76 11.23
C VAL A 813 -18.49 -31.33 11.12
N GLY A 814 -19.04 -30.43 11.94
CA GLY A 814 -18.59 -29.06 11.94
C GLY A 814 -19.31 -28.19 10.92
N GLN A 815 -20.63 -28.22 10.95
CA GLN A 815 -21.43 -27.43 10.02
C GLN A 815 -21.22 -25.94 10.27
N ARG A 816 -21.29 -25.16 9.18
CA ARG A 816 -21.02 -23.73 9.28
C ARG A 816 -22.08 -23.03 10.12
N VAL A 817 -23.34 -23.41 9.99
CA VAL A 817 -24.42 -22.86 10.79
C VAL A 817 -25.15 -24.00 11.47
N LEU A 818 -25.29 -23.91 12.79
CA LEU A 818 -26.06 -24.88 13.55
C LEU A 818 -27.53 -24.45 13.63
N VAL A 819 -28.42 -25.34 13.22
CA VAL A 819 -29.84 -25.06 13.19
C VAL A 819 -30.57 -26.09 14.04
N ASP A 820 -31.72 -25.69 14.57
CA ASP A 820 -32.48 -26.58 15.44
C ASP A 820 -33.12 -27.71 14.65
N SER A 821 -33.08 -28.91 15.24
CA SER A 821 -33.65 -30.12 14.64
C SER A 821 -33.13 -30.36 13.22
N PRO A 844 -16.44 -36.96 14.22
CA PRO A 844 -16.86 -37.96 15.21
C PRO A 844 -16.05 -37.88 16.50
N LEU A 845 -16.60 -38.41 17.60
CA LEU A 845 -15.94 -38.39 18.90
C LEU A 845 -15.67 -36.94 19.35
N VAL A 846 -16.78 -36.26 19.65
CA VAL A 846 -16.69 -34.98 20.35
C VAL A 846 -16.09 -35.22 21.72
N LYS A 847 -14.99 -34.52 22.02
CA LYS A 847 -14.24 -34.79 23.25
C LYS A 847 -14.56 -33.78 24.35
N GLU A 848 -14.71 -32.50 23.99
CA GLU A 848 -14.98 -31.46 24.98
C GLU A 848 -15.86 -30.39 24.36
N VAL A 849 -16.75 -29.84 25.17
CA VAL A 849 -17.66 -28.79 24.77
C VAL A 849 -17.77 -27.77 25.90
N LEU A 850 -17.76 -26.48 25.55
CA LEU A 850 -17.87 -25.41 26.53
C LEU A 850 -18.64 -24.23 25.96
N LEU A 851 -19.71 -23.84 26.64
CA LEU A 851 -20.40 -22.59 26.38
C LEU A 851 -19.96 -21.52 27.36
N VAL A 852 -19.52 -20.39 26.85
CA VAL A 852 -19.11 -19.25 27.68
C VAL A 852 -19.71 -17.99 27.07
N ALA A 853 -20.22 -17.12 27.94
CA ALA A 853 -20.68 -15.81 27.55
C ALA A 853 -19.56 -14.80 27.77
N LEU A 854 -19.26 -14.02 26.73
CA LEU A 854 -18.14 -13.11 26.74
C LEU A 854 -18.60 -11.73 26.30
N GLY A 855 -17.70 -10.76 26.41
CA GLY A 855 -18.00 -9.41 25.99
C GLY A 855 -18.35 -8.48 27.14
N SER A 856 -19.20 -7.50 26.88
CA SER A 856 -19.64 -6.57 27.91
C SER A 856 -20.80 -7.18 28.66
N ARG A 857 -20.63 -7.35 29.98
CA ARG A 857 -21.65 -7.97 30.84
C ARG A 857 -22.02 -9.37 30.36
N GLN A 858 -21.05 -10.07 29.78
CA GLN A 858 -21.22 -11.44 29.29
C GLN A 858 -22.40 -11.51 28.32
N SER A 859 -22.35 -10.67 27.30
CA SER A 859 -23.49 -10.49 26.40
C SER A 859 -23.49 -11.50 25.27
N ARG A 860 -22.34 -11.77 24.68
CA ARG A 860 -22.28 -12.65 23.52
C ARG A 860 -21.74 -14.02 23.89
N PRO A 861 -22.53 -15.08 23.77
CA PRO A 861 -22.05 -16.42 24.11
C PRO A 861 -21.36 -17.11 22.94
N TYR A 862 -20.41 -17.97 23.28
CA TYR A 862 -19.64 -18.74 22.31
C TYR A 862 -19.69 -20.22 22.66
N LEU A 863 -19.59 -21.06 21.64
CA LEU A 863 -19.55 -22.51 21.81
C LEU A 863 -18.20 -23.03 21.38
N LEU A 864 -17.54 -23.78 22.26
CA LEU A 864 -16.20 -24.31 22.02
C LEU A 864 -16.31 -25.82 21.91
N VAL A 865 -15.79 -26.40 20.83
CA VAL A 865 -15.92 -27.82 20.59
C VAL A 865 -14.55 -28.39 20.22
N HIS A 866 -14.29 -29.61 20.71
CA HIS A 866 -13.03 -30.32 20.46
C HIS A 866 -13.36 -31.68 19.86
N VAL A 867 -13.07 -31.85 18.57
CA VAL A 867 -13.40 -33.06 17.82
C VAL A 867 -12.19 -33.44 16.96
N ASP A 868 -11.76 -34.70 17.08
CA ASP A 868 -10.78 -35.32 16.17
C ASP A 868 -9.55 -34.45 15.94
N GLN A 869 -8.95 -34.00 17.04
CA GLN A 869 -7.75 -33.16 16.97
C GLN A 869 -7.99 -31.92 16.12
N GLU A 870 -9.22 -31.41 16.17
CA GLU A 870 -9.60 -30.26 15.34
C GLU A 870 -10.51 -29.35 16.15
N LEU A 871 -10.14 -28.08 16.23
CA LEU A 871 -10.89 -27.10 17.01
C LEU A 871 -11.91 -26.42 16.11
N LEU A 872 -13.15 -26.37 16.56
CA LEU A 872 -14.21 -25.67 15.84
C LEU A 872 -15.08 -24.93 16.86
N ILE A 873 -15.22 -23.63 16.68
CA ILE A 873 -15.80 -22.75 17.68
C ILE A 873 -16.91 -21.92 17.04
N TYR A 874 -17.99 -21.74 17.79
CA TYR A 874 -19.23 -21.17 17.26
C TYR A 874 -19.62 -19.90 18.00
N GLU A 875 -20.01 -18.88 17.23
CA GLU A 875 -20.69 -17.72 17.77
C GLU A 875 -22.19 -17.97 17.80
N ALA A 876 -22.87 -17.33 18.74
CA ALA A 876 -24.32 -17.50 18.88
C ALA A 876 -25.00 -16.19 18.53
N PHE A 877 -26.04 -16.27 17.71
CA PHE A 877 -26.80 -15.10 17.32
C PHE A 877 -28.29 -15.41 17.46
N PRO A 878 -29.10 -14.41 17.80
CA PRO A 878 -30.54 -14.65 17.94
C PRO A 878 -31.19 -14.94 16.59
N HIS A 879 -32.21 -15.79 16.62
CA HIS A 879 -32.94 -16.15 15.41
C HIS A 879 -34.28 -16.72 15.80
N ASP A 880 -35.36 -16.03 15.43
CA ASP A 880 -36.70 -16.48 15.75
C ASP A 880 -37.20 -17.43 14.67
N GLY A 886 -41.67 -23.29 21.15
CA GLY A 886 -41.06 -23.23 22.46
C GLY A 886 -39.62 -23.69 22.49
N ASN A 887 -38.90 -23.41 21.41
CA ASN A 887 -37.51 -23.79 21.26
C ASN A 887 -36.62 -22.56 21.39
N LEU A 888 -35.31 -22.81 21.51
CA LEU A 888 -34.35 -21.74 21.68
C LEU A 888 -34.32 -20.86 20.43
N LYS A 889 -34.49 -19.56 20.63
CA LYS A 889 -34.43 -18.61 19.51
C LYS A 889 -32.99 -18.19 19.25
N VAL A 890 -32.11 -19.17 19.09
CA VAL A 890 -30.70 -18.92 18.80
C VAL A 890 -30.26 -19.84 17.68
N ARG A 891 -29.21 -19.43 16.98
CA ARG A 891 -28.48 -20.29 16.07
C ARG A 891 -27.00 -20.03 16.30
N PHE A 892 -26.17 -21.00 15.90
CA PHE A 892 -24.73 -20.91 16.09
C PHE A 892 -24.04 -20.80 14.74
N LYS A 893 -23.10 -19.87 14.64
CA LYS A 893 -22.34 -19.64 13.43
C LYS A 893 -20.88 -20.01 13.66
N LYS A 894 -20.36 -20.87 12.80
CA LYS A 894 -18.93 -21.20 12.83
C LYS A 894 -18.10 -19.96 12.55
N VAL A 895 -17.03 -19.79 13.33
CA VAL A 895 -16.14 -18.65 13.13
C VAL A 895 -14.76 -19.17 12.77
N PRO A 896 -14.09 -18.56 11.79
CA PRO A 896 -12.82 -19.11 11.30
C PRO A 896 -11.69 -18.87 12.28
N HIS A 897 -10.70 -19.76 12.23
CA HIS A 897 -9.49 -19.65 13.03
C HIS A 897 -8.43 -20.53 12.39
N ASN A 898 -7.19 -20.36 12.84
CA ASN A 898 -6.06 -21.15 12.37
C ASN A 898 -5.41 -21.92 13.51
N ILE A 899 -6.21 -22.54 14.37
CA ILE A 899 -5.73 -23.31 15.49
C ILE A 899 -5.95 -24.78 15.20
N ASN A 900 -4.87 -25.57 15.23
CA ASN A 900 -4.96 -27.01 15.06
C ASN A 900 -4.61 -27.71 16.35
N PHE A 901 -5.26 -28.85 16.58
CA PHE A 901 -5.08 -29.62 17.80
C PHE A 901 -4.24 -30.87 17.57
N ARG A 902 -3.42 -30.87 16.52
CA ARG A 902 -2.59 -32.02 16.21
C ARG A 902 -1.22 -31.91 16.89
N GLY A 926 -6.99 -39.76 32.60
CA GLY A 926 -7.54 -38.55 33.20
C GLY A 926 -8.06 -37.57 32.17
N ARG A 927 -9.36 -37.28 32.24
CA ARG A 927 -9.96 -36.31 31.32
C ARG A 927 -9.63 -34.90 31.75
N VAL A 928 -8.90 -34.17 30.92
CA VAL A 928 -8.41 -32.84 31.22
C VAL A 928 -9.01 -31.86 30.21
N ALA A 929 -9.60 -30.79 30.72
CA ALA A 929 -10.28 -29.81 29.86
C ALA A 929 -9.25 -28.97 29.12
N ARG A 930 -9.45 -28.85 27.80
CA ARG A 930 -8.59 -27.98 27.00
C ARG A 930 -9.05 -26.52 27.06
N PHE A 931 -10.33 -26.29 27.32
CA PHE A 931 -10.90 -24.94 27.35
C PHE A 931 -11.04 -24.50 28.80
N ARG A 932 -10.31 -23.45 29.16
CA ARG A 932 -10.30 -22.92 30.53
C ARG A 932 -10.84 -21.49 30.49
N TYR A 933 -12.11 -21.33 30.84
CA TYR A 933 -12.68 -20.00 30.94
C TYR A 933 -12.08 -19.24 32.10
N PHE A 934 -11.75 -17.97 31.87
CA PHE A 934 -11.25 -17.10 32.92
C PHE A 934 -11.95 -15.76 32.83
N GLU A 935 -12.18 -15.15 34.00
CA GLU A 935 -12.67 -13.78 34.07
C GLU A 935 -11.63 -12.95 34.81
N ASP A 936 -11.34 -11.78 34.26
CA ASP A 936 -10.43 -10.81 34.86
C ASP A 936 -9.03 -11.40 35.05
N ILE A 937 -8.37 -11.68 33.94
CA ILE A 937 -6.92 -11.86 33.89
C ILE A 937 -6.36 -10.59 33.27
N TYR A 938 -5.73 -9.75 34.11
CA TYR A 938 -5.32 -8.40 33.71
C TYR A 938 -6.53 -7.61 33.19
N GLY A 939 -7.69 -7.84 33.81
CA GLY A 939 -8.90 -7.18 33.38
C GLY A 939 -9.51 -7.74 32.13
N TYR A 940 -9.04 -8.90 31.67
CA TYR A 940 -9.51 -9.51 30.44
C TYR A 940 -10.33 -10.75 30.77
N SER A 941 -11.45 -10.91 30.09
CA SER A 941 -12.29 -12.10 30.22
C SER A 941 -12.19 -12.91 28.93
N GLY A 942 -12.07 -14.22 29.06
CA GLY A 942 -11.96 -15.05 27.88
C GLY A 942 -11.75 -16.50 28.25
N VAL A 943 -11.27 -17.26 27.27
CA VAL A 943 -11.00 -18.69 27.42
C VAL A 943 -9.59 -18.98 26.96
N PHE A 944 -8.87 -19.77 27.74
CA PHE A 944 -7.55 -20.26 27.34
C PHE A 944 -7.71 -21.66 26.78
N ILE A 945 -7.18 -21.87 25.57
CA ILE A 945 -7.21 -23.17 24.91
C ILE A 945 -5.87 -23.83 25.14
N CYS A 946 -5.87 -24.98 25.78
CA CYS A 946 -4.67 -25.76 26.03
C CYS A 946 -4.41 -26.72 24.87
N GLY A 947 -3.22 -27.30 24.87
CA GLY A 947 -2.87 -28.30 23.89
C GLY A 947 -1.54 -28.03 23.22
N PRO A 948 -1.31 -28.67 22.07
CA PRO A 948 -0.04 -28.44 21.35
C PRO A 948 0.17 -26.99 20.94
N SER A 949 -0.90 -26.27 20.63
CA SER A 949 -0.84 -24.85 20.27
C SER A 949 -1.71 -24.08 21.24
N PRO A 950 -1.19 -23.70 22.41
CA PRO A 950 -2.00 -22.91 23.34
C PRO A 950 -2.38 -21.58 22.75
N HIS A 951 -3.61 -21.15 23.03
CA HIS A 951 -4.15 -19.92 22.47
C HIS A 951 -4.97 -19.19 23.52
N TRP A 952 -4.96 -17.87 23.42
CA TRP A 952 -5.79 -17.02 24.26
C TRP A 952 -6.98 -16.55 23.43
N LEU A 953 -8.18 -16.86 23.91
CA LEU A 953 -9.41 -16.38 23.29
C LEU A 953 -9.95 -15.24 24.15
N LEU A 954 -9.98 -14.03 23.57
CA LEU A 954 -10.32 -12.84 24.33
C LEU A 954 -11.46 -12.10 23.62
N VAL A 955 -12.46 -11.70 24.39
CA VAL A 955 -13.55 -10.85 23.90
C VAL A 955 -13.79 -9.78 24.95
N THR A 956 -13.46 -8.54 24.62
CA THR A 956 -13.67 -7.41 25.52
C THR A 956 -15.03 -6.77 25.23
N GLY A 957 -15.24 -5.56 25.76
CA GLY A 957 -16.43 -4.80 25.43
C GLY A 957 -16.52 -4.39 23.98
N ARG A 958 -15.41 -4.43 23.25
CA ARG A 958 -15.46 -4.17 21.81
C ARG A 958 -16.20 -5.27 21.07
N GLY A 959 -16.26 -6.47 21.64
CA GLY A 959 -17.03 -7.55 21.04
C GLY A 959 -16.34 -8.27 19.91
N ALA A 960 -15.06 -8.02 19.68
CA ALA A 960 -14.33 -8.67 18.61
C ALA A 960 -13.55 -9.86 19.16
N LEU A 961 -13.67 -11.00 18.47
CA LEU A 961 -12.94 -12.19 18.87
C LEU A 961 -11.44 -12.01 18.64
N ARG A 962 -10.66 -12.26 19.68
CA ARG A 962 -9.21 -12.13 19.61
C ARG A 962 -8.59 -13.48 19.93
N LEU A 963 -7.70 -13.94 19.07
CA LEU A 963 -7.03 -15.24 19.23
C LEU A 963 -5.53 -15.00 19.22
N HIS A 964 -4.91 -15.12 20.39
CA HIS A 964 -3.48 -14.88 20.54
C HIS A 964 -2.77 -16.16 20.92
N PRO A 965 -1.80 -16.62 20.13
CA PRO A 965 -1.07 -17.85 20.48
C PRO A 965 -0.12 -17.62 21.65
N MET A 966 0.15 -18.71 22.37
CA MET A 966 1.16 -18.77 23.43
C MET A 966 1.94 -20.06 23.26
N ALA A 967 3.00 -20.01 22.46
CA ALA A 967 3.78 -21.21 22.17
C ALA A 967 5.21 -21.15 22.68
N ILE A 968 5.57 -20.11 23.44
CA ILE A 968 6.96 -19.94 23.85
C ILE A 968 7.41 -21.03 24.80
N ASP A 969 6.49 -21.59 25.59
CA ASP A 969 6.80 -22.64 26.55
C ASP A 969 6.35 -24.01 26.08
N GLY A 970 6.08 -24.15 24.79
CA GLY A 970 5.60 -25.40 24.24
C GLY A 970 4.15 -25.66 24.58
N PRO A 971 3.71 -26.90 24.43
CA PRO A 971 2.32 -27.23 24.76
C PRO A 971 2.02 -27.03 26.23
N VAL A 972 0.78 -26.64 26.52
CA VAL A 972 0.32 -26.35 27.87
C VAL A 972 -0.69 -27.41 28.25
N ASP A 973 -0.47 -28.08 29.38
CA ASP A 973 -1.32 -29.19 29.78
C ASP A 973 -2.59 -28.71 30.45
N SER A 974 -2.46 -27.85 31.45
CA SER A 974 -3.61 -27.36 32.18
C SER A 974 -3.39 -25.88 32.51
N PHE A 975 -4.48 -25.19 32.81
CA PHE A 975 -4.47 -23.75 32.98
C PHE A 975 -5.54 -23.37 34.00
N ALA A 976 -5.27 -22.29 34.74
CA ALA A 976 -6.22 -21.77 35.71
C ALA A 976 -5.91 -20.31 35.97
N PRO A 977 -6.93 -19.48 36.23
CA PRO A 977 -6.66 -18.11 36.68
C PRO A 977 -6.06 -18.10 38.07
N PHE A 978 -5.31 -17.03 38.36
CA PHE A 978 -4.64 -16.93 39.65
C PHE A 978 -4.60 -15.46 40.06
N HIS A 979 -5.42 -15.09 41.03
CA HIS A 979 -5.40 -13.75 41.61
C HIS A 979 -4.78 -13.85 43.00
N ASN A 980 -3.65 -13.19 43.18
CA ASN A 980 -2.85 -13.34 44.39
C ASN A 980 -2.12 -12.03 44.66
N VAL A 981 -1.64 -11.88 45.90
CA VAL A 981 -0.86 -10.69 46.24
C VAL A 981 0.43 -10.66 45.44
N ASN A 982 1.07 -11.82 45.27
CA ASN A 982 2.31 -11.89 44.49
C ASN A 982 2.02 -12.03 42.99
N CYS A 983 0.79 -12.34 42.62
CA CYS A 983 0.40 -12.54 41.23
C CYS A 983 -0.91 -11.81 40.98
N PRO A 984 -0.87 -10.49 40.81
CA PRO A 984 -2.11 -9.70 40.69
C PRO A 984 -2.81 -9.94 39.37
N ARG A 985 -4.00 -10.53 39.43
CA ARG A 985 -4.83 -10.82 38.26
C ARG A 985 -4.05 -11.61 37.22
N GLY A 986 -3.27 -12.58 37.70
CA GLY A 986 -2.45 -13.41 36.84
C GLY A 986 -3.10 -14.73 36.51
N PHE A 987 -2.27 -15.69 36.11
CA PHE A 987 -2.74 -17.01 35.72
C PHE A 987 -1.71 -18.07 36.09
N LEU A 988 -2.03 -19.31 35.77
CA LEU A 988 -1.30 -20.48 36.23
C LEU A 988 -1.39 -21.58 35.19
N TYR A 989 -0.27 -22.22 34.90
CA TYR A 989 -0.27 -23.33 33.93
C TYR A 989 0.94 -24.22 34.14
N PHE A 990 0.84 -25.46 33.64
CA PHE A 990 1.97 -26.36 33.56
C PHE A 990 2.58 -26.37 32.16
N ASN A 991 3.90 -26.51 32.14
CA ASN A 991 4.66 -26.88 30.96
C ASN A 991 4.55 -28.38 30.75
N ARG A 992 5.00 -28.86 29.59
CA ARG A 992 5.01 -30.30 29.35
C ARG A 992 6.05 -31.01 30.19
N GLN A 993 7.04 -30.27 30.69
CA GLN A 993 8.10 -30.87 31.50
C GLN A 993 7.67 -31.07 32.94
N GLY A 994 6.54 -30.50 33.34
CA GLY A 994 6.05 -30.68 34.69
C GLY A 994 6.33 -29.49 35.58
N GLU A 995 6.49 -28.32 34.97
CA GLU A 995 6.81 -27.09 35.67
C GLU A 995 5.55 -26.24 35.79
N LEU A 996 5.28 -25.76 37.00
CA LEU A 996 4.14 -24.89 37.25
C LEU A 996 4.59 -23.44 37.20
N ARG A 997 3.96 -22.66 36.31
CA ARG A 997 4.33 -21.26 36.11
C ARG A 997 3.29 -20.37 36.77
N ILE A 998 3.76 -19.48 37.64
CA ILE A 998 2.95 -18.37 38.15
C ILE A 998 3.30 -17.14 37.32
N SER A 999 2.34 -16.68 36.52
CA SER A 999 2.62 -15.68 35.50
C SER A 999 1.56 -14.59 35.51
N VAL A 1000 1.95 -13.43 34.99
CA VAL A 1000 1.03 -12.32 34.74
C VAL A 1000 1.21 -11.88 33.30
N LEU A 1001 0.17 -11.28 32.75
CA LEU A 1001 0.26 -10.73 31.40
C LEU A 1001 1.12 -9.47 31.44
N PRO A 1002 2.06 -9.30 30.51
CA PRO A 1002 2.81 -8.05 30.45
C PRO A 1002 1.89 -6.85 30.28
N ALA A 1003 2.19 -5.78 31.01
CA ALA A 1003 1.26 -4.66 31.13
C ALA A 1003 1.38 -3.64 30.00
N TYR A 1004 2.48 -3.66 29.25
CA TYR A 1004 2.69 -2.60 28.26
C TYR A 1004 1.95 -2.86 26.96
N LEU A 1005 1.43 -4.06 26.75
CA LEU A 1005 0.72 -4.39 25.52
C LEU A 1005 -0.79 -4.39 25.76
N SER A 1006 -1.52 -4.11 24.69
CA SER A 1006 -2.97 -4.18 24.67
C SER A 1006 -3.39 -5.40 23.86
N TYR A 1007 -4.20 -6.26 24.45
CA TYR A 1007 -4.62 -7.51 23.84
C TYR A 1007 -5.99 -7.43 23.21
N ASP A 1008 -6.56 -6.24 23.09
CA ASP A 1008 -7.85 -6.06 22.43
C ASP A 1008 -7.70 -5.78 20.94
N ALA A 1009 -6.53 -6.01 20.38
CA ALA A 1009 -6.28 -5.83 18.96
C ALA A 1009 -6.11 -7.18 18.29
N PRO A 1010 -6.08 -7.23 16.94
CA PRO A 1010 -5.76 -8.50 16.27
C PRO A 1010 -4.42 -9.07 16.69
N TRP A 1011 -3.44 -8.22 16.98
CA TRP A 1011 -2.18 -8.62 17.58
C TRP A 1011 -2.03 -7.85 18.88
N PRO A 1012 -1.40 -8.43 19.90
CA PRO A 1012 -0.97 -7.61 21.05
C PRO A 1012 -0.15 -6.41 20.60
N VAL A 1013 -0.66 -5.21 20.84
CA VAL A 1013 -0.08 -3.99 20.30
C VAL A 1013 0.09 -2.95 21.39
N ARG A 1014 1.14 -2.17 21.27
CA ARG A 1014 1.32 -0.92 22.03
C ARG A 1014 1.55 0.20 21.03
N LYS A 1015 0.68 1.20 21.05
CA LYS A 1015 0.77 2.33 20.14
C LYS A 1015 1.35 3.51 20.92
N ILE A 1016 2.50 4.01 20.46
CA ILE A 1016 3.18 5.12 21.10
C ILE A 1016 2.88 6.38 20.29
N PRO A 1017 2.07 7.30 20.80
CA PRO A 1017 1.78 8.52 20.03
C PRO A 1017 2.99 9.43 19.97
N LEU A 1018 3.33 9.86 18.77
CA LEU A 1018 4.47 10.74 18.55
C LEU A 1018 4.07 12.19 18.30
N ARG A 1019 2.80 12.43 17.96
CA ARG A 1019 2.28 13.75 17.58
C ARG A 1019 2.99 14.32 16.36
N CYS A 1020 3.67 13.46 15.60
CA CYS A 1020 4.39 13.87 14.40
C CYS A 1020 4.51 12.65 13.50
N THR A 1021 4.78 12.90 12.23
CA THR A 1021 4.89 11.82 11.26
C THR A 1021 6.15 11.00 11.52
N ALA A 1022 5.97 9.69 11.62
CA ALA A 1022 7.08 8.74 11.73
C ALA A 1022 7.40 8.22 10.34
N HIS A 1023 8.61 8.49 9.86
CA HIS A 1023 9.00 8.14 8.51
C HIS A 1023 9.76 6.81 8.45
N TYR A 1024 10.85 6.71 9.21
CA TYR A 1024 11.66 5.50 9.21
C TYR A 1024 12.00 5.13 10.65
N VAL A 1025 12.02 3.83 10.91
CA VAL A 1025 12.42 3.28 12.21
C VAL A 1025 13.49 2.23 11.97
N ALA A 1026 14.56 2.32 12.75
CA ALA A 1026 15.67 1.38 12.66
C ALA A 1026 16.05 0.89 14.04
N TYR A 1027 16.24 -0.41 14.18
CA TYR A 1027 16.64 -1.03 15.43
C TYR A 1027 18.15 -1.17 15.47
N HIS A 1028 18.76 -0.73 16.55
CA HIS A 1028 20.19 -0.84 16.77
C HIS A 1028 20.44 -2.04 17.68
N VAL A 1029 21.15 -3.05 17.16
CA VAL A 1029 21.34 -4.29 17.92
C VAL A 1029 22.13 -4.03 19.20
N GLU A 1030 23.25 -3.32 19.07
CA GLU A 1030 23.97 -2.87 20.24
C GLU A 1030 23.28 -1.64 20.81
N SER A 1031 23.20 -1.59 22.15
CA SER A 1031 22.47 -0.57 22.91
C SER A 1031 20.97 -0.80 22.83
N LYS A 1032 20.54 -1.71 21.95
CA LYS A 1032 19.19 -2.25 21.93
C LYS A 1032 18.12 -1.17 21.95
N VAL A 1033 18.23 -0.21 21.01
CA VAL A 1033 17.31 0.91 20.94
C VAL A 1033 16.83 1.09 19.51
N TYR A 1034 15.75 1.85 19.37
CA TYR A 1034 15.19 2.18 18.07
C TYR A 1034 15.46 3.64 17.75
N ALA A 1035 15.94 3.89 16.53
CA ALA A 1035 16.05 5.23 15.99
C ALA A 1035 14.84 5.48 15.10
N VAL A 1036 14.21 6.64 15.27
CA VAL A 1036 13.02 7.00 14.50
C VAL A 1036 13.25 8.35 13.86
N ALA A 1037 13.07 8.41 12.54
CA ALA A 1037 13.11 9.66 11.80
C ALA A 1037 11.70 10.23 11.75
N THR A 1038 11.51 11.39 12.36
CA THR A 1038 10.20 12.02 12.45
C THR A 1038 10.27 13.42 11.90
N SER A 1039 9.12 13.89 11.40
CA SER A 1039 8.99 15.25 10.91
C SER A 1039 7.72 15.88 11.46
N THR A 1040 7.78 17.18 11.72
CA THR A 1040 6.63 17.95 12.17
C THR A 1040 6.46 19.15 11.25
N ASN A 1041 5.23 19.66 11.18
CA ASN A 1041 4.90 20.74 10.27
C ASN A 1041 5.01 22.08 10.98
N THR A 1042 5.67 23.04 10.34
CA THR A 1042 5.79 24.40 10.79
C THR A 1042 5.45 25.33 9.64
N PRO A 1043 4.93 26.53 9.93
CA PRO A 1043 4.61 27.47 8.85
C PRO A 1043 5.86 27.82 8.04
N CYS A 1044 5.69 27.91 6.73
CA CYS A 1044 6.76 28.32 5.84
C CYS A 1044 6.79 29.83 5.75
N ALA A 1045 7.95 30.42 6.03
CA ALA A 1045 8.09 31.87 6.06
C ALA A 1045 8.99 32.42 4.95
N ARG A 1046 9.81 31.59 4.31
CA ARG A 1046 10.74 32.06 3.30
C ARG A 1046 10.68 31.17 2.08
N ILE A 1047 10.90 31.78 0.92
CA ILE A 1047 10.99 31.07 -0.36
C ILE A 1047 12.44 31.12 -0.82
N PRO A 1048 13.16 30.00 -0.79
CA PRO A 1048 14.55 30.00 -1.25
C PRO A 1048 14.65 30.35 -2.74
N ARG A 1049 15.69 31.10 -3.08
CA ARG A 1049 15.95 31.49 -4.46
C ARG A 1049 17.42 31.28 -4.75
N MET A 1050 17.75 31.19 -6.03
CA MET A 1050 19.14 31.11 -6.48
C MET A 1050 19.43 32.33 -7.33
N THR A 1051 20.26 33.23 -6.80
CA THR A 1051 20.61 34.47 -7.50
C THR A 1051 21.88 34.35 -8.33
N GLY A 1052 22.47 33.16 -8.39
CA GLY A 1052 23.68 32.93 -9.14
C GLY A 1052 24.95 32.94 -8.32
N GLU A 1053 24.89 33.43 -7.09
CA GLU A 1053 26.04 33.46 -6.19
C GLU A 1053 25.83 32.60 -4.96
N GLU A 1054 24.71 32.79 -4.27
CA GLU A 1054 24.36 31.98 -3.11
C GLU A 1054 22.85 31.97 -2.98
N LYS A 1055 22.35 31.20 -2.01
CA LYS A 1055 20.92 31.14 -1.79
C LYS A 1055 20.41 32.45 -1.22
N GLU A 1056 19.35 32.97 -1.82
CA GLU A 1056 18.69 34.19 -1.37
C GLU A 1056 17.26 33.82 -0.97
N PHE A 1057 16.85 34.24 0.21
CA PHE A 1057 15.56 33.88 0.76
C PHE A 1057 14.61 35.08 0.72
N GLU A 1058 13.43 34.87 0.15
CA GLU A 1058 12.38 35.87 0.11
C GLU A 1058 11.41 35.60 1.26
N THR A 1059 11.25 36.57 2.14
CA THR A 1059 10.24 36.47 3.19
C THR A 1059 8.86 36.57 2.58
N ILE A 1060 7.96 35.65 2.97
CA ILE A 1060 6.61 35.67 2.44
C ILE A 1060 5.84 36.80 3.13
N GLU A 1061 5.48 37.81 2.34
CA GLU A 1061 4.72 38.97 2.84
C GLU A 1061 3.32 38.89 2.28
N ARG A 1062 2.34 38.63 3.14
CA ARG A 1062 0.96 38.46 2.73
C ARG A 1062 0.06 39.16 3.74
N ASP A 1063 -1.24 39.03 3.53
CA ASP A 1063 -2.23 39.60 4.43
C ASP A 1063 -2.32 38.78 5.71
N GLU A 1064 -3.14 39.27 6.65
CA GLU A 1064 -3.39 38.52 7.86
C GLU A 1064 -4.31 37.33 7.59
N ARG A 1065 -5.07 37.38 6.50
CA ARG A 1065 -5.97 36.29 6.13
C ARG A 1065 -5.32 35.33 5.13
N TYR A 1066 -4.08 34.92 5.41
CA TYR A 1066 -3.28 34.13 4.50
C TYR A 1066 -2.90 32.82 5.15
N ILE A 1067 -3.12 31.72 4.44
CA ILE A 1067 -2.76 30.39 4.92
C ILE A 1067 -1.31 30.13 4.54
N HIS A 1068 -0.46 29.98 5.54
CA HIS A 1068 0.94 29.72 5.26
C HIS A 1068 1.13 28.26 4.82
N PRO A 1069 2.00 28.02 3.85
CA PRO A 1069 2.32 26.64 3.50
C PRO A 1069 3.01 25.92 4.64
N GLN A 1070 2.78 24.62 4.73
CA GLN A 1070 3.37 23.80 5.78
C GLN A 1070 4.77 23.38 5.39
N GLN A 1071 5.74 23.64 6.25
CA GLN A 1071 7.13 23.27 6.04
C GLN A 1071 7.51 22.19 7.05
N GLU A 1072 8.17 21.15 6.59
CA GLU A 1072 8.47 20.01 7.45
C GLU A 1072 9.86 20.15 8.04
N ALA A 1073 9.95 19.94 9.35
CA ALA A 1073 11.22 19.93 10.07
C ALA A 1073 11.48 18.50 10.55
N PHE A 1074 12.63 17.94 10.19
CA PHE A 1074 12.92 16.54 10.40
C PHE A 1074 13.80 16.35 11.62
N SER A 1075 13.49 15.34 12.43
CA SER A 1075 14.26 14.98 13.60
C SER A 1075 14.47 13.47 13.62
N ILE A 1076 15.61 13.05 14.15
CA ILE A 1076 15.88 11.64 14.39
C ILE A 1076 15.92 11.43 15.90
N GLN A 1077 14.97 10.66 16.41
CA GLN A 1077 14.81 10.44 17.84
C GLN A 1077 15.30 9.05 18.21
N LEU A 1078 15.45 8.84 19.51
CA LEU A 1078 15.88 7.56 20.06
C LEU A 1078 14.80 7.06 21.01
N ILE A 1079 14.30 5.84 20.77
CA ILE A 1079 13.21 5.26 21.53
C ILE A 1079 13.73 4.03 22.25
N SER A 1080 13.42 3.91 23.53
CA SER A 1080 13.87 2.78 24.34
C SER A 1080 12.80 1.71 24.39
N PRO A 1081 13.11 0.47 24.04
CA PRO A 1081 12.13 -0.62 24.23
C PRO A 1081 11.80 -0.88 25.69
N VAL A 1082 12.71 -0.58 26.61
CA VAL A 1082 12.48 -0.85 28.03
C VAL A 1082 11.28 -0.07 28.52
N SER A 1083 11.28 1.25 28.28
CA SER A 1083 10.11 2.09 28.48
C SER A 1083 9.94 2.86 27.17
N TRP A 1084 8.82 2.65 26.51
CA TRP A 1084 8.70 3.07 25.12
C TRP A 1084 8.67 4.58 24.94
N GLU A 1085 8.96 5.34 25.99
CA GLU A 1085 9.16 6.77 25.88
C GLU A 1085 10.46 7.07 25.14
N ALA A 1086 10.52 8.27 24.57
CA ALA A 1086 11.72 8.70 23.87
C ALA A 1086 12.84 9.01 24.86
N ILE A 1087 14.07 8.70 24.47
CA ILE A 1087 15.23 8.92 25.30
C ILE A 1087 15.54 10.41 25.36
N PRO A 1088 15.61 11.02 26.54
CA PRO A 1088 15.88 12.45 26.61
C PRO A 1088 17.32 12.77 26.21
N ASN A 1089 17.50 13.98 25.66
CA ASN A 1089 18.80 14.50 25.25
C ASN A 1089 19.47 13.65 24.19
N ALA A 1090 18.72 12.76 23.54
CA ALA A 1090 19.23 11.95 22.43
C ALA A 1090 18.29 12.23 21.26
N ARG A 1091 18.56 13.32 20.55
CA ARG A 1091 17.71 13.77 19.47
C ARG A 1091 18.54 14.60 18.50
N ILE A 1092 18.49 14.22 17.24
CA ILE A 1092 19.23 14.91 16.18
C ILE A 1092 18.24 15.74 15.39
N GLU A 1093 18.49 17.04 15.34
CA GLU A 1093 17.66 17.97 14.57
C GLU A 1093 18.39 18.32 13.28
N LEU A 1094 17.70 18.14 12.16
CA LEU A 1094 18.30 18.40 10.87
C LEU A 1094 18.12 19.86 10.48
N GLN A 1095 18.61 20.21 9.29
CA GLN A 1095 18.57 21.59 8.84
C GLN A 1095 17.13 21.98 8.49
N GLU A 1096 16.97 23.24 8.07
CA GLU A 1096 15.64 23.84 7.98
C GLU A 1096 14.77 23.12 6.96
N TRP A 1097 15.32 22.83 5.78
CA TRP A 1097 14.54 22.21 4.70
C TRP A 1097 14.98 20.78 4.41
N GLU A 1098 15.67 20.14 5.35
CA GLU A 1098 16.27 18.85 5.08
C GLU A 1098 15.28 17.73 5.36
N HIS A 1099 15.10 16.84 4.38
CA HIS A 1099 14.15 15.75 4.46
C HIS A 1099 14.90 14.43 4.52
N VAL A 1100 14.57 13.60 5.50
CA VAL A 1100 15.13 12.25 5.59
C VAL A 1100 14.51 11.43 4.47
N THR A 1101 15.32 11.05 3.48
CA THR A 1101 14.83 10.23 2.40
C THR A 1101 14.96 8.75 2.69
N CYS A 1102 15.88 8.39 3.59
CA CYS A 1102 16.10 7.00 3.97
C CYS A 1102 16.85 6.97 5.29
N MET A 1103 16.59 5.93 6.07
CA MET A 1103 17.31 5.72 7.32
C MET A 1103 17.27 4.23 7.66
N LYS A 1104 18.44 3.61 7.74
CA LYS A 1104 18.54 2.17 7.93
C LYS A 1104 19.65 1.87 8.93
N THR A 1105 19.60 0.67 9.49
CA THR A 1105 20.71 0.13 10.26
C THR A 1105 21.62 -0.64 9.31
N VAL A 1106 22.89 -0.22 9.24
CA VAL A 1106 23.84 -0.76 8.27
C VAL A 1106 25.01 -1.36 9.02
N SER A 1107 25.44 -2.54 8.60
CA SER A 1107 26.62 -3.20 9.17
C SER A 1107 27.83 -2.85 8.32
N LEU A 1108 28.68 -1.97 8.84
CA LEU A 1108 29.88 -1.53 8.16
C LEU A 1108 31.10 -2.14 8.84
N ARG A 1109 32.04 -2.62 8.03
CA ARG A 1109 33.19 -3.34 8.56
C ARG A 1109 34.07 -2.41 9.40
N SER A 1110 34.58 -2.96 10.50
CA SER A 1110 35.42 -2.21 11.43
C SER A 1110 36.42 -3.17 12.06
N GLU A 1111 37.50 -2.60 12.59
CA GLU A 1111 38.56 -3.36 13.22
C GLU A 1111 38.44 -3.39 14.74
N GLU A 1112 37.31 -2.96 15.29
CA GLU A 1112 37.14 -2.90 16.74
C GLU A 1112 36.66 -4.24 17.30
N THR A 1113 35.49 -4.71 16.85
CA THR A 1113 34.94 -5.95 17.38
C THR A 1113 35.71 -7.15 16.84
N VAL A 1114 35.48 -8.30 17.47
CA VAL A 1114 36.15 -9.53 17.02
C VAL A 1114 35.67 -9.91 15.63
N SER A 1115 34.47 -9.51 15.25
CA SER A 1115 33.98 -9.69 13.89
C SER A 1115 34.44 -8.50 13.06
N GLY A 1116 33.91 -8.36 11.85
CA GLY A 1116 34.23 -7.21 11.04
C GLY A 1116 33.19 -6.12 11.15
N LEU A 1117 31.92 -6.51 11.09
CA LEU A 1117 30.84 -5.55 11.01
C LEU A 1117 30.58 -4.88 12.36
N LYS A 1118 30.07 -3.66 12.31
CA LYS A 1118 29.83 -2.85 13.50
C LYS A 1118 28.38 -2.43 13.71
N GLY A 1119 27.59 -2.24 12.66
CA GLY A 1119 26.19 -1.93 12.85
C GLY A 1119 25.86 -0.52 13.32
N TYR A 1120 26.03 0.46 12.45
CA TYR A 1120 25.64 1.84 12.73
C TYR A 1120 24.20 2.09 12.27
N VAL A 1121 23.77 3.35 12.40
CA VAL A 1121 22.52 3.82 11.83
C VAL A 1121 22.86 4.89 10.80
N ALA A 1122 22.47 4.67 9.55
CA ALA A 1122 22.78 5.57 8.45
C ALA A 1122 21.50 6.21 7.95
N ALA A 1123 21.53 7.52 7.76
CA ALA A 1123 20.39 8.27 7.26
C ALA A 1123 20.80 9.08 6.03
N GLY A 1124 19.94 9.07 5.03
CA GLY A 1124 20.12 9.89 3.84
C GLY A 1124 19.11 11.03 3.86
N THR A 1125 19.59 12.22 3.52
CA THR A 1125 18.77 13.41 3.57
C THR A 1125 18.87 14.18 2.26
N CYS A 1126 17.90 15.07 2.04
CA CYS A 1126 17.90 15.99 0.91
C CYS A 1126 17.28 17.30 1.36
N LEU A 1127 17.84 18.40 0.88
CA LEU A 1127 17.28 19.72 1.15
C LEU A 1127 16.24 20.05 0.08
N MET A 1128 14.97 19.98 0.46
CA MET A 1128 13.87 20.24 -0.46
C MET A 1128 13.58 21.74 -0.47
N GLN A 1129 13.90 22.40 -1.58
CA GLN A 1129 13.68 23.84 -1.70
C GLN A 1129 13.06 24.20 -3.04
N GLY A 1130 12.31 23.28 -3.64
CA GLY A 1130 11.62 23.54 -4.88
C GLY A 1130 12.41 23.12 -6.11
N GLU A 1131 11.73 23.20 -7.26
CA GLU A 1131 12.35 22.80 -8.52
C GLU A 1131 13.49 23.73 -8.91
N GLU A 1132 13.37 25.01 -8.57
CA GLU A 1132 14.31 26.01 -9.07
C GLU A 1132 15.66 25.91 -8.39
N VAL A 1133 15.74 25.27 -7.23
CA VAL A 1133 16.98 25.16 -6.47
C VAL A 1133 17.51 23.74 -6.59
N THR A 1134 18.81 23.61 -6.85
CA THR A 1134 19.42 22.30 -6.97
C THR A 1134 19.32 21.54 -5.66
N CYS A 1135 18.81 20.32 -5.72
CA CYS A 1135 18.63 19.50 -4.54
C CYS A 1135 19.92 18.74 -4.26
N ARG A 1136 20.45 18.93 -3.06
CA ARG A 1136 21.67 18.25 -2.62
C ARG A 1136 21.39 17.62 -1.25
N GLY A 1137 22.16 16.60 -0.91
CA GLY A 1137 21.87 15.78 0.24
C GLY A 1137 23.06 15.60 1.16
N ARG A 1138 22.79 14.97 2.30
CA ARG A 1138 23.80 14.63 3.29
C ARG A 1138 23.65 13.15 3.65
N ILE A 1139 24.77 12.53 4.00
CA ILE A 1139 24.79 11.19 4.56
C ILE A 1139 25.16 11.31 6.02
N LEU A 1140 24.29 10.80 6.89
CA LEU A 1140 24.52 10.82 8.33
C LEU A 1140 24.72 9.39 8.81
N ILE A 1141 25.87 9.14 9.42
CA ILE A 1141 26.16 7.85 10.05
C ILE A 1141 26.28 8.09 11.54
N MET A 1142 25.39 7.48 12.32
CA MET A 1142 25.34 7.67 13.76
C MET A 1142 25.56 6.35 14.47
N ASP A 1143 26.23 6.41 15.61
CA ASP A 1143 26.41 5.26 16.49
C ASP A 1143 25.72 5.56 17.80
N VAL A 1144 24.97 4.59 18.32
CA VAL A 1144 24.39 4.71 19.66
C VAL A 1144 25.38 4.12 20.65
N ILE A 1145 25.83 4.93 21.60
CA ILE A 1145 26.90 4.57 22.52
C ILE A 1145 26.32 4.45 23.92
N GLU A 1146 26.98 3.66 24.76
CA GLU A 1146 26.60 3.59 26.17
C GLU A 1146 27.36 4.65 26.95
N VAL A 1147 26.62 5.43 27.76
CA VAL A 1147 27.21 6.42 28.63
C VAL A 1147 26.60 6.27 30.02
N VAL A 1148 27.25 6.86 31.00
CA VAL A 1148 26.69 6.86 32.36
C VAL A 1148 25.42 7.71 32.37
N PRO A 1149 24.29 7.19 32.84
CA PRO A 1149 23.05 7.95 32.77
C PRO A 1149 23.07 9.18 33.68
N GLU A 1150 22.33 10.20 33.25
CA GLU A 1150 22.16 11.39 34.07
C GLU A 1150 21.45 11.02 35.38
N PRO A 1151 21.87 11.59 36.51
CA PRO A 1151 21.23 11.24 37.79
C PRO A 1151 19.72 11.50 37.75
N GLY A 1152 18.96 10.51 38.21
CA GLY A 1152 17.52 10.57 38.16
C GLY A 1152 16.92 10.25 36.81
N GLN A 1153 17.74 9.91 35.82
CA GLN A 1153 17.28 9.61 34.46
C GLN A 1153 18.01 8.36 33.98
N PRO A 1154 17.53 7.17 34.37
CA PRO A 1154 18.19 5.93 33.91
C PRO A 1154 18.09 5.73 32.41
N LEU A 1155 17.16 6.41 31.74
CA LEU A 1155 16.98 6.25 30.31
C LEU A 1155 18.08 6.93 29.50
N THR A 1156 18.85 7.82 30.13
CA THR A 1156 19.87 8.60 29.45
C THR A 1156 21.21 7.86 29.36
N LYS A 1157 21.20 6.53 29.49
CA LYS A 1157 22.41 5.76 29.28
C LYS A 1157 22.77 5.63 27.80
N ASN A 1158 21.90 6.05 26.90
CA ASN A 1158 22.10 5.92 25.47
C ASN A 1158 22.05 7.28 24.81
N LYS A 1159 22.88 7.47 23.78
CA LYS A 1159 23.06 8.77 23.16
C LYS A 1159 23.61 8.58 21.76
N PHE A 1160 23.20 9.45 20.84
CA PHE A 1160 23.75 9.42 19.50
C PHE A 1160 25.23 9.81 19.50
N LYS A 1161 25.98 9.21 18.58
CA LYS A 1161 27.33 9.65 18.27
C LYS A 1161 27.43 9.77 16.76
N VAL A 1162 27.47 11.01 16.27
CA VAL A 1162 27.47 11.28 14.83
C VAL A 1162 28.91 11.16 14.35
N LEU A 1163 29.23 10.01 13.76
CA LEU A 1163 30.58 9.79 13.23
C LEU A 1163 30.78 10.51 11.91
N TYR A 1164 29.75 10.56 11.07
CA TYR A 1164 29.84 11.14 9.75
C TYR A 1164 28.58 11.93 9.44
N GLU A 1165 28.75 13.19 9.06
CA GLU A 1165 27.65 14.02 8.58
C GLU A 1165 28.23 15.03 7.60
N LYS A 1166 28.18 14.71 6.32
CA LYS A 1166 28.80 15.56 5.31
C LYS A 1166 27.85 15.73 4.13
N GLU A 1167 28.02 16.86 3.46
CA GLU A 1167 27.22 17.21 2.29
C GLU A 1167 27.70 16.40 1.10
N GLN A 1168 26.76 15.80 0.37
CA GLN A 1168 27.09 15.00 -0.80
C GLN A 1168 26.93 15.80 -2.08
N LYS A 1169 27.46 15.25 -3.17
CA LYS A 1169 27.41 15.90 -4.47
C LYS A 1169 26.14 15.51 -5.22
N GLY A 1170 25.00 15.70 -4.54
CA GLY A 1170 23.72 15.35 -5.09
C GLY A 1170 22.77 14.89 -4.02
N PRO A 1171 21.51 14.63 -4.40
CA PRO A 1171 20.52 14.19 -3.42
C PRO A 1171 20.73 12.74 -3.03
N VAL A 1172 20.71 12.47 -1.73
CA VAL A 1172 20.86 11.13 -1.20
C VAL A 1172 19.46 10.54 -1.08
N THR A 1173 19.12 9.62 -1.98
CA THR A 1173 17.75 9.14 -2.09
C THR A 1173 17.55 7.73 -1.57
N ALA A 1174 18.61 6.92 -1.51
CA ALA A 1174 18.50 5.57 -0.99
C ALA A 1174 19.82 5.18 -0.35
N LEU A 1175 19.74 4.31 0.65
CA LEU A 1175 20.90 3.85 1.39
C LEU A 1175 20.83 2.34 1.53
N CYS A 1176 21.99 1.72 1.64
CA CYS A 1176 22.10 0.27 1.75
C CYS A 1176 23.52 -0.05 2.19
N HIS A 1177 23.73 -1.30 2.61
CA HIS A 1177 25.06 -1.80 2.93
C HIS A 1177 25.32 -3.07 2.16
N CYS A 1178 26.56 -3.25 1.72
CA CYS A 1178 26.95 -4.41 0.91
C CYS A 1178 28.34 -4.86 1.36
N ASN A 1179 28.38 -5.97 2.10
CA ASN A 1179 29.64 -6.58 2.55
C ASN A 1179 30.49 -5.60 3.34
N GLY A 1180 29.86 -4.90 4.29
CA GLY A 1180 30.58 -3.96 5.11
C GLY A 1180 30.82 -2.60 4.48
N HIS A 1181 30.32 -2.38 3.27
CA HIS A 1181 30.45 -1.10 2.59
C HIS A 1181 29.10 -0.40 2.57
N LEU A 1182 29.12 0.92 2.63
CA LEU A 1182 27.89 1.69 2.54
C LEU A 1182 27.57 1.98 1.08
N VAL A 1183 26.34 1.66 0.69
CA VAL A 1183 25.87 1.87 -0.68
C VAL A 1183 24.84 2.99 -0.65
N SER A 1184 25.08 4.03 -1.44
CA SER A 1184 24.22 5.21 -1.44
C SER A 1184 23.82 5.55 -2.88
N ALA A 1185 22.54 5.84 -3.07
CA ALA A 1185 22.05 6.37 -4.35
C ALA A 1185 22.09 7.89 -4.24
N ILE A 1186 23.06 8.51 -4.91
CA ILE A 1186 23.23 9.96 -4.90
C ILE A 1186 22.93 10.44 -6.31
N GLY A 1187 21.76 11.07 -6.48
CA GLY A 1187 21.36 11.49 -7.80
C GLY A 1187 21.11 10.29 -8.70
N GLN A 1188 21.59 10.38 -9.93
CA GLN A 1188 21.43 9.31 -10.91
C GLN A 1188 22.62 8.36 -10.92
N LYS A 1189 23.32 8.24 -9.80
CA LYS A 1189 24.41 7.30 -9.63
C LYS A 1189 24.24 6.57 -8.30
N ILE A 1190 24.76 5.36 -8.23
CA ILE A 1190 24.81 4.57 -6.99
C ILE A 1190 26.27 4.43 -6.61
N PHE A 1191 26.62 4.89 -5.42
CA PHE A 1191 27.99 4.88 -4.93
C PHE A 1191 28.16 3.84 -3.84
N LEU A 1192 29.37 3.30 -3.76
CA LEU A 1192 29.75 2.35 -2.72
C LEU A 1192 30.91 2.94 -1.95
N TRP A 1193 30.75 3.06 -0.62
CA TRP A 1193 31.70 3.74 0.22
C TRP A 1193 32.33 2.80 1.23
N SER A 1194 33.55 3.11 1.62
CA SER A 1194 34.24 2.45 2.72
C SER A 1194 34.36 3.44 3.87
N LEU A 1195 33.94 3.02 5.06
CA LEU A 1195 33.95 3.89 6.23
C LEU A 1195 35.29 3.76 6.94
N ARG A 1196 36.08 4.83 6.88
CA ARG A 1196 37.32 4.93 7.64
C ARG A 1196 37.00 5.38 9.06
N ALA A 1197 38.00 5.87 9.80
CA ALA A 1197 37.76 6.30 11.16
C ALA A 1197 36.61 7.28 11.26
N SER A 1198 36.65 8.34 10.45
CA SER A 1198 35.54 9.29 10.41
C SER A 1198 35.27 9.80 9.00
N GLU A 1199 35.76 9.12 7.97
CA GLU A 1199 35.64 9.57 6.59
C GLU A 1199 35.06 8.45 5.73
N LEU A 1200 34.32 8.85 4.70
CA LEU A 1200 33.77 7.94 3.72
C LEU A 1200 34.62 8.01 2.46
N THR A 1201 35.09 6.85 2.00
CA THR A 1201 35.98 6.77 0.85
C THR A 1201 35.24 6.14 -0.31
N GLY A 1202 35.24 6.83 -1.45
CA GLY A 1202 34.59 6.32 -2.64
C GLY A 1202 35.28 5.07 -3.14
N MET A 1203 34.52 3.99 -3.32
CA MET A 1203 35.09 2.73 -3.77
C MET A 1203 34.74 2.46 -5.23
N ALA A 1204 33.46 2.57 -5.57
CA ALA A 1204 32.99 2.35 -6.94
C ALA A 1204 31.66 3.04 -7.11
N PHE A 1205 31.24 3.20 -8.37
CA PHE A 1205 29.88 3.66 -8.64
C PHE A 1205 29.39 3.03 -9.93
N ILE A 1206 28.12 3.22 -10.21
CA ILE A 1206 27.53 2.86 -11.49
C ILE A 1206 26.44 3.87 -11.81
N ASP A 1207 26.24 4.13 -13.10
CA ASP A 1207 25.17 5.02 -13.53
C ASP A 1207 23.84 4.29 -13.40
N THR A 1208 22.85 4.93 -12.81
CA THR A 1208 21.56 4.31 -12.58
C THR A 1208 20.44 5.14 -13.23
N GLN A 1209 19.20 4.78 -12.92
CA GLN A 1209 18.02 5.35 -13.57
C GLN A 1209 17.64 6.71 -13.01
N LEU A 1210 16.39 7.14 -13.30
CA LEU A 1210 15.91 8.45 -12.88
C LEU A 1210 16.13 8.71 -11.40
N TYR A 1211 15.52 7.88 -10.55
CA TYR A 1211 15.50 8.17 -9.11
C TYR A 1211 15.40 6.83 -8.39
N ILE A 1212 16.48 6.46 -7.69
CA ILE A 1212 16.50 5.23 -6.91
C ILE A 1212 16.03 5.56 -5.50
N HIS A 1213 14.85 5.08 -5.13
CA HIS A 1213 14.30 5.34 -3.82
C HIS A 1213 14.42 4.18 -2.86
N GLN A 1214 14.93 3.03 -3.32
CA GLN A 1214 15.02 1.86 -2.46
C GLN A 1214 16.12 0.95 -2.96
N MET A 1215 17.02 0.55 -2.06
CA MET A 1215 18.02 -0.45 -2.35
C MET A 1215 18.06 -1.46 -1.23
N ILE A 1216 18.20 -2.74 -1.58
CA ILE A 1216 18.43 -3.81 -0.62
C ILE A 1216 19.49 -4.74 -1.22
N SER A 1217 20.31 -5.31 -0.33
CA SER A 1217 21.44 -6.09 -0.78
C SER A 1217 21.45 -7.45 -0.10
N VAL A 1218 21.89 -8.45 -0.85
CA VAL A 1218 22.20 -9.77 -0.31
C VAL A 1218 23.58 -10.16 -0.81
N LYS A 1219 24.47 -10.49 0.13
CA LYS A 1219 25.86 -10.83 -0.17
C LYS A 1219 26.48 -9.66 -0.94
N ASN A 1220 26.98 -9.87 -2.15
CA ASN A 1220 27.59 -8.80 -2.95
C ASN A 1220 26.67 -8.36 -4.08
N PHE A 1221 25.37 -8.53 -3.89
CA PHE A 1221 24.37 -8.19 -4.89
C PHE A 1221 23.46 -7.11 -4.32
N ILE A 1222 23.17 -6.09 -5.13
CA ILE A 1222 22.33 -4.97 -4.72
C ILE A 1222 21.11 -4.93 -5.64
N LEU A 1223 19.93 -4.87 -5.05
CA LEU A 1223 18.68 -4.72 -5.78
C LEU A 1223 18.19 -3.28 -5.60
N ALA A 1224 18.23 -2.50 -6.67
CA ALA A 1224 17.88 -1.09 -6.64
C ALA A 1224 16.54 -0.89 -7.32
N ALA A 1225 15.63 -0.20 -6.63
CA ALA A 1225 14.30 0.09 -7.15
C ALA A 1225 14.23 1.54 -7.62
N ASP A 1226 13.69 1.74 -8.82
CA ASP A 1226 13.52 3.08 -9.37
C ASP A 1226 12.07 3.52 -9.22
N VAL A 1227 11.89 4.84 -9.14
CA VAL A 1227 10.55 5.39 -8.93
C VAL A 1227 9.65 5.09 -10.12
N MET A 1228 10.19 5.12 -11.32
CA MET A 1228 9.37 4.90 -12.51
C MET A 1228 9.88 3.79 -13.39
N LYS A 1229 11.20 3.59 -13.47
CA LYS A 1229 11.71 2.69 -14.51
C LYS A 1229 11.46 1.24 -14.15
N SER A 1230 12.21 0.71 -13.17
CA SER A 1230 11.97 -0.63 -12.62
C SER A 1230 13.00 -0.95 -11.55
N ILE A 1231 13.03 -2.21 -11.13
CA ILE A 1231 14.10 -2.71 -10.28
C ILE A 1231 15.32 -3.06 -11.13
N SER A 1232 16.49 -2.97 -10.51
CA SER A 1232 17.75 -3.33 -11.14
C SER A 1232 18.52 -4.26 -10.21
N LEU A 1233 19.34 -5.13 -10.79
CA LEU A 1233 20.20 -6.03 -10.04
C LEU A 1233 21.65 -5.65 -10.30
N LEU A 1234 22.39 -5.39 -9.22
CA LEU A 1234 23.78 -4.97 -9.31
C LEU A 1234 24.63 -5.91 -8.47
N ARG A 1235 25.87 -6.12 -8.91
CA ARG A 1235 26.84 -6.88 -8.15
C ARG A 1235 28.09 -6.04 -7.93
N TYR A 1236 28.75 -6.28 -6.80
CA TYR A 1236 30.01 -5.63 -6.49
C TYR A 1236 31.08 -6.71 -6.37
N GLN A 1237 32.21 -6.51 -7.02
CA GLN A 1237 33.35 -7.40 -6.91
C GLN A 1237 34.38 -6.75 -5.99
N GLU A 1238 34.80 -7.50 -4.97
CA GLU A 1238 35.76 -6.98 -4.01
C GLU A 1238 37.16 -6.92 -4.60
N GLU A 1239 37.57 -7.95 -5.33
CA GLU A 1239 38.94 -8.03 -5.82
C GLU A 1239 39.25 -6.90 -6.80
N SER A 1240 38.32 -6.60 -7.69
CA SER A 1240 38.40 -5.42 -8.55
C SER A 1240 37.21 -4.54 -8.19
N LYS A 1241 37.50 -3.31 -7.73
CA LYS A 1241 36.47 -2.47 -7.13
C LYS A 1241 35.53 -1.98 -8.23
N THR A 1242 34.71 -2.92 -8.73
CA THR A 1242 33.80 -2.64 -9.83
C THR A 1242 32.37 -2.93 -9.40
N LEU A 1243 31.48 -1.99 -9.69
CA LEU A 1243 30.06 -2.12 -9.47
C LEU A 1243 29.39 -2.20 -10.83
N SER A 1244 28.71 -3.31 -11.10
CA SER A 1244 28.18 -3.58 -12.43
C SER A 1244 26.71 -3.94 -12.36
N LEU A 1245 26.06 -3.87 -13.51
CA LEU A 1245 24.65 -4.22 -13.65
C LEU A 1245 24.54 -5.65 -14.14
N VAL A 1246 24.09 -6.54 -13.26
CA VAL A 1246 23.87 -7.94 -13.66
C VAL A 1246 22.70 -8.03 -14.62
N SER A 1247 21.58 -7.41 -14.26
CA SER A 1247 20.34 -7.52 -15.01
C SER A 1247 19.39 -6.45 -14.54
N ARG A 1248 18.33 -6.22 -15.32
CA ARG A 1248 17.30 -5.27 -14.94
C ARG A 1248 16.02 -5.62 -15.67
N ASP A 1249 14.91 -5.11 -15.14
CA ASP A 1249 13.61 -5.27 -15.77
C ASP A 1249 13.40 -4.12 -16.74
N ALA A 1250 13.26 -4.44 -18.03
CA ALA A 1250 13.19 -3.40 -19.05
C ALA A 1250 11.85 -2.68 -19.04
N LYS A 1251 10.79 -3.38 -18.67
CA LYS A 1251 9.47 -2.78 -18.70
C LYS A 1251 9.34 -1.68 -17.64
N PRO A 1252 8.54 -0.65 -17.88
CA PRO A 1252 8.30 0.36 -16.84
C PRO A 1252 7.53 -0.24 -15.66
N LEU A 1253 7.80 0.30 -14.48
CA LEU A 1253 7.15 -0.16 -13.26
C LEU A 1253 7.35 0.87 -12.18
N GLU A 1254 6.26 1.34 -11.59
CA GLU A 1254 6.33 2.27 -10.46
C GLU A 1254 6.38 1.44 -9.19
N VAL A 1255 7.59 1.16 -8.74
CA VAL A 1255 7.87 0.25 -7.64
C VAL A 1255 7.65 0.97 -6.32
N TYR A 1256 7.05 0.28 -5.35
CA TYR A 1256 6.98 0.82 -4.00
C TYR A 1256 8.18 0.40 -3.17
N SER A 1257 8.39 -0.91 -3.03
CA SER A 1257 9.49 -1.42 -2.23
C SER A 1257 9.95 -2.76 -2.80
N VAL A 1258 11.17 -3.15 -2.45
CA VAL A 1258 11.77 -4.36 -2.96
C VAL A 1258 12.36 -5.18 -1.81
N ASP A 1259 12.24 -6.50 -1.92
CA ASP A 1259 12.84 -7.43 -0.98
C ASP A 1259 13.36 -8.63 -1.75
N PHE A 1260 13.65 -9.69 -1.01
CA PHE A 1260 14.17 -10.93 -1.57
C PHE A 1260 13.25 -12.08 -1.21
N MET A 1261 13.03 -12.98 -2.15
CA MET A 1261 12.41 -14.27 -1.87
C MET A 1261 13.51 -15.31 -1.84
N VAL A 1262 13.66 -16.01 -0.73
CA VAL A 1262 14.78 -16.92 -0.52
C VAL A 1262 14.25 -18.35 -0.50
N ASP A 1263 14.87 -19.20 -1.30
CA ASP A 1263 14.64 -20.64 -1.32
C ASP A 1263 15.94 -21.34 -0.90
N ASN A 1264 15.97 -22.66 -1.07
CA ASN A 1264 17.18 -23.40 -0.75
C ASN A 1264 18.34 -22.93 -1.63
N ALA A 1265 18.08 -22.67 -2.90
CA ALA A 1265 19.09 -22.09 -3.78
C ALA A 1265 18.53 -21.00 -4.69
N GLN A 1266 17.22 -20.85 -4.81
CA GLN A 1266 16.61 -19.87 -5.69
C GLN A 1266 16.42 -18.55 -4.97
N LEU A 1267 16.87 -17.47 -5.60
CA LEU A 1267 16.70 -16.12 -5.07
C LEU A 1267 15.76 -15.36 -5.98
N GLY A 1268 14.66 -14.88 -5.42
CA GLY A 1268 13.69 -14.08 -6.14
C GLY A 1268 13.68 -12.65 -5.62
N PHE A 1269 13.46 -11.71 -6.53
CA PHE A 1269 13.41 -10.30 -6.17
C PHE A 1269 11.95 -9.88 -6.08
N LEU A 1270 11.44 -9.78 -4.86
CA LEU A 1270 10.04 -9.45 -4.62
C LEU A 1270 9.85 -7.94 -4.75
N VAL A 1271 8.85 -7.54 -5.53
CA VAL A 1271 8.64 -6.15 -5.91
C VAL A 1271 7.21 -5.76 -5.56
N SER A 1272 7.05 -4.60 -4.93
CA SER A 1272 5.74 -4.02 -4.67
C SER A 1272 5.48 -2.93 -5.69
N ASP A 1273 4.20 -2.75 -6.03
CA ASP A 1273 3.82 -1.92 -7.16
C ASP A 1273 2.72 -0.94 -6.75
N ARG A 1274 2.59 0.14 -7.53
CA ARG A 1274 1.53 1.11 -7.29
C ARG A 1274 0.15 0.51 -7.50
N ASP A 1275 0.01 -0.41 -8.44
CA ASP A 1275 -1.26 -1.05 -8.71
C ASP A 1275 -1.59 -2.14 -7.70
N ARG A 1276 -0.89 -2.15 -6.57
CA ARG A 1276 -1.12 -3.11 -5.49
C ARG A 1276 -0.89 -4.53 -5.98
N ASN A 1277 0.30 -4.75 -6.52
CA ASN A 1277 0.69 -6.07 -7.00
C ASN A 1277 2.00 -6.48 -6.37
N LEU A 1278 2.17 -7.78 -6.21
CA LEU A 1278 3.43 -8.37 -5.77
C LEU A 1278 4.00 -9.16 -6.93
N MET A 1279 5.23 -8.85 -7.31
CA MET A 1279 5.92 -9.56 -8.39
C MET A 1279 7.21 -10.14 -7.87
N VAL A 1280 7.51 -11.37 -8.29
CA VAL A 1280 8.78 -12.01 -8.00
C VAL A 1280 9.56 -12.10 -9.30
N TYR A 1281 10.75 -11.54 -9.31
CA TYR A 1281 11.64 -11.60 -10.46
C TYR A 1281 12.79 -12.55 -10.19
N MET A 1282 13.25 -13.22 -11.25
CA MET A 1282 14.35 -14.16 -11.14
C MET A 1282 15.38 -13.84 -12.21
N TYR A 1283 16.65 -14.02 -11.84
CA TYR A 1283 17.75 -13.87 -12.78
C TYR A 1283 18.01 -15.23 -13.43
N LEU A 1284 17.66 -15.35 -14.72
CA LEU A 1284 17.72 -16.62 -15.44
C LEU A 1284 18.53 -16.41 -16.73
N PRO A 1285 19.85 -16.41 -16.64
CA PRO A 1285 20.68 -16.17 -17.84
C PRO A 1285 20.49 -17.20 -18.93
N GLU A 1286 20.22 -18.46 -18.59
CA GLU A 1286 20.06 -19.49 -19.62
C GLU A 1286 18.66 -19.53 -20.22
N ALA A 1287 17.69 -18.88 -19.59
CA ALA A 1287 16.35 -18.81 -20.16
C ALA A 1287 16.35 -17.95 -21.40
N LYS A 1288 15.59 -18.36 -22.41
CA LYS A 1288 15.54 -17.62 -23.67
C LYS A 1288 14.86 -16.27 -23.51
N GLU A 1289 13.85 -16.18 -22.64
CA GLU A 1289 13.10 -14.93 -22.49
C GLU A 1289 14.00 -13.79 -22.03
N SER A 1290 14.92 -14.06 -21.11
CA SER A 1290 16.03 -13.15 -20.89
C SER A 1290 17.01 -13.27 -22.03
N PHE A 1291 17.33 -12.16 -22.66
CA PHE A 1291 18.09 -12.21 -23.90
C PHE A 1291 19.47 -12.85 -23.68
N GLY A 1292 20.21 -12.33 -22.71
CA GLY A 1292 21.46 -12.95 -22.32
C GLY A 1292 21.62 -12.92 -20.82
N GLY A 1293 20.51 -12.97 -20.10
CA GLY A 1293 20.49 -12.65 -18.70
C GLY A 1293 20.42 -11.18 -18.39
N MET A 1294 20.27 -10.33 -19.41
CA MET A 1294 20.17 -8.89 -19.20
C MET A 1294 18.73 -8.44 -18.93
N ARG A 1295 17.76 -9.35 -19.01
CA ARG A 1295 16.39 -9.07 -18.64
C ARG A 1295 16.03 -9.88 -17.40
N LEU A 1296 15.50 -9.21 -16.38
CA LEU A 1296 14.93 -9.91 -15.25
C LEU A 1296 13.51 -10.36 -15.60
N LEU A 1297 13.20 -11.61 -15.30
CA LEU A 1297 11.94 -12.23 -15.69
C LEU A 1297 11.08 -12.41 -14.46
N ARG A 1298 9.84 -11.95 -14.52
CA ARG A 1298 8.91 -12.19 -13.42
C ARG A 1298 8.41 -13.63 -13.48
N ARG A 1299 8.47 -14.31 -12.34
CA ARG A 1299 8.14 -15.72 -12.26
C ARG A 1299 6.94 -15.99 -11.37
N ALA A 1300 6.48 -15.01 -10.61
CA ALA A 1300 5.30 -15.17 -9.78
C ALA A 1300 4.57 -13.84 -9.72
N ASP A 1301 3.25 -13.89 -9.75
CA ASP A 1301 2.41 -12.71 -9.73
C ASP A 1301 1.33 -12.87 -8.67
N PHE A 1302 1.00 -11.76 -8.01
CA PHE A 1302 -0.07 -11.76 -7.03
C PHE A 1302 -0.54 -10.34 -6.82
N HIS A 1303 -1.84 -10.14 -6.81
CA HIS A 1303 -2.43 -8.84 -6.51
C HIS A 1303 -2.89 -8.86 -5.06
N VAL A 1304 -2.04 -8.37 -4.16
CA VAL A 1304 -2.48 -8.01 -2.82
C VAL A 1304 -3.36 -6.77 -2.93
N GLY A 1305 -4.41 -6.71 -2.13
CA GLY A 1305 -5.32 -5.59 -2.27
C GLY A 1305 -4.76 -4.26 -1.81
N ALA A 1306 -3.52 -4.23 -1.32
CA ALA A 1306 -3.00 -3.07 -0.64
C ALA A 1306 -1.60 -2.72 -1.13
N HIS A 1307 -1.22 -1.47 -0.92
CA HIS A 1307 0.14 -1.02 -1.19
C HIS A 1307 1.08 -1.51 -0.10
N VAL A 1308 2.29 -1.88 -0.50
CA VAL A 1308 3.32 -2.37 0.42
C VAL A 1308 4.55 -1.47 0.28
N ASN A 1309 4.98 -0.90 1.40
CA ASN A 1309 6.16 -0.05 1.41
C ASN A 1309 7.32 -0.60 2.22
N THR A 1310 7.10 -1.58 3.08
CA THR A 1310 8.16 -2.11 3.91
C THR A 1310 8.15 -3.63 3.86
N PHE A 1311 9.35 -4.21 3.90
CA PHE A 1311 9.54 -5.64 3.81
C PHE A 1311 10.50 -6.10 4.89
N TRP A 1312 10.33 -7.33 5.34
CA TRP A 1312 11.30 -7.98 6.21
C TRP A 1312 11.08 -9.48 6.10
N ARG A 1313 12.13 -10.26 6.33
CA ARG A 1313 12.04 -11.70 6.17
C ARG A 1313 12.64 -12.43 7.36
N THR A 1314 12.03 -13.54 7.74
CA THR A 1314 12.44 -14.41 8.83
C THR A 1314 12.55 -15.83 8.32
N PRO A 1315 13.38 -16.66 8.95
CA PRO A 1315 13.41 -18.07 8.58
C PRO A 1315 12.14 -18.79 9.00
N CYS A 1316 11.84 -19.88 8.30
CA CYS A 1316 10.71 -20.72 8.68
C CYS A 1316 11.00 -21.41 10.00
N ARG A 1317 9.96 -21.56 10.81
CA ARG A 1317 10.09 -22.21 12.11
C ARG A 1317 10.31 -23.72 11.98
N VAL A 1329 12.25 -29.69 4.16
CA VAL A 1329 11.21 -29.05 3.37
C VAL A 1329 11.35 -27.53 3.48
N TRP A 1330 11.65 -27.05 4.68
CA TRP A 1330 11.86 -25.63 4.94
C TRP A 1330 13.28 -25.38 5.43
N GLU A 1331 14.24 -26.10 4.85
CA GLU A 1331 15.60 -26.06 5.38
C GLU A 1331 16.23 -24.68 5.22
N ASN A 1332 16.15 -24.11 4.02
CA ASN A 1332 16.75 -22.81 3.75
C ASN A 1332 15.76 -21.79 3.21
N LYS A 1333 14.46 -21.99 3.42
CA LYS A 1333 13.46 -21.04 2.98
C LYS A 1333 13.30 -19.93 4.02
N HIS A 1334 13.00 -18.74 3.53
CA HIS A 1334 12.71 -17.59 4.39
C HIS A 1334 11.35 -17.03 4.05
N ILE A 1335 10.56 -16.74 5.08
CA ILE A 1335 9.27 -16.09 4.91
C ILE A 1335 9.49 -14.60 4.75
N THR A 1336 8.99 -14.02 3.66
CA THR A 1336 9.07 -12.59 3.44
C THR A 1336 7.79 -11.95 3.96
N TRP A 1337 7.91 -11.13 5.00
CA TRP A 1337 6.79 -10.43 5.59
C TRP A 1337 6.71 -9.01 5.04
N PHE A 1338 5.52 -8.44 5.10
CA PHE A 1338 5.34 -7.05 4.68
C PHE A 1338 4.18 -6.44 5.44
N ALA A 1339 4.28 -5.15 5.67
CA ALA A 1339 3.21 -4.36 6.26
C ALA A 1339 2.63 -3.44 5.20
N THR A 1340 1.32 -3.45 5.07
CA THR A 1340 0.67 -2.69 4.01
C THR A 1340 0.34 -1.28 4.47
N LEU A 1341 0.17 -0.39 3.49
CA LEU A 1341 -0.21 1.00 3.78
C LEU A 1341 -1.64 1.11 4.26
N ASP A 1342 -2.38 0.01 4.33
CA ASP A 1342 -3.73 -0.01 4.87
C ASP A 1342 -3.78 -0.67 6.24
N GLY A 1343 -2.64 -0.81 6.92
CA GLY A 1343 -2.59 -1.31 8.27
C GLY A 1343 -2.53 -2.81 8.43
N GLY A 1344 -2.34 -3.56 7.36
CA GLY A 1344 -2.29 -5.00 7.43
C GLY A 1344 -0.87 -5.54 7.38
N ILE A 1345 -0.73 -6.81 7.75
CA ILE A 1345 0.53 -7.53 7.64
C ILE A 1345 0.28 -8.79 6.83
N GLY A 1346 1.09 -9.01 5.81
CA GLY A 1346 0.95 -10.16 4.95
C GLY A 1346 2.25 -10.94 4.83
N LEU A 1347 2.14 -12.12 4.25
CA LEU A 1347 3.26 -13.05 4.15
C LEU A 1347 3.43 -13.47 2.71
N LEU A 1348 4.62 -13.99 2.40
CA LEU A 1348 4.86 -14.65 1.13
C LEU A 1348 5.81 -15.80 1.43
N LEU A 1349 5.24 -17.01 1.60
CA LEU A 1349 6.02 -18.16 2.03
C LEU A 1349 6.35 -19.05 0.84
N PRO A 1350 7.62 -19.32 0.58
CA PRO A 1350 7.97 -20.18 -0.54
C PRO A 1350 7.41 -21.58 -0.39
N MET A 1351 7.11 -22.22 -1.52
CA MET A 1351 6.43 -23.50 -1.55
C MET A 1351 7.12 -24.43 -2.54
N GLN A 1352 7.00 -25.73 -2.29
CA GLN A 1352 7.43 -26.73 -3.23
C GLN A 1352 6.43 -26.83 -4.39
N GLU A 1353 6.93 -27.30 -5.53
CA GLU A 1353 6.10 -27.32 -6.73
C GLU A 1353 4.93 -28.30 -6.60
N LYS A 1354 5.18 -29.49 -6.04
CA LYS A 1354 4.11 -30.47 -5.91
C LYS A 1354 3.01 -29.99 -4.97
N THR A 1355 3.41 -29.46 -3.82
CA THR A 1355 2.43 -28.93 -2.88
C THR A 1355 1.69 -27.74 -3.48
N TYR A 1356 2.40 -26.92 -4.26
CA TYR A 1356 1.76 -25.81 -4.95
C TYR A 1356 0.70 -26.30 -5.93
N ARG A 1357 1.00 -27.35 -6.69
CA ARG A 1357 0.03 -27.86 -7.66
C ARG A 1357 -1.18 -28.44 -6.94
N ARG A 1358 -0.96 -29.19 -5.86
CA ARG A 1358 -2.08 -29.73 -5.09
C ARG A 1358 -2.97 -28.62 -4.55
N LEU A 1359 -2.36 -27.63 -3.88
CA LEU A 1359 -3.11 -26.53 -3.33
C LEU A 1359 -3.69 -25.63 -4.41
N LEU A 1360 -3.15 -25.66 -5.62
CA LEU A 1360 -3.72 -24.90 -6.72
C LEU A 1360 -5.00 -25.56 -7.24
N MET A 1361 -5.01 -26.89 -7.31
CA MET A 1361 -6.28 -27.58 -7.60
C MET A 1361 -7.30 -27.29 -6.51
N LEU A 1362 -6.86 -27.33 -5.24
CA LEU A 1362 -7.75 -26.97 -4.14
C LEU A 1362 -8.27 -25.55 -4.29
N GLN A 1363 -7.40 -24.61 -4.67
CA GLN A 1363 -7.78 -23.22 -4.81
C GLN A 1363 -8.80 -23.04 -5.93
N ASN A 1364 -8.61 -23.72 -7.06
CA ASN A 1364 -9.59 -23.67 -8.14
C ASN A 1364 -10.94 -24.21 -7.69
N ALA A 1365 -10.93 -25.32 -6.94
CA ALA A 1365 -12.18 -25.87 -6.43
C ALA A 1365 -12.87 -24.90 -5.49
N LEU A 1366 -12.12 -24.26 -4.60
CA LEU A 1366 -12.72 -23.31 -3.66
C LEU A 1366 -13.26 -22.09 -4.40
N THR A 1367 -12.57 -21.64 -5.45
CA THR A 1367 -13.07 -20.53 -6.24
C THR A 1367 -14.37 -20.87 -6.94
N THR A 1368 -14.43 -22.06 -7.54
CA THR A 1368 -15.60 -22.41 -8.35
C THR A 1368 -16.81 -22.77 -7.49
N MET A 1369 -16.61 -23.58 -6.46
CA MET A 1369 -17.71 -24.26 -5.79
C MET A 1369 -18.16 -23.57 -4.51
N LEU A 1370 -17.64 -22.38 -4.23
CA LEU A 1370 -18.06 -21.73 -2.99
C LEU A 1370 -18.63 -20.35 -3.28
N PRO A 1371 -19.75 -19.99 -2.67
CA PRO A 1371 -20.22 -18.61 -2.75
C PRO A 1371 -19.32 -17.69 -1.94
N HIS A 1372 -19.18 -16.47 -2.42
CA HIS A 1372 -18.30 -15.50 -1.79
C HIS A 1372 -19.05 -14.22 -1.52
N HIS A 1373 -18.57 -13.47 -0.53
CA HIS A 1373 -19.23 -12.22 -0.14
C HIS A 1373 -19.24 -11.25 -1.31
N ALA A 1374 -20.39 -10.63 -1.54
CA ALA A 1374 -20.64 -9.67 -2.62
C ALA A 1374 -20.55 -10.32 -4.00
N GLY A 1375 -20.52 -11.64 -4.08
CA GLY A 1375 -20.39 -12.32 -5.35
C GLY A 1375 -19.06 -12.14 -6.04
N LEU A 1376 -18.05 -11.67 -5.33
CA LEU A 1376 -16.77 -11.37 -5.97
C LEU A 1376 -16.02 -12.64 -6.33
N ASN A 1377 -15.15 -12.52 -7.33
CA ASN A 1377 -14.38 -13.66 -7.82
C ASN A 1377 -13.01 -13.65 -7.15
N PRO A 1378 -12.68 -14.63 -6.32
CA PRO A 1378 -11.33 -14.66 -5.72
C PRO A 1378 -10.21 -14.74 -6.75
N ARG A 1379 -10.41 -15.48 -7.83
CA ARG A 1379 -9.35 -15.64 -8.81
C ARG A 1379 -9.09 -14.35 -9.57
N ALA A 1380 -10.15 -13.63 -9.94
CA ALA A 1380 -9.98 -12.37 -10.65
C ALA A 1380 -9.37 -11.30 -9.76
N PHE A 1381 -9.66 -11.34 -8.46
CA PHE A 1381 -9.12 -10.35 -7.53
C PHE A 1381 -7.61 -10.43 -7.47
N ARG A 1382 -7.05 -11.63 -7.45
CA ARG A 1382 -5.61 -11.81 -7.33
C ARG A 1382 -4.89 -11.80 -8.67
N MET A 1383 -5.61 -11.51 -9.75
CA MET A 1383 -4.99 -11.30 -11.06
C MET A 1383 -4.20 -10.00 -11.07
N LEU A 1384 -3.23 -9.93 -11.97
CA LEU A 1384 -2.25 -8.85 -11.98
C LEU A 1384 -2.82 -7.61 -12.66
N HIS A 1385 -2.93 -6.52 -11.90
CA HIS A 1385 -3.19 -5.14 -12.33
C HIS A 1385 -4.47 -4.96 -13.14
N VAL A 1386 -5.32 -5.98 -13.22
CA VAL A 1386 -6.54 -5.86 -14.03
C VAL A 1386 -7.69 -5.38 -13.17
N ASP A 1387 -7.39 -4.89 -11.98
CA ASP A 1387 -8.42 -4.42 -11.05
C ASP A 1387 -8.55 -2.90 -11.10
N ASN A 1393 0.51 -12.66 -19.66
CA ASN A 1393 1.20 -11.65 -18.88
C ASN A 1393 1.32 -12.07 -17.42
N ALA A 1394 0.18 -12.34 -16.79
CA ALA A 1394 0.16 -12.75 -15.40
C ALA A 1394 0.78 -14.13 -15.24
N VAL A 1395 1.60 -14.30 -14.22
CA VAL A 1395 2.25 -15.57 -13.90
C VAL A 1395 1.72 -16.01 -12.55
N ARG A 1396 0.65 -16.80 -12.56
CA ARG A 1396 -0.01 -17.23 -11.33
C ARG A 1396 0.82 -18.33 -10.68
N ASN A 1397 1.72 -17.93 -9.79
CA ASN A 1397 2.49 -18.89 -9.01
C ASN A 1397 2.44 -18.60 -7.52
N VAL A 1398 1.48 -17.79 -7.08
CA VAL A 1398 1.29 -17.47 -5.67
C VAL A 1398 -0.12 -17.88 -5.28
N LEU A 1399 -0.24 -18.69 -4.25
CA LEU A 1399 -1.54 -19.11 -3.77
C LEU A 1399 -2.13 -18.08 -2.81
N ASP A 1400 -3.45 -18.05 -2.74
CA ASP A 1400 -4.18 -17.14 -1.85
C ASP A 1400 -4.55 -17.92 -0.61
N GLY A 1401 -3.85 -17.66 0.50
CA GLY A 1401 -4.10 -18.39 1.73
C GLY A 1401 -5.42 -18.03 2.38
N GLU A 1402 -5.92 -16.81 2.13
CA GLU A 1402 -7.25 -16.46 2.63
C GLU A 1402 -8.32 -17.31 1.96
N LEU A 1403 -8.16 -17.59 0.67
CA LEU A 1403 -9.06 -18.52 0.00
C LEU A 1403 -8.83 -19.95 0.48
N LEU A 1404 -7.57 -20.33 0.70
CA LEU A 1404 -7.28 -21.68 1.18
C LEU A 1404 -7.80 -21.91 2.60
N ASN A 1405 -7.94 -20.83 3.37
CA ASN A 1405 -8.53 -20.94 4.71
C ASN A 1405 -9.99 -21.37 4.66
N ARG A 1406 -10.66 -21.17 3.51
CA ARG A 1406 -12.04 -21.60 3.38
C ARG A 1406 -12.17 -23.11 3.47
N TYR A 1407 -11.11 -23.85 3.15
CA TYR A 1407 -11.14 -25.29 3.33
C TYR A 1407 -11.22 -25.67 4.80
N LEU A 1408 -10.48 -24.96 5.66
CA LEU A 1408 -10.57 -25.21 7.09
C LEU A 1408 -11.96 -24.88 7.63
N TYR A 1409 -12.63 -23.90 7.02
CA TYR A 1409 -13.95 -23.48 7.47
C TYR A 1409 -15.05 -24.47 7.06
N LEU A 1410 -14.80 -25.32 6.08
CA LEU A 1410 -15.80 -26.26 5.62
C LEU A 1410 -16.01 -27.37 6.65
N SER A 1411 -17.19 -27.98 6.59
CA SER A 1411 -17.45 -29.16 7.40
C SER A 1411 -16.63 -30.34 6.87
N THR A 1412 -16.60 -31.42 7.66
CA THR A 1412 -15.85 -32.60 7.25
C THR A 1412 -16.44 -33.21 5.97
N MET A 1413 -17.76 -33.26 5.86
CA MET A 1413 -18.39 -33.81 4.67
C MET A 1413 -18.07 -32.98 3.44
N GLU A 1414 -18.14 -31.64 3.57
CA GLU A 1414 -17.82 -30.77 2.44
C GLU A 1414 -16.35 -30.89 2.06
N ARG A 1415 -15.47 -30.97 3.06
CA ARG A 1415 -14.05 -31.16 2.78
C ARG A 1415 -13.79 -32.46 2.03
N SER A 1416 -14.44 -33.55 2.46
CA SER A 1416 -14.24 -34.82 1.80
C SER A 1416 -14.78 -34.79 0.37
N GLU A 1417 -15.95 -34.19 0.16
CA GLU A 1417 -16.50 -34.12 -1.18
C GLU A 1417 -15.59 -33.32 -2.11
N LEU A 1418 -15.09 -32.19 -1.64
CA LEU A 1418 -14.20 -31.39 -2.47
C LEU A 1418 -12.88 -32.14 -2.74
N ALA A 1419 -12.39 -32.86 -1.74
CA ALA A 1419 -11.15 -33.61 -1.93
C ALA A 1419 -11.31 -34.72 -2.96
N LYS A 1420 -12.42 -35.45 -2.92
CA LYS A 1420 -12.66 -36.45 -3.95
C LYS A 1420 -12.85 -35.81 -5.33
N LYS A 1421 -13.52 -34.65 -5.39
CA LYS A 1421 -13.67 -33.99 -6.69
C LYS A 1421 -12.34 -33.56 -7.27
N ILE A 1422 -11.40 -33.13 -6.43
CA ILE A 1422 -10.10 -32.72 -6.94
C ILE A 1422 -9.12 -33.89 -6.87
N GLY A 1423 -9.62 -35.08 -6.57
CA GLY A 1423 -8.82 -36.28 -6.63
C GLY A 1423 -7.68 -36.37 -5.65
N THR A 1424 -7.93 -36.06 -4.37
CA THR A 1424 -6.93 -36.21 -3.34
C THR A 1424 -7.62 -36.50 -2.01
N THR A 1425 -6.85 -36.39 -0.92
CA THR A 1425 -7.28 -36.78 0.40
C THR A 1425 -7.42 -35.56 1.31
N PRO A 1426 -8.52 -35.47 2.07
CA PRO A 1426 -8.65 -34.36 3.03
C PRO A 1426 -7.50 -34.31 4.01
N ASP A 1427 -6.97 -35.47 4.42
CA ASP A 1427 -5.82 -35.49 5.32
C ASP A 1427 -4.61 -34.84 4.66
N ILE A 1428 -4.38 -35.12 3.38
CA ILE A 1428 -3.25 -34.53 2.68
C ILE A 1428 -3.41 -33.01 2.56
N ILE A 1429 -4.61 -32.56 2.19
CA ILE A 1429 -4.84 -31.12 2.08
C ILE A 1429 -4.66 -30.45 3.42
N LEU A 1430 -5.21 -31.05 4.48
CA LEU A 1430 -5.08 -30.49 5.82
C LEU A 1430 -3.63 -30.46 6.26
N ASP A 1431 -2.86 -31.49 5.92
CA ASP A 1431 -1.44 -31.50 6.26
C ASP A 1431 -0.72 -30.32 5.61
N ASP A 1432 -0.98 -30.10 4.32
CA ASP A 1432 -0.33 -28.99 3.63
C ASP A 1432 -0.72 -27.65 4.26
N LEU A 1433 -2.02 -27.44 4.48
CA LEU A 1433 -2.49 -26.17 5.01
C LEU A 1433 -1.95 -25.91 6.41
N LEU A 1434 -2.00 -26.93 7.27
CA LEU A 1434 -1.54 -26.77 8.64
C LEU A 1434 -0.03 -26.61 8.71
N GLU A 1435 0.72 -27.23 7.79
CA GLU A 1435 2.15 -26.99 7.75
C GLU A 1435 2.46 -25.56 7.36
N THR A 1436 1.72 -25.01 6.38
CA THR A 1436 1.90 -23.60 6.04
C THR A 1436 1.58 -22.71 7.23
N ASP A 1437 0.53 -23.04 7.98
CA ASP A 1437 0.23 -22.27 9.19
C ASP A 1437 1.33 -22.39 10.24
N ARG A 1438 1.90 -23.59 10.37
CA ARG A 1438 2.87 -23.83 11.45
C ARG A 1438 4.20 -23.14 11.19
N VAL A 1439 4.70 -23.22 9.96
CA VAL A 1439 6.03 -22.66 9.69
C VAL A 1439 6.08 -21.15 9.78
N THR A 1440 4.91 -20.49 9.87
CA THR A 1440 4.82 -19.03 9.87
C THR A 1440 4.31 -18.49 11.20
N ALA A 1441 4.71 -19.11 12.30
CA ALA A 1441 4.22 -18.75 13.63
C ALA A 1441 5.17 -17.82 14.36
N HIS A 1442 5.76 -16.86 13.66
CA HIS A 1442 6.74 -15.96 14.25
C HIS A 1442 6.05 -14.84 15.03
N PHE A 1443 6.87 -14.01 15.69
CA PHE A 1443 6.39 -12.90 16.52
C PHE A 1443 5.40 -13.38 17.58
N GLY B 1 16.49 -8.36 16.15
CA GLY B 1 16.17 -7.88 14.82
C GLY B 1 17.33 -8.08 13.87
N MET B 2 17.57 -7.10 12.98
CA MET B 2 18.72 -7.12 12.10
C MET B 2 18.72 -8.36 11.21
N GLN B 3 17.86 -8.32 10.18
CA GLN B 3 17.59 -9.44 9.28
C GLN B 3 18.82 -10.30 9.03
N GLU B 4 20.00 -9.68 8.90
CA GLU B 4 21.24 -10.44 8.78
C GLU B 4 21.45 -11.38 9.97
N ILE B 5 20.91 -11.06 11.14
CA ILE B 5 21.07 -11.92 12.30
C ILE B 5 20.02 -13.03 12.32
N ILE B 6 18.75 -12.65 12.26
CA ILE B 6 17.68 -13.64 12.38
C ILE B 6 17.60 -14.49 11.11
N ALA B 7 17.76 -13.88 9.94
CA ALA B 7 17.66 -14.58 8.66
C ALA B 7 18.98 -14.44 7.92
N SER B 8 19.93 -15.32 8.24
CA SER B 8 21.24 -15.31 7.62
C SER B 8 21.19 -16.12 6.33
N VAL B 9 21.95 -15.67 5.33
CA VAL B 9 22.03 -16.36 4.04
C VAL B 9 23.45 -16.78 3.69
N ASP B 10 24.40 -16.66 4.61
CA ASP B 10 25.79 -16.98 4.29
C ASP B 10 25.98 -18.46 3.99
N HIS B 11 25.22 -19.32 4.66
CA HIS B 11 25.30 -20.75 4.43
C HIS B 11 24.58 -21.19 3.16
N ILE B 12 23.87 -20.27 2.51
CA ILE B 12 23.13 -20.59 1.29
C ILE B 12 23.96 -20.19 0.07
N LYS B 13 24.10 -21.12 -0.88
CA LYS B 13 24.75 -20.84 -2.15
C LYS B 13 23.67 -20.66 -3.20
N PHE B 14 23.41 -19.41 -3.58
CA PHE B 14 22.32 -19.12 -4.48
C PHE B 14 22.68 -19.48 -5.92
N ASP B 15 21.63 -19.68 -6.74
CA ASP B 15 21.84 -20.05 -8.13
C ASP B 15 22.49 -18.92 -8.93
N LEU B 16 22.02 -17.68 -8.75
CA LEU B 16 22.60 -16.56 -9.48
C LEU B 16 24.03 -16.30 -9.03
N GLU B 17 24.36 -16.67 -7.78
CA GLU B 17 25.74 -16.60 -7.33
C GLU B 17 26.63 -17.51 -8.16
N ILE B 18 26.15 -18.72 -8.44
CA ILE B 18 26.88 -19.65 -9.30
C ILE B 18 26.85 -19.14 -10.75
N ALA B 19 25.73 -18.57 -11.17
CA ALA B 19 25.60 -18.12 -12.56
C ALA B 19 26.60 -17.02 -12.88
N VAL B 20 26.74 -16.02 -12.01
CA VAL B 20 27.68 -14.94 -12.30
C VAL B 20 29.13 -15.40 -12.14
N GLU B 21 29.40 -16.30 -11.19
CA GLU B 21 30.76 -16.80 -11.03
C GLU B 21 31.20 -17.61 -12.24
N GLN B 22 30.31 -18.44 -12.78
CA GLN B 22 30.63 -19.25 -13.95
C GLN B 22 30.32 -18.54 -15.26
N GLN B 23 29.98 -17.25 -15.21
CA GLN B 23 29.70 -16.47 -16.42
C GLN B 23 28.62 -17.13 -17.26
N LEU B 24 27.56 -17.57 -16.57
CA LEU B 24 26.58 -18.47 -17.17
C LEU B 24 25.66 -17.71 -18.13
N GLY B 25 25.40 -18.33 -19.27
CA GLY B 25 24.52 -17.72 -20.26
C GLY B 25 25.02 -16.43 -20.83
N ALA B 26 26.33 -16.23 -20.87
CA ALA B 26 26.93 -14.99 -21.37
C ALA B 26 27.17 -15.15 -22.86
N GLN B 27 26.27 -14.59 -23.66
CA GLN B 27 26.40 -14.67 -25.10
C GLN B 27 27.55 -13.76 -25.56
N PRO B 28 28.24 -14.10 -26.64
CA PRO B 28 29.29 -13.22 -27.16
C PRO B 28 28.74 -11.85 -27.51
N LEU B 29 29.54 -10.84 -27.27
CA LEU B 29 29.13 -9.47 -27.51
C LEU B 29 29.01 -9.22 -29.01
N PRO B 30 27.84 -8.88 -29.53
CA PRO B 30 27.72 -8.57 -30.96
C PRO B 30 28.32 -7.20 -31.26
N PHE B 31 28.42 -6.89 -32.54
CA PHE B 31 28.76 -5.54 -32.97
C PHE B 31 30.08 -5.10 -32.37
N PRO B 32 31.22 -5.63 -32.87
CA PRO B 32 32.51 -5.43 -32.20
C PRO B 32 32.84 -4.00 -31.80
N GLY B 33 32.10 -3.03 -32.33
CA GLY B 33 32.36 -1.64 -31.99
C GLY B 33 32.15 -1.34 -30.51
N MET B 34 31.12 -1.92 -29.91
CA MET B 34 30.72 -1.48 -28.58
C MET B 34 31.67 -2.03 -27.51
N ASP B 35 31.54 -1.48 -26.31
CA ASP B 35 32.47 -1.73 -25.22
C ASP B 35 31.82 -2.24 -23.94
N LYS B 36 30.67 -1.71 -23.57
CA LYS B 36 29.97 -2.12 -22.35
C LYS B 36 30.85 -1.93 -21.12
N SER B 37 31.18 -0.67 -20.84
CA SER B 37 32.06 -0.33 -19.73
C SER B 37 31.37 -0.45 -18.37
N GLY B 38 30.05 -0.59 -18.34
CA GLY B 38 29.34 -0.75 -17.09
C GLY B 38 29.16 -2.20 -16.72
N ALA B 39 29.97 -3.07 -17.33
CA ALA B 39 29.89 -4.51 -17.13
C ALA B 39 30.86 -4.97 -16.05
N ALA B 40 30.68 -6.22 -15.62
CA ALA B 40 31.55 -6.81 -14.62
C ALA B 40 32.91 -7.13 -15.21
N VAL B 41 33.92 -7.23 -14.34
CA VAL B 41 35.24 -7.67 -14.76
C VAL B 41 35.22 -9.17 -15.01
N CYS B 42 35.77 -9.58 -16.15
CA CYS B 42 35.85 -11.01 -16.48
C CYS B 42 36.80 -11.70 -15.53
N GLU B 43 36.25 -12.54 -14.65
CA GLU B 43 37.09 -13.30 -13.74
C GLU B 43 37.81 -14.43 -14.46
N PHE B 44 37.24 -14.94 -15.55
CA PHE B 44 37.92 -15.96 -16.34
C PHE B 44 39.18 -15.40 -16.97
N PHE B 45 39.13 -14.16 -17.45
CA PHE B 45 40.29 -13.53 -18.06
C PHE B 45 41.36 -13.24 -17.02
N LEU B 46 40.98 -13.03 -15.77
CA LEU B 46 41.97 -12.77 -14.73
C LEU B 46 42.77 -14.02 -14.40
N LYS B 47 42.09 -15.17 -14.27
CA LYS B 47 42.78 -16.39 -13.90
C LYS B 47 43.75 -16.83 -14.99
N ALA B 48 43.28 -16.92 -16.23
CA ALA B 48 44.13 -17.34 -17.33
C ALA B 48 43.65 -16.75 -18.65
N ALA B 49 42.91 -17.53 -19.43
CA ALA B 49 42.43 -17.10 -20.73
C ALA B 49 40.91 -17.19 -20.77
N CYS B 50 40.28 -16.15 -21.30
CA CYS B 50 38.83 -16.18 -21.51
C CYS B 50 38.47 -16.85 -22.83
N GLY B 51 39.21 -16.57 -23.89
CA GLY B 51 38.90 -17.09 -25.20
C GLY B 51 38.03 -16.20 -26.05
N LYS B 52 37.78 -14.96 -25.62
CA LYS B 52 36.94 -14.01 -26.36
C LYS B 52 37.63 -12.65 -26.30
N GLY B 53 38.43 -12.35 -27.31
CA GLY B 53 39.14 -11.09 -27.35
C GLY B 53 38.31 -9.98 -27.97
N GLY B 54 37.72 -9.14 -27.12
CA GLY B 54 36.83 -8.09 -27.57
C GLY B 54 35.41 -8.54 -27.79
N MET B 55 35.17 -9.83 -27.94
CA MET B 55 33.84 -10.40 -28.08
C MET B 55 33.21 -10.73 -26.74
N CYS B 56 33.97 -10.63 -25.65
CA CYS B 56 33.45 -10.98 -24.33
C CYS B 56 32.58 -9.84 -23.80
N PRO B 57 31.40 -10.16 -23.26
CA PRO B 57 30.56 -9.09 -22.68
C PRO B 57 31.19 -8.42 -21.47
N PHE B 58 32.17 -9.04 -20.83
CA PHE B 58 32.72 -8.52 -19.60
C PHE B 58 34.08 -7.87 -19.82
N ARG B 59 34.48 -7.05 -18.84
CA ARG B 59 35.66 -6.22 -18.98
C ARG B 59 36.93 -7.03 -18.79
N HIS B 60 37.85 -6.90 -19.74
CA HIS B 60 39.18 -7.49 -19.67
C HIS B 60 40.14 -6.37 -19.27
N ILE B 61 40.46 -6.28 -17.98
CA ILE B 61 41.09 -5.11 -17.43
C ILE B 61 42.60 -5.33 -17.33
N SER B 62 43.32 -4.23 -17.15
CA SER B 62 44.77 -4.24 -17.00
C SER B 62 45.16 -3.32 -15.84
N GLY B 63 46.31 -3.60 -15.24
CA GLY B 63 46.71 -2.91 -14.03
C GLY B 63 47.65 -1.75 -14.21
N GLU B 64 48.00 -1.41 -15.46
CA GLU B 64 48.93 -0.32 -15.69
C GLU B 64 48.28 1.05 -15.56
N LYS B 65 46.95 1.12 -15.61
CA LYS B 65 46.24 2.39 -15.55
C LYS B 65 46.37 3.02 -14.16
N THR B 66 46.61 4.32 -14.12
CA THR B 66 46.82 5.04 -12.87
C THR B 66 45.86 6.21 -12.67
N VAL B 67 45.48 6.89 -13.73
CA VAL B 67 44.59 8.04 -13.65
C VAL B 67 43.18 7.61 -14.02
N VAL B 68 42.19 8.09 -13.27
CA VAL B 68 40.81 7.71 -13.55
C VAL B 68 40.33 8.37 -14.83
N CYS B 69 39.39 7.72 -15.49
CA CYS B 69 38.89 8.19 -16.77
C CYS B 69 37.89 9.33 -16.55
N LYS B 70 38.20 10.49 -17.12
CA LYS B 70 37.32 11.64 -17.01
C LYS B 70 36.01 11.47 -17.77
N HIS B 71 36.04 10.74 -18.89
CA HIS B 71 34.83 10.48 -19.65
C HIS B 71 33.96 9.44 -18.97
N TRP B 72 34.56 8.48 -18.26
CA TRP B 72 33.78 7.46 -17.56
C TRP B 72 32.93 8.08 -16.46
N LEU B 73 33.45 9.08 -15.75
CA LEU B 73 32.67 9.78 -14.76
C LEU B 73 31.47 10.48 -15.40
N ARG B 74 31.68 11.03 -16.59
CA ARG B 74 30.59 11.68 -17.32
C ARG B 74 29.74 10.69 -18.09
N GLY B 75 30.09 9.40 -18.07
CA GLY B 75 29.33 8.40 -18.79
C GLY B 75 29.54 8.39 -20.28
N LEU B 76 30.67 8.87 -20.76
CA LEU B 76 30.94 8.97 -22.20
C LEU B 76 32.30 8.37 -22.54
N CYS B 77 32.60 7.19 -21.99
CA CYS B 77 33.86 6.50 -22.29
C CYS B 77 33.62 5.64 -23.51
N LYS B 78 34.19 6.07 -24.64
CA LYS B 78 34.00 5.35 -25.90
C LYS B 78 35.01 4.22 -26.06
N LYS B 79 36.19 4.39 -25.46
CA LYS B 79 37.28 3.43 -25.65
C LYS B 79 36.97 2.06 -25.06
N GLY B 80 36.38 2.00 -23.88
CA GLY B 80 36.02 0.72 -23.30
C GLY B 80 37.21 -0.03 -22.76
N ASP B 81 37.37 -1.27 -23.22
CA ASP B 81 38.49 -2.08 -22.76
C ASP B 81 39.82 -1.54 -23.24
N GLN B 82 39.84 -0.86 -24.38
CA GLN B 82 41.05 -0.21 -24.88
C GLN B 82 41.15 1.22 -24.39
N CYS B 83 40.98 1.40 -23.08
CA CYS B 83 41.06 2.71 -22.44
C CYS B 83 42.24 2.71 -21.49
N GLU B 84 43.10 3.72 -21.61
CA GLU B 84 44.32 3.78 -20.83
C GLU B 84 44.10 4.36 -19.44
N PHE B 85 42.88 4.75 -19.11
CA PHE B 85 42.58 5.42 -17.85
C PHE B 85 41.71 4.52 -16.98
N LEU B 86 41.95 4.59 -15.67
CA LEU B 86 41.35 3.64 -14.75
C LEU B 86 39.88 3.92 -14.53
N HIS B 87 39.06 2.87 -14.60
CA HIS B 87 37.63 2.99 -14.35
C HIS B 87 37.34 2.64 -12.89
N GLU B 88 37.90 3.45 -12.00
CA GLU B 88 37.73 3.29 -10.57
C GLU B 88 37.34 4.64 -9.96
N TYR B 89 36.75 4.59 -8.77
CA TYR B 89 36.35 5.81 -8.07
C TYR B 89 37.37 6.24 -7.02
N ASP B 90 38.66 6.09 -7.30
CA ASP B 90 39.68 6.57 -6.40
C ASP B 90 39.91 8.07 -6.61
N MET B 91 39.63 8.86 -5.57
CA MET B 91 39.82 10.31 -5.67
C MET B 91 41.29 10.68 -5.79
N THR B 92 42.17 9.89 -5.18
CA THR B 92 43.60 10.17 -5.29
C THR B 92 44.09 10.00 -6.73
N LYS B 93 43.42 9.15 -7.51
CA LYS B 93 43.80 8.91 -8.89
C LYS B 93 43.19 9.91 -9.86
N MET B 94 42.43 10.89 -9.37
CA MET B 94 41.81 11.87 -10.25
C MET B 94 42.89 12.65 -11.00
N PRO B 95 42.66 13.00 -12.26
CA PRO B 95 43.63 13.83 -12.97
C PRO B 95 43.73 15.22 -12.36
N GLU B 96 44.91 15.81 -12.49
CA GLU B 96 45.11 17.15 -11.97
C GLU B 96 44.27 18.16 -12.74
N CYS B 97 43.78 19.17 -12.02
CA CYS B 97 42.90 20.16 -12.62
C CYS B 97 43.64 20.96 -13.67
N TYR B 98 43.04 21.05 -14.87
CA TYR B 98 43.65 21.82 -15.94
C TYR B 98 43.69 23.30 -15.62
N PHE B 99 42.70 23.79 -14.87
CA PHE B 99 42.59 25.23 -14.62
C PHE B 99 43.37 25.64 -13.39
N TYR B 100 43.48 24.76 -12.39
CA TYR B 100 44.30 25.07 -11.22
C TYR B 100 45.77 25.04 -11.57
N SER B 101 46.19 24.13 -12.45
CA SER B 101 47.60 24.02 -12.77
C SER B 101 48.05 25.16 -13.68
N LYS B 102 47.20 25.57 -14.61
CA LYS B 102 47.59 26.57 -15.61
C LYS B 102 46.95 27.93 -15.37
N PHE B 103 45.62 27.97 -15.25
CA PHE B 103 44.90 29.25 -15.11
C PHE B 103 44.78 29.65 -13.65
N GLY B 104 45.92 29.71 -12.96
CA GLY B 104 45.93 30.18 -11.59
C GLY B 104 45.15 29.30 -10.64
N GLU B 105 43.96 29.76 -10.25
CA GLU B 105 43.11 29.06 -9.30
C GLU B 105 41.80 28.67 -9.96
N CYS B 106 41.30 27.49 -9.63
CA CYS B 106 40.09 26.96 -10.26
C CYS B 106 38.85 27.74 -9.84
N SER B 107 37.86 27.76 -10.73
CA SER B 107 36.67 28.56 -10.49
C SER B 107 35.84 28.01 -9.32
N ASN B 108 35.57 26.71 -9.33
CA ASN B 108 34.76 26.08 -8.30
C ASN B 108 35.65 25.25 -7.39
N LYS B 109 35.49 25.43 -6.08
CA LYS B 109 36.19 24.61 -5.09
C LYS B 109 35.62 23.21 -5.02
N GLU B 110 34.49 22.95 -5.67
CA GLU B 110 33.84 21.64 -5.62
C GLU B 110 34.29 20.71 -6.73
N CYS B 111 35.27 21.11 -7.54
CA CYS B 111 35.71 20.25 -8.63
C CYS B 111 36.40 19.03 -8.07
N PRO B 112 36.29 17.87 -8.72
CA PRO B 112 36.96 16.65 -8.23
C PRO B 112 38.40 16.52 -8.67
N PHE B 113 38.83 17.28 -9.67
CA PHE B 113 40.20 17.18 -10.16
C PHE B 113 41.19 17.72 -9.12
N LEU B 114 42.34 17.06 -9.04
CA LEU B 114 43.31 17.37 -8.00
C LEU B 114 43.93 18.75 -8.22
N HIS B 115 44.12 19.46 -7.11
CA HIS B 115 44.74 20.79 -7.13
C HIS B 115 46.12 20.69 -6.49
N ILE B 116 47.12 21.20 -7.19
CA ILE B 116 48.50 21.21 -6.72
C ILE B 116 48.96 22.64 -6.54
N ASP B 117 49.58 22.92 -5.40
CA ASP B 117 50.05 24.27 -5.08
C ASP B 117 51.13 24.23 -4.01
N THR D 42 37.05 28.86 -31.02
CA THR D 42 36.88 27.43 -30.78
C THR D 42 36.61 27.14 -29.31
N PHE D 43 35.92 26.02 -29.06
CA PHE D 43 35.58 25.60 -27.70
C PHE D 43 36.11 24.20 -27.49
N ASP D 44 36.95 24.03 -26.47
CA ASP D 44 37.56 22.73 -26.18
C ASP D 44 37.62 22.42 -24.69
N GLY D 45 36.85 23.12 -23.86
CA GLY D 45 36.89 22.87 -22.43
C GLY D 45 38.14 23.35 -21.74
N LYS D 46 38.88 24.27 -22.37
CA LYS D 46 40.16 24.72 -21.82
C LYS D 46 40.22 26.24 -21.70
N ARG D 47 39.08 26.89 -21.48
CA ARG D 47 39.00 28.34 -21.34
C ARG D 47 38.45 28.69 -19.97
N MET D 48 39.17 29.55 -19.26
CA MET D 48 38.73 29.99 -17.94
C MET D 48 37.55 30.95 -18.05
N ARG D 49 36.53 30.73 -17.23
CA ARG D 49 35.44 31.68 -17.10
C ARG D 49 34.91 31.63 -15.67
N LYS D 50 34.21 32.70 -15.29
CA LYS D 50 33.69 32.80 -13.93
C LYS D 50 32.67 31.71 -13.67
N ALA D 51 32.65 31.23 -12.43
CA ALA D 51 31.69 30.20 -12.05
C ALA D 51 30.27 30.74 -12.15
N VAL D 52 29.39 29.95 -12.78
CA VAL D 52 28.00 30.34 -12.99
C VAL D 52 27.10 29.33 -12.29
N ASN D 53 26.13 29.84 -11.54
CA ASN D 53 25.07 29.01 -10.96
C ASN D 53 23.88 29.09 -11.91
N ARG D 54 23.58 27.98 -12.57
CA ARG D 54 22.61 27.98 -13.67
C ARG D 54 21.20 27.75 -13.16
N LYS D 55 20.23 28.15 -13.98
CA LYS D 55 18.84 27.84 -13.71
C LYS D 55 18.63 26.33 -13.73
N THR D 56 17.82 25.84 -12.80
CA THR D 56 17.59 24.42 -12.65
C THR D 56 16.10 24.12 -12.64
N ILE D 57 15.72 23.05 -13.32
CA ILE D 57 14.46 22.37 -13.04
C ILE D 57 14.80 21.01 -12.47
N ASP D 58 14.83 20.92 -11.15
CA ASP D 58 15.27 19.72 -10.44
C ASP D 58 14.05 18.95 -10.00
N TYR D 59 13.87 17.74 -10.54
CA TYR D 59 12.70 16.93 -10.23
C TYR D 59 12.80 16.25 -8.87
N ASN D 60 13.97 16.25 -8.24
CA ASN D 60 14.14 15.52 -6.98
C ASN D 60 13.23 16.00 -5.87
N PRO D 61 13.08 17.31 -5.61
CA PRO D 61 12.12 17.72 -4.57
C PRO D 61 10.70 17.25 -4.87
N SER D 62 10.29 17.25 -6.13
CA SER D 62 8.97 16.76 -6.49
C SER D 62 8.82 15.27 -6.20
N VAL D 63 9.84 14.48 -6.56
CA VAL D 63 9.77 13.04 -6.31
C VAL D 63 9.76 12.75 -4.82
N ILE D 64 10.60 13.44 -4.05
CA ILE D 64 10.64 13.23 -2.61
C ILE D 64 9.30 13.56 -1.98
N LYS D 65 8.70 14.69 -2.39
CA LYS D 65 7.37 15.04 -1.88
C LYS D 65 6.34 13.99 -2.26
N TYR D 66 6.42 13.48 -3.49
CA TYR D 66 5.50 12.43 -3.91
C TYR D 66 5.73 11.15 -3.12
N LEU D 67 7.00 10.83 -2.84
CA LEU D 67 7.31 9.63 -2.06
C LEU D 67 6.73 9.74 -0.65
N GLU D 68 6.67 10.93 -0.09
CA GLU D 68 6.07 11.12 1.22
C GLU D 68 4.54 11.04 1.16
N ASN D 69 3.93 11.66 0.16
CA ASN D 69 2.47 11.69 0.06
C ASN D 69 1.89 10.30 -0.20
N ARG D 70 2.55 9.53 -1.08
CA ARG D 70 1.99 8.19 -1.43
C ARG D 70 1.85 7.33 -0.16
N ILE D 71 2.67 7.59 0.86
CA ILE D 71 2.60 6.80 2.08
C ILE D 71 1.22 6.89 2.71
N TRP D 72 0.69 8.10 2.87
CA TRP D 72 -0.54 8.31 3.61
C TRP D 72 -1.71 8.73 2.73
N GLN D 73 -1.47 9.03 1.46
CA GLN D 73 -2.53 9.39 0.53
C GLN D 73 -2.80 8.20 -0.38
N ARG D 74 -4.05 7.76 -0.41
CA ARG D 74 -4.42 6.64 -1.27
C ARG D 74 -4.20 6.98 -2.74
N ASP D 75 -4.70 8.14 -3.16
CA ASP D 75 -4.57 8.62 -4.52
C ASP D 75 -4.89 10.11 -4.52
N GLN D 76 -5.19 10.66 -5.70
CA GLN D 76 -5.38 12.10 -5.87
C GLN D 76 -6.39 12.67 -4.89
N ARG D 77 -7.44 11.92 -4.54
CA ARG D 77 -8.51 12.48 -3.71
C ARG D 77 -8.03 12.73 -2.28
N ASP D 78 -6.99 12.03 -1.83
CA ASP D 78 -6.40 12.34 -0.54
C ASP D 78 -5.33 13.42 -0.62
N MET D 79 -4.95 13.84 -1.81
CA MET D 79 -3.89 14.82 -1.96
C MET D 79 -4.38 16.20 -1.56
N ARG D 80 -3.65 16.85 -0.66
CA ARG D 80 -3.99 18.21 -0.25
C ARG D 80 -3.70 19.18 -1.38
N ALA D 81 -4.57 20.17 -1.54
CA ALA D 81 -4.50 21.05 -2.68
C ALA D 81 -3.27 21.94 -2.62
N ILE D 82 -2.58 22.07 -3.76
CA ILE D 82 -1.52 23.06 -3.91
C ILE D 82 -2.18 24.42 -4.10
N GLN D 83 -1.80 25.38 -3.27
CA GLN D 83 -2.40 26.69 -3.40
C GLN D 83 -1.72 27.48 -4.51
N PRO D 84 -2.47 28.28 -5.26
CA PRO D 84 -1.86 29.12 -6.29
C PRO D 84 -1.13 30.31 -5.67
N ASP D 85 -0.07 30.01 -4.91
CA ASP D 85 0.74 31.03 -4.26
C ASP D 85 2.20 30.60 -4.38
N ALA D 86 3.10 31.59 -4.39
CA ALA D 86 4.52 31.31 -4.57
C ALA D 86 5.12 30.58 -3.38
N GLY D 87 4.48 30.65 -2.21
CA GLY D 87 5.03 29.99 -1.04
C GLY D 87 4.83 28.49 -1.04
N TYR D 88 3.98 27.97 -1.91
CA TYR D 88 3.69 26.54 -1.96
C TYR D 88 4.57 25.85 -3.01
N TYR D 89 5.88 26.02 -2.85
CA TYR D 89 6.84 25.49 -3.80
C TYR D 89 7.23 24.04 -3.51
N ASN D 90 7.15 23.62 -2.25
CA ASN D 90 7.51 22.23 -1.93
C ASN D 90 6.32 21.29 -1.97
N ASP D 91 5.11 21.77 -2.24
CA ASP D 91 3.99 20.87 -2.36
C ASP D 91 3.87 20.26 -3.75
N LEU D 92 4.73 20.65 -4.68
CA LEU D 92 4.62 20.17 -6.05
C LEU D 92 5.09 18.72 -6.16
N VAL D 93 4.39 17.95 -6.99
CA VAL D 93 4.73 16.56 -7.24
C VAL D 93 4.87 16.35 -8.74
N PRO D 94 5.56 15.31 -9.17
CA PRO D 94 5.68 15.04 -10.61
C PRO D 94 4.35 14.62 -11.19
N PRO D 95 4.24 14.51 -12.51
CA PRO D 95 2.94 14.14 -13.11
C PRO D 95 2.40 12.80 -12.65
N ILE D 96 3.26 11.87 -12.20
CA ILE D 96 2.75 10.61 -11.68
C ILE D 96 1.92 10.84 -10.42
N GLY D 97 2.24 11.87 -9.65
CA GLY D 97 1.43 12.20 -8.49
C GLY D 97 0.06 12.72 -8.85
N MET D 98 -0.02 13.56 -9.88
CA MET D 98 -1.28 14.21 -10.26
C MET D 98 -1.87 13.52 -11.48
N LEU D 99 -2.23 12.24 -11.32
CA LEU D 99 -2.77 11.50 -12.44
C LEU D 99 -4.18 11.93 -12.82
N ASN D 100 -4.96 12.41 -11.86
CA ASN D 100 -6.33 12.82 -12.16
C ASN D 100 -6.39 14.20 -12.79
N ASN D 101 -5.29 14.94 -12.78
CA ASN D 101 -5.23 16.30 -13.34
C ASN D 101 -4.05 16.40 -14.28
N PRO D 102 -4.18 15.97 -15.53
CA PRO D 102 -3.06 16.13 -16.49
C PRO D 102 -2.78 17.56 -16.89
N MET D 103 -3.55 18.53 -16.39
CA MET D 103 -3.28 19.93 -16.71
C MET D 103 -1.97 20.42 -16.12
N ASN D 104 -1.43 19.72 -15.10
CA ASN D 104 -0.14 20.10 -14.56
C ASN D 104 0.94 20.07 -15.64
N ALA D 105 0.87 19.09 -16.54
CA ALA D 105 1.93 18.86 -17.51
C ALA D 105 1.78 19.71 -18.76
N VAL D 106 0.86 20.67 -18.76
CA VAL D 106 0.84 21.66 -19.84
C VAL D 106 1.99 22.62 -19.57
N THR D 107 3.11 22.40 -20.25
CA THR D 107 4.37 23.04 -19.92
C THR D 107 4.53 24.27 -20.80
N THR D 108 3.96 25.39 -20.33
CA THR D 108 4.09 26.66 -21.04
C THR D 108 4.96 27.65 -20.26
N LYS D 109 5.78 27.17 -19.33
CA LYS D 109 6.74 28.00 -18.63
C LYS D 109 8.10 27.82 -19.30
N PHE D 110 8.61 28.89 -19.89
CA PHE D 110 9.92 28.86 -20.53
C PHE D 110 11.01 28.68 -19.48
N VAL D 111 11.98 27.83 -19.80
CA VAL D 111 13.10 27.60 -18.89
C VAL D 111 14.38 28.14 -19.50
N ARG D 112 14.77 27.59 -20.65
CA ARG D 112 16.03 27.96 -21.26
C ARG D 112 15.98 27.67 -22.75
N THR D 113 16.73 28.45 -23.53
CA THR D 113 16.95 28.20 -24.94
C THR D 113 18.36 27.64 -25.10
N SER D 114 18.47 26.45 -25.68
CA SER D 114 19.75 25.79 -25.91
C SER D 114 20.06 25.87 -27.40
N THR D 115 21.05 26.68 -27.75
CA THR D 115 21.45 26.85 -29.14
C THR D 115 22.93 26.51 -29.29
N ASN D 116 23.25 25.81 -30.37
CA ASN D 116 24.64 25.52 -30.69
C ASN D 116 25.32 26.76 -31.26
N LYS D 117 26.65 26.76 -31.18
CA LYS D 117 27.42 27.81 -31.84
C LYS D 117 27.47 27.63 -33.34
N VAL D 118 27.13 26.43 -33.83
CA VAL D 118 27.03 26.20 -35.28
C VAL D 118 25.83 26.94 -35.86
N LYS D 119 24.73 27.01 -35.10
CA LYS D 119 23.51 27.68 -35.53
C LYS D 119 22.93 27.04 -36.80
N CYS D 120 22.48 25.82 -36.65
CA CYS D 120 21.82 25.07 -37.71
C CYS D 120 20.50 24.50 -37.21
N PRO D 121 19.54 24.24 -38.11
CA PRO D 121 18.22 23.77 -37.67
C PRO D 121 18.31 22.46 -36.90
N VAL D 122 17.46 22.35 -35.88
CA VAL D 122 17.37 21.17 -35.04
C VAL D 122 16.20 20.34 -35.53
N PHE D 123 16.48 19.14 -36.01
CA PHE D 123 15.46 18.29 -36.63
C PHE D 123 14.85 17.29 -35.66
N VAL D 124 15.63 16.75 -34.73
CA VAL D 124 15.13 15.78 -33.77
C VAL D 124 15.72 16.06 -32.40
N VAL D 125 14.88 16.00 -31.38
CA VAL D 125 15.32 16.06 -29.99
C VAL D 125 14.82 14.80 -29.29
N ARG D 126 15.69 14.14 -28.55
CA ARG D 126 15.34 12.95 -27.81
C ARG D 126 16.01 12.99 -26.45
N TRP D 127 15.27 12.59 -25.42
CA TRP D 127 15.85 12.47 -24.09
C TRP D 127 16.53 11.12 -23.94
N THR D 128 17.65 11.11 -23.24
CA THR D 128 18.27 9.87 -22.82
C THR D 128 17.28 9.11 -21.93
N PRO D 129 17.19 7.78 -22.05
CA PRO D 129 16.05 7.07 -21.45
C PRO D 129 15.85 7.32 -19.96
N GLU D 130 16.89 7.65 -19.22
CA GLU D 130 16.75 8.01 -17.82
C GLU D 130 16.62 9.52 -17.62
N GLY D 131 16.53 10.28 -18.70
CA GLY D 131 16.39 11.72 -18.58
C GLY D 131 17.64 12.44 -18.16
N ARG D 132 18.79 11.76 -18.15
CA ARG D 132 20.04 12.40 -17.76
C ARG D 132 20.41 13.52 -18.72
N ARG D 133 20.21 13.30 -20.02
CA ARG D 133 20.65 14.24 -21.03
C ARG D 133 19.57 14.42 -22.08
N LEU D 134 19.64 15.54 -22.78
CA LEU D 134 18.90 15.78 -24.00
C LEU D 134 19.87 15.71 -25.17
N VAL D 135 19.52 14.94 -26.19
CA VAL D 135 20.30 14.85 -27.42
C VAL D 135 19.50 15.46 -28.55
N THR D 136 20.12 16.38 -29.28
CA THR D 136 19.51 17.00 -30.45
C THR D 136 20.28 16.61 -31.71
N GLY D 137 19.53 16.23 -32.74
CA GLY D 137 20.09 16.00 -34.06
C GLY D 137 19.85 17.22 -34.94
N ALA D 138 20.93 17.72 -35.53
CA ALA D 138 20.90 18.97 -36.27
C ALA D 138 21.13 18.73 -37.75
N SER D 139 20.92 19.78 -38.54
CA SER D 139 21.13 19.68 -39.98
C SER D 139 22.61 19.50 -40.32
N SER D 140 23.51 19.93 -39.44
CA SER D 140 24.94 19.72 -39.66
C SER D 140 25.35 18.28 -39.49
N GLY D 141 24.44 17.42 -38.99
CA GLY D 141 24.75 16.03 -38.74
C GLY D 141 25.34 15.76 -37.38
N GLU D 142 25.39 16.74 -36.49
CA GLU D 142 26.00 16.58 -35.20
C GLU D 142 24.97 16.22 -34.13
N PHE D 143 25.45 15.58 -33.07
CA PHE D 143 24.68 15.34 -31.86
C PHE D 143 25.16 16.29 -30.79
N THR D 144 24.24 17.04 -30.19
CA THR D 144 24.56 17.91 -29.07
C THR D 144 23.86 17.39 -27.83
N LEU D 145 24.59 17.35 -26.72
CA LEU D 145 24.10 16.79 -25.48
C LEU D 145 23.95 17.91 -24.46
N TRP D 146 22.77 18.02 -23.87
CA TRP D 146 22.47 19.03 -22.87
C TRP D 146 22.09 18.35 -21.57
N ASN D 147 22.59 18.89 -20.46
CA ASN D 147 22.32 18.28 -19.16
C ASN D 147 20.85 18.38 -18.82
N GLY D 148 20.30 17.29 -18.27
CA GLY D 148 18.88 17.22 -18.04
C GLY D 148 18.39 18.04 -16.87
N LEU D 149 19.28 18.41 -15.95
CA LEU D 149 18.90 19.22 -14.80
C LEU D 149 19.14 20.70 -15.06
N THR D 150 20.39 21.07 -15.33
CA THR D 150 20.75 22.40 -15.78
C THR D 150 21.06 22.30 -17.26
N PHE D 151 20.21 22.91 -18.09
CA PHE D 151 20.18 22.60 -19.52
C PHE D 151 21.31 23.30 -20.27
N ASN D 152 22.53 23.02 -19.84
CA ASN D 152 23.72 23.59 -20.46
C ASN D 152 24.42 22.56 -21.32
N PHE D 153 25.28 23.06 -22.21
CA PHE D 153 26.00 22.21 -23.13
C PHE D 153 26.92 21.24 -22.38
N GLU D 154 26.90 19.98 -22.80
CA GLU D 154 27.76 18.96 -22.21
C GLU D 154 28.79 18.45 -23.20
N THR D 155 28.36 17.96 -24.36
CA THR D 155 29.30 17.51 -25.38
C THR D 155 28.62 17.55 -26.74
N ILE D 156 29.43 17.55 -27.78
CA ILE D 156 28.97 17.56 -29.17
C ILE D 156 29.82 16.57 -29.95
N LEU D 157 29.21 15.87 -30.89
CA LEU D 157 29.92 14.89 -31.70
C LEU D 157 29.35 14.89 -33.11
N GLN D 158 30.22 14.78 -34.10
CA GLN D 158 29.82 14.71 -35.50
C GLN D 158 29.34 13.30 -35.77
N ALA D 159 28.02 13.12 -35.71
CA ALA D 159 27.44 11.79 -35.81
C ALA D 159 27.26 11.35 -37.26
N HIS D 160 26.63 12.18 -38.07
CA HIS D 160 26.28 11.83 -39.44
C HIS D 160 26.91 12.82 -40.40
N ASP D 161 27.10 12.38 -41.65
CA ASP D 161 27.59 13.27 -42.69
C ASP D 161 26.49 14.19 -43.21
N SER D 162 25.26 13.71 -43.23
CA SER D 162 24.09 14.44 -43.67
C SER D 162 23.19 14.78 -42.48
N PRO D 163 22.18 15.64 -42.67
CA PRO D 163 21.33 16.03 -41.53
C PRO D 163 20.72 14.84 -40.82
N VAL D 164 20.69 14.90 -39.50
CA VAL D 164 20.10 13.85 -38.67
C VAL D 164 18.59 14.01 -38.71
N ARG D 165 17.90 13.04 -39.29
CA ARG D 165 16.46 13.11 -39.44
C ARG D 165 15.71 12.29 -38.41
N ALA D 166 16.26 11.14 -38.00
CA ALA D 166 15.60 10.23 -37.09
C ALA D 166 16.49 9.95 -35.90
N MET D 167 15.87 9.71 -34.75
CA MET D 167 16.59 9.37 -33.53
C MET D 167 15.61 8.70 -32.58
N THR D 168 15.88 7.44 -32.23
CA THR D 168 14.98 6.69 -31.37
C THR D 168 15.79 5.79 -30.46
N TRP D 169 15.31 5.63 -29.24
CA TRP D 169 15.91 4.74 -28.26
C TRP D 169 15.13 3.45 -28.19
N SER D 170 15.84 2.34 -27.98
CA SER D 170 15.16 1.06 -27.89
C SER D 170 14.38 0.96 -26.58
N HIS D 171 13.42 0.02 -26.55
CA HIS D 171 12.59 -0.14 -25.37
C HIS D 171 13.42 -0.55 -24.17
N ASN D 172 14.40 -1.43 -24.36
CA ASN D 172 15.47 -1.53 -23.39
C ASN D 172 16.44 -0.37 -23.62
N ASP D 173 16.99 0.14 -22.53
CA ASP D 173 17.63 1.45 -22.61
C ASP D 173 18.99 1.41 -23.29
N MET D 174 19.37 0.29 -23.90
CA MET D 174 20.74 0.15 -24.40
C MET D 174 20.98 0.98 -25.65
N TRP D 175 20.06 0.94 -26.60
CA TRP D 175 20.34 1.32 -27.98
C TRP D 175 19.63 2.59 -28.37
N MET D 176 20.35 3.49 -29.03
CA MET D 176 19.78 4.66 -29.66
C MET D 176 20.07 4.58 -31.15
N LEU D 177 19.01 4.52 -31.96
CA LEU D 177 19.10 4.34 -33.40
C LEU D 177 18.83 5.68 -34.07
N THR D 178 19.73 6.08 -34.97
CA THR D 178 19.61 7.35 -35.66
C THR D 178 19.79 7.14 -37.16
N ALA D 179 19.10 7.98 -37.93
CA ALA D 179 19.16 7.94 -39.38
C ALA D 179 19.34 9.36 -39.91
N ASP D 180 19.91 9.47 -41.10
CA ASP D 180 20.25 10.78 -41.66
C ASP D 180 19.64 10.94 -43.04
N HIS D 181 19.81 12.13 -43.59
CA HIS D 181 19.26 12.45 -44.91
C HIS D 181 19.97 11.70 -46.03
N GLY D 182 21.15 11.16 -45.77
CA GLY D 182 21.84 10.36 -46.77
C GLY D 182 21.39 8.92 -46.86
N GLY D 183 20.52 8.49 -45.95
CA GLY D 183 20.01 7.13 -45.97
C GLY D 183 20.75 6.13 -45.11
N TYR D 184 21.59 6.60 -44.18
CA TYR D 184 22.36 5.70 -43.33
C TYR D 184 21.72 5.59 -41.95
N VAL D 185 21.82 4.40 -41.37
CA VAL D 185 21.32 4.11 -40.04
C VAL D 185 22.50 3.77 -39.15
N LYS D 186 22.59 4.43 -38.00
CA LYS D 186 23.69 4.24 -37.08
C LYS D 186 23.18 3.70 -35.75
N TYR D 187 24.01 2.87 -35.11
CA TYR D 187 23.71 2.30 -33.79
C TYR D 187 24.58 3.00 -32.75
N TRP D 188 23.96 3.42 -31.65
CA TRP D 188 24.66 4.11 -30.58
C TRP D 188 24.31 3.49 -29.24
N GLN D 189 25.13 3.81 -28.23
CA GLN D 189 24.84 3.44 -26.85
C GLN D 189 24.72 4.68 -25.99
N SER D 190 24.61 4.49 -24.67
CA SER D 190 24.52 5.62 -23.76
C SER D 190 25.78 6.47 -23.80
N ASN D 191 26.95 5.85 -23.96
CA ASN D 191 28.21 6.58 -24.02
C ASN D 191 28.44 7.29 -25.34
N MET D 192 27.42 7.32 -26.21
CA MET D 192 27.47 8.04 -27.49
C MET D 192 28.59 7.51 -28.38
N ASN D 193 28.85 6.22 -28.29
CA ASN D 193 29.84 5.56 -29.15
C ASN D 193 29.09 4.88 -30.30
N ASN D 194 29.44 5.26 -31.53
CA ASN D 194 28.85 4.60 -32.69
C ASN D 194 29.39 3.18 -32.78
N VAL D 195 28.48 2.23 -32.97
CA VAL D 195 28.80 0.81 -32.92
C VAL D 195 28.65 0.16 -34.28
N LYS D 196 27.57 0.46 -34.99
CA LYS D 196 27.31 -0.12 -36.30
C LYS D 196 26.80 0.95 -37.25
N MET D 197 27.19 0.85 -38.51
CA MET D 197 26.76 1.76 -39.57
C MET D 197 26.40 0.97 -40.81
N PHE D 198 25.22 1.25 -41.37
CA PHE D 198 24.81 0.65 -42.63
C PHE D 198 23.81 1.58 -43.30
N GLN D 199 23.77 1.51 -44.64
CA GLN D 199 22.87 2.35 -45.42
C GLN D 199 21.56 1.60 -45.61
N ALA D 200 20.49 2.13 -45.01
CA ALA D 200 19.19 1.47 -45.08
C ALA D 200 18.42 1.87 -46.33
N HIS D 201 18.52 3.13 -46.74
CA HIS D 201 17.78 3.65 -47.86
C HIS D 201 18.70 4.47 -48.75
N LYS D 202 18.35 4.57 -50.03
CA LYS D 202 19.12 5.42 -50.93
C LYS D 202 18.74 6.88 -50.79
N GLU D 203 17.56 7.16 -50.22
CA GLU D 203 17.10 8.52 -50.00
C GLU D 203 16.97 8.80 -48.50
N ALA D 204 16.49 9.99 -48.18
CA ALA D 204 16.42 10.43 -46.80
C ALA D 204 15.51 9.54 -45.98
N ILE D 205 15.98 9.12 -44.81
CA ILE D 205 15.18 8.34 -43.87
C ILE D 205 14.51 9.32 -42.93
N ARG D 206 13.18 9.30 -42.87
CA ARG D 206 12.46 10.32 -42.12
C ARG D 206 12.23 9.91 -40.67
N GLU D 207 12.04 8.62 -40.41
CA GLU D 207 11.74 8.19 -39.05
C GLU D 207 12.00 6.69 -38.93
N ALA D 208 12.39 6.28 -37.71
CA ALA D 208 12.60 4.88 -37.39
C ALA D 208 11.86 4.54 -36.09
N SER D 209 11.39 3.30 -35.99
CA SER D 209 10.63 2.84 -34.83
C SER D 209 10.99 1.41 -34.50
N PHE D 210 11.18 1.14 -33.21
CA PHE D 210 11.59 -0.17 -32.73
C PHE D 210 10.39 -1.06 -32.45
N SER D 211 10.59 -2.37 -32.58
CA SER D 211 9.65 -3.35 -32.09
C SER D 211 9.72 -3.45 -30.57
N PRO D 212 8.71 -4.02 -29.91
CA PRO D 212 8.74 -4.06 -28.44
C PRO D 212 9.96 -4.73 -27.85
N THR D 213 10.45 -5.79 -28.48
CA THR D 213 11.65 -6.49 -28.02
C THR D 213 12.92 -5.92 -28.62
N ASP D 214 12.79 -4.92 -29.49
CA ASP D 214 13.91 -4.17 -30.05
C ASP D 214 14.75 -5.04 -30.98
N ASN D 215 14.28 -6.26 -31.27
CA ASN D 215 15.00 -7.13 -32.18
C ASN D 215 14.87 -6.67 -33.62
N LYS D 216 13.82 -5.90 -33.93
CA LYS D 216 13.57 -5.41 -35.27
C LYS D 216 13.11 -3.96 -35.20
N PHE D 217 13.29 -3.25 -36.31
CA PHE D 217 12.84 -1.87 -36.40
C PHE D 217 12.44 -1.57 -37.83
N ALA D 218 11.68 -0.49 -37.99
CA ALA D 218 11.15 -0.07 -39.29
C ALA D 218 11.65 1.33 -39.61
N THR D 219 12.02 1.54 -40.87
CA THR D 219 12.47 2.84 -41.35
C THR D 219 11.60 3.26 -42.52
N CYS D 220 11.30 4.56 -42.57
CA CYS D 220 10.55 5.16 -43.66
C CYS D 220 11.44 6.15 -44.39
N SER D 221 11.27 6.26 -45.70
CA SER D 221 12.18 7.05 -46.51
C SER D 221 11.43 7.82 -47.58
N ASP D 222 12.16 8.75 -48.21
CA ASP D 222 11.66 9.50 -49.35
C ASP D 222 11.58 8.67 -50.62
N ASP D 223 12.16 7.46 -50.63
CA ASP D 223 11.99 6.58 -51.78
C ASP D 223 10.58 6.02 -51.87
N GLY D 224 9.76 6.20 -50.84
CA GLY D 224 8.37 5.78 -50.86
C GLY D 224 8.09 4.45 -50.21
N THR D 225 9.08 3.81 -49.59
CA THR D 225 8.93 2.49 -49.02
C THR D 225 9.24 2.52 -47.54
N VAL D 226 8.52 1.72 -46.77
CA VAL D 226 8.90 1.35 -45.41
C VAL D 226 9.66 0.04 -45.47
N ARG D 227 10.67 -0.10 -44.62
CA ARG D 227 11.48 -1.32 -44.62
C ARG D 227 11.66 -1.82 -43.20
N ILE D 228 11.49 -3.13 -43.02
CA ILE D 228 11.64 -3.79 -41.73
C ILE D 228 13.04 -4.38 -41.66
N TRP D 229 13.74 -4.12 -40.57
CA TRP D 229 15.13 -4.51 -40.42
C TRP D 229 15.31 -5.41 -39.22
N ASP D 230 16.28 -6.32 -39.32
CA ASP D 230 16.75 -7.09 -38.17
C ASP D 230 17.87 -6.30 -37.51
N PHE D 231 17.67 -5.92 -36.24
CA PHE D 231 18.62 -5.05 -35.57
C PHE D 231 19.99 -5.69 -35.45
N LEU D 232 20.04 -6.97 -35.08
CA LEU D 232 21.31 -7.61 -34.77
C LEU D 232 22.12 -7.89 -36.04
N ARG D 233 21.44 -8.19 -37.15
CA ARG D 233 22.12 -8.51 -38.39
C ARG D 233 22.07 -7.38 -39.42
N CYS D 234 21.36 -6.29 -39.15
CA CYS D 234 21.26 -5.15 -40.06
C CYS D 234 20.75 -5.59 -41.43
N HIS D 235 19.85 -6.56 -41.43
CA HIS D 235 19.31 -7.16 -42.64
C HIS D 235 17.85 -6.74 -42.80
N GLU D 236 17.48 -6.33 -44.01
CA GLU D 236 16.10 -5.93 -44.27
C GLU D 236 15.25 -7.18 -44.44
N GLU D 237 14.28 -7.36 -43.55
CA GLU D 237 13.40 -8.51 -43.66
C GLU D 237 12.42 -8.35 -44.81
N ARG D 238 11.78 -7.20 -44.91
CA ARG D 238 10.79 -6.94 -45.95
C ARG D 238 10.96 -5.52 -46.47
N ILE D 239 10.41 -5.28 -47.65
CA ILE D 239 10.24 -3.94 -48.20
C ILE D 239 8.75 -3.70 -48.36
N LEU D 240 8.25 -2.62 -47.77
CA LEU D 240 6.83 -2.33 -47.72
C LEU D 240 6.54 -1.21 -48.72
N ARG D 241 5.83 -1.55 -49.79
CA ARG D 241 5.60 -0.64 -50.90
C ARG D 241 4.11 -0.38 -51.05
N GLY D 242 3.77 0.81 -51.56
CA GLY D 242 2.39 1.11 -51.84
C GLY D 242 1.96 2.55 -51.60
N HIS D 243 2.82 3.35 -50.97
CA HIS D 243 2.43 4.73 -50.69
C HIS D 243 2.43 5.57 -51.96
N GLY D 244 3.47 5.46 -52.78
CA GLY D 244 3.52 6.20 -54.02
C GLY D 244 4.14 7.58 -53.95
N ALA D 245 4.57 8.02 -52.78
CA ALA D 245 5.26 9.30 -52.62
C ALA D 245 6.17 9.18 -51.39
N ASP D 246 6.78 10.30 -51.01
CA ASP D 246 7.66 10.30 -49.85
C ASP D 246 6.90 9.85 -48.61
N VAL D 247 7.51 8.95 -47.84
CA VAL D 247 6.95 8.50 -46.57
C VAL D 247 7.59 9.34 -45.48
N LYS D 248 6.79 10.15 -44.80
CA LYS D 248 7.33 11.14 -43.88
C LYS D 248 7.40 10.66 -42.44
N CYS D 249 6.68 9.61 -42.09
CA CYS D 249 6.65 9.15 -40.71
C CYS D 249 6.28 7.68 -40.66
N VAL D 250 6.69 7.03 -39.58
CA VAL D 250 6.41 5.62 -39.35
C VAL D 250 6.42 5.36 -37.85
N ASP D 251 5.59 4.42 -37.42
CA ASP D 251 5.50 4.08 -36.00
C ASP D 251 5.20 2.60 -35.88
N TRP D 252 5.71 2.00 -34.81
CA TRP D 252 5.53 0.58 -34.56
C TRP D 252 4.47 0.47 -33.46
N HIS D 253 3.62 -0.55 -33.53
CA HIS D 253 2.61 -0.66 -32.47
C HIS D 253 3.26 -1.05 -31.15
N PRO D 254 2.77 -0.52 -30.02
CA PRO D 254 3.43 -0.81 -28.74
C PRO D 254 3.56 -2.29 -28.41
N THR D 255 2.57 -3.10 -28.77
CA THR D 255 2.61 -4.53 -28.46
C THR D 255 2.22 -5.45 -29.61
N LYS D 256 1.45 -4.98 -30.59
CA LYS D 256 0.77 -5.91 -31.50
C LYS D 256 1.68 -6.42 -32.60
N GLY D 257 2.56 -5.57 -33.13
CA GLY D 257 3.28 -5.97 -34.32
C GLY D 257 2.67 -5.34 -35.55
N LEU D 258 2.39 -4.05 -35.45
CA LEU D 258 1.74 -3.27 -36.50
C LEU D 258 2.59 -2.06 -36.84
N VAL D 259 2.63 -1.70 -38.12
CA VAL D 259 3.39 -0.55 -38.59
C VAL D 259 2.43 0.41 -39.26
N VAL D 260 2.45 1.66 -38.82
CA VAL D 260 1.63 2.72 -39.39
C VAL D 260 2.56 3.72 -40.06
N SER D 261 2.18 4.20 -41.23
CA SER D 261 3.02 5.10 -42.00
C SER D 261 2.20 6.29 -42.48
N GLY D 262 2.87 7.43 -42.63
CA GLY D 262 2.28 8.60 -43.23
C GLY D 262 3.12 9.09 -44.38
N SER D 263 2.47 9.60 -45.41
CA SER D 263 3.15 9.90 -46.66
C SER D 263 2.65 11.21 -47.25
N LYS D 264 3.39 11.69 -48.24
CA LYS D 264 2.96 12.85 -49.02
C LYS D 264 1.82 12.50 -49.97
N ASP D 265 1.65 11.21 -50.26
CA ASP D 265 0.66 10.82 -51.26
C ASP D 265 -0.75 11.05 -50.75
N SER D 266 -1.57 11.71 -51.57
CA SER D 266 -2.95 12.00 -51.19
C SER D 266 -3.83 10.75 -51.29
N GLN D 267 -3.51 9.84 -52.21
CA GLN D 267 -4.30 8.63 -52.36
C GLN D 267 -4.01 7.63 -51.25
N GLN D 268 -2.79 7.60 -50.72
CA GLN D 268 -2.40 6.70 -49.65
C GLN D 268 -1.73 7.50 -48.55
N PRO D 269 -2.50 8.29 -47.79
CA PRO D 269 -1.88 9.10 -46.74
C PRO D 269 -1.42 8.28 -45.55
N ILE D 270 -2.25 7.35 -45.08
CA ILE D 270 -1.93 6.50 -43.95
C ILE D 270 -2.11 5.05 -44.37
N LYS D 271 -1.14 4.20 -44.04
CA LYS D 271 -1.24 2.79 -44.35
C LYS D 271 -0.84 1.96 -43.13
N PHE D 272 -1.49 0.82 -42.97
CA PHE D 272 -1.19 -0.13 -41.92
C PHE D 272 -0.57 -1.37 -42.55
N TRP D 273 0.45 -1.93 -41.90
CA TRP D 273 1.23 -3.01 -42.46
C TRP D 273 1.36 -4.16 -41.48
N ASP D 274 1.66 -5.33 -42.04
CA ASP D 274 2.07 -6.48 -41.25
C ASP D 274 3.56 -6.68 -41.45
N PRO D 275 4.40 -6.35 -40.46
CA PRO D 275 5.85 -6.37 -40.69
C PRO D 275 6.42 -7.74 -41.00
N LYS D 276 5.76 -8.81 -40.57
CA LYS D 276 6.23 -10.15 -40.88
C LYS D 276 5.91 -10.53 -42.33
N THR D 277 4.63 -10.49 -42.69
CA THR D 277 4.24 -10.85 -44.04
C THR D 277 4.51 -9.74 -45.04
N GLY D 278 4.69 -8.51 -44.58
CA GLY D 278 4.91 -7.38 -45.45
C GLY D 278 3.66 -6.84 -46.12
N GLN D 279 2.48 -7.35 -45.76
CA GLN D 279 1.26 -7.01 -46.45
C GLN D 279 0.61 -5.76 -45.87
N SER D 280 -0.15 -5.07 -46.71
CA SER D 280 -0.86 -3.85 -46.32
C SER D 280 -2.18 -4.25 -45.66
N LEU D 281 -2.28 -4.01 -44.35
CA LEU D 281 -3.49 -4.39 -43.63
C LEU D 281 -4.64 -3.41 -43.90
N ALA D 282 -4.33 -2.13 -44.00
CA ALA D 282 -5.38 -1.13 -44.20
C ALA D 282 -4.77 0.13 -44.79
N THR D 283 -5.63 0.96 -45.37
CA THR D 283 -5.29 2.29 -45.83
C THR D 283 -6.27 3.28 -45.23
N LEU D 284 -5.76 4.35 -44.64
CA LEU D 284 -6.56 5.35 -43.96
C LEU D 284 -6.45 6.67 -44.69
N HIS D 285 -7.54 7.09 -45.34
CA HIS D 285 -7.60 8.38 -46.02
C HIS D 285 -7.97 9.41 -44.97
N ALA D 286 -6.99 9.80 -44.17
CA ALA D 286 -7.20 10.61 -42.98
C ALA D 286 -7.00 12.10 -43.20
N HIS D 287 -6.07 12.48 -44.07
CA HIS D 287 -5.70 13.87 -44.25
C HIS D 287 -5.66 14.21 -45.73
N LYS D 288 -5.85 15.50 -46.03
CA LYS D 288 -5.78 15.95 -47.40
C LYS D 288 -4.34 16.07 -47.90
N ASN D 289 -3.41 16.44 -47.02
CA ASN D 289 -2.05 16.75 -47.45
C ASN D 289 -1.04 16.27 -46.42
N THR D 290 -0.15 15.37 -46.84
CA THR D 290 1.17 15.17 -46.23
C THR D 290 1.11 14.99 -44.71
N VAL D 291 0.60 13.82 -44.31
CA VAL D 291 0.69 13.42 -42.92
C VAL D 291 2.14 13.47 -42.46
N MET D 292 2.42 14.29 -41.45
CA MET D 292 3.77 14.52 -40.98
C MET D 292 4.18 13.62 -39.82
N GLU D 293 3.23 13.25 -38.95
CA GLU D 293 3.53 12.41 -37.80
C GLU D 293 2.46 11.36 -37.64
N VAL D 294 2.87 10.16 -37.27
CA VAL D 294 1.95 9.12 -36.80
C VAL D 294 2.54 8.53 -35.52
N LYS D 295 1.84 8.75 -34.41
CA LYS D 295 2.26 8.25 -33.10
C LYS D 295 1.16 7.38 -32.53
N LEU D 296 1.48 6.13 -32.23
CA LEU D 296 0.55 5.23 -31.57
C LEU D 296 0.70 5.39 -30.07
N ASN D 297 -0.40 5.66 -29.39
CA ASN D 297 -0.38 5.80 -27.95
C ASN D 297 0.00 4.47 -27.31
N LEU D 298 0.69 4.56 -26.17
CA LEU D 298 1.17 3.35 -25.50
C LEU D 298 0.02 2.49 -24.99
N ASN D 299 -1.20 3.04 -24.90
CA ASN D 299 -2.35 2.22 -24.54
C ASN D 299 -2.70 1.21 -25.62
N GLY D 300 -2.12 1.35 -26.82
CA GLY D 300 -2.34 0.41 -27.90
C GLY D 300 -3.62 0.59 -28.66
N ASN D 301 -4.39 1.65 -28.38
CA ASN D 301 -5.69 1.86 -28.99
C ASN D 301 -5.72 3.04 -29.94
N TRP D 302 -4.90 4.07 -29.74
CA TRP D 302 -5.04 5.34 -30.42
C TRP D 302 -3.91 5.55 -31.41
N LEU D 303 -4.25 6.13 -32.56
CA LEU D 303 -3.29 6.61 -33.53
C LEU D 303 -3.41 8.12 -33.61
N LEU D 304 -2.32 8.82 -33.35
CA LEU D 304 -2.26 10.28 -33.42
C LEU D 304 -1.57 10.66 -34.71
N THR D 305 -2.25 11.45 -35.53
CA THR D 305 -1.72 11.87 -36.83
C THR D 305 -1.67 13.39 -36.88
N ALA D 306 -0.55 13.93 -37.34
CA ALA D 306 -0.40 15.36 -37.62
C ALA D 306 -0.13 15.51 -39.11
N SER D 307 -0.69 16.55 -39.71
CA SER D 307 -0.62 16.72 -41.15
C SER D 307 -0.43 18.18 -41.51
N ARG D 308 -0.13 18.40 -42.79
CA ARG D 308 0.06 19.74 -43.33
C ARG D 308 -1.26 20.46 -43.59
N ASP D 309 -2.39 19.77 -43.42
CA ASP D 309 -3.70 20.41 -43.54
C ASP D 309 -4.14 21.12 -42.26
N HIS D 310 -3.19 21.45 -41.40
CA HIS D 310 -3.37 22.20 -40.16
C HIS D 310 -4.08 21.38 -39.08
N LEU D 311 -4.21 20.07 -39.25
CA LEU D 311 -5.05 19.27 -38.38
C LEU D 311 -4.24 18.16 -37.72
N CYS D 312 -4.53 17.93 -36.45
CA CYS D 312 -4.14 16.70 -35.76
C CYS D 312 -5.40 15.87 -35.56
N LYS D 313 -5.37 14.62 -36.00
CA LYS D 313 -6.51 13.73 -35.87
C LYS D 313 -6.12 12.51 -35.04
N LEU D 314 -7.09 11.97 -34.32
CA LEU D 314 -6.89 10.79 -33.51
C LEU D 314 -7.83 9.70 -33.98
N PHE D 315 -7.34 8.47 -33.99
CA PHE D 315 -8.06 7.33 -34.53
C PHE D 315 -8.01 6.18 -33.54
N ASP D 316 -9.04 5.34 -33.59
CA ASP D 316 -9.03 4.06 -32.89
C ASP D 316 -8.67 2.99 -33.91
N ILE D 317 -7.53 2.32 -33.69
CA ILE D 317 -7.07 1.34 -34.67
C ILE D 317 -7.97 0.11 -34.72
N ARG D 318 -8.78 -0.12 -33.69
CA ARG D 318 -9.74 -1.21 -33.74
C ARG D 318 -10.90 -0.90 -34.68
N ASN D 319 -11.27 0.37 -34.79
CA ASN D 319 -12.35 0.82 -35.67
C ASN D 319 -11.79 1.96 -36.53
N LEU D 320 -11.28 1.61 -37.71
CA LEU D 320 -10.58 2.60 -38.53
C LEU D 320 -11.52 3.35 -39.46
N LYS D 321 -12.74 2.87 -39.65
CA LYS D 321 -13.64 3.50 -40.61
C LYS D 321 -14.08 4.88 -40.15
N GLU D 322 -14.29 5.05 -38.85
CA GLU D 322 -14.71 6.33 -38.30
C GLU D 322 -13.55 7.00 -37.57
N GLU D 323 -13.35 8.28 -37.82
CA GLU D 323 -12.31 9.04 -37.13
C GLU D 323 -12.80 9.47 -35.76
N LEU D 324 -11.91 9.38 -34.78
CA LEU D 324 -12.18 9.87 -33.44
C LEU D 324 -11.98 11.39 -33.45
N GLN D 325 -11.79 11.98 -32.27
CA GLN D 325 -11.61 13.41 -32.12
C GLN D 325 -10.67 13.99 -33.18
N VAL D 326 -11.03 15.17 -33.67
CA VAL D 326 -10.19 15.97 -34.57
C VAL D 326 -9.74 17.20 -33.80
N PHE D 327 -8.44 17.47 -33.81
CA PHE D 327 -7.87 18.57 -33.05
C PHE D 327 -7.62 19.76 -33.97
N ARG D 328 -8.27 20.88 -33.68
CA ARG D 328 -8.16 22.08 -34.50
C ARG D 328 -7.66 23.23 -33.63
N GLY D 329 -6.84 24.08 -34.21
CA GLY D 329 -6.24 25.16 -33.45
C GLY D 329 -4.85 25.55 -33.91
N HIS D 330 -4.28 24.77 -34.81
CA HIS D 330 -3.02 25.13 -35.46
C HIS D 330 -3.35 26.03 -36.65
N LYS D 331 -2.96 27.29 -36.57
CA LYS D 331 -3.21 28.22 -37.67
C LYS D 331 -2.48 27.79 -38.93
N LYS D 332 -1.23 27.35 -38.79
CA LYS D 332 -0.44 26.81 -39.86
C LYS D 332 -0.36 25.29 -39.73
N GLU D 333 0.56 24.70 -40.50
CA GLU D 333 0.70 23.24 -40.55
C GLU D 333 1.07 22.66 -39.19
N ALA D 334 0.55 21.47 -38.91
CA ALA D 334 0.95 20.71 -37.73
C ALA D 334 2.08 19.77 -38.11
N THR D 335 3.23 19.92 -37.44
CA THR D 335 4.46 19.25 -37.84
C THR D 335 4.96 18.23 -36.85
N ALA D 336 4.75 18.44 -35.55
CA ALA D 336 5.26 17.53 -34.53
C ALA D 336 4.18 17.24 -33.50
N VAL D 337 4.18 16.01 -33.00
CA VAL D 337 3.32 15.63 -31.88
C VAL D 337 4.16 14.82 -30.91
N ALA D 338 3.71 14.76 -29.66
CA ALA D 338 4.40 13.96 -28.64
C ALA D 338 3.41 13.59 -27.55
N TRP D 339 3.11 12.30 -27.44
CA TRP D 339 2.30 11.82 -26.33
C TRP D 339 3.04 12.02 -25.01
N HIS D 340 2.29 12.35 -23.97
CA HIS D 340 2.89 12.51 -22.66
C HIS D 340 3.26 11.14 -22.10
N PRO D 341 4.45 11.01 -21.48
CA PRO D 341 4.83 9.69 -20.95
C PRO D 341 3.97 9.20 -19.81
N VAL D 342 3.35 10.10 -19.06
CA VAL D 342 2.60 9.71 -17.86
C VAL D 342 1.10 9.81 -18.09
N HIS D 343 0.63 10.95 -18.59
CA HIS D 343 -0.80 11.16 -18.84
C HIS D 343 -1.14 10.63 -20.22
N GLU D 344 -1.96 9.58 -20.27
CA GLU D 344 -2.15 8.88 -21.53
C GLU D 344 -3.08 9.62 -22.50
N GLY D 345 -3.79 10.64 -22.05
CA GLY D 345 -4.66 11.38 -22.95
C GLY D 345 -4.07 12.70 -23.40
N LEU D 346 -2.96 13.10 -22.78
CA LEU D 346 -2.35 14.40 -23.02
C LEU D 346 -1.22 14.26 -24.03
N PHE D 347 -1.16 15.20 -24.97
CA PHE D 347 -0.04 15.25 -25.89
C PHE D 347 0.23 16.70 -26.27
N ALA D 348 1.47 16.99 -26.62
CA ALA D 348 1.86 18.28 -27.15
C ALA D 348 1.94 18.23 -28.67
N SER D 349 1.76 19.39 -29.29
CA SER D 349 1.79 19.48 -30.74
C SER D 349 2.61 20.70 -31.16
N GLY D 350 3.35 20.55 -32.25
CA GLY D 350 4.14 21.63 -32.79
C GLY D 350 3.63 22.06 -34.15
N GLY D 351 3.89 23.32 -34.53
CA GLY D 351 3.39 23.83 -35.78
C GLY D 351 4.52 24.41 -36.62
N SER D 352 4.21 24.60 -37.91
CA SER D 352 5.17 25.18 -38.82
C SER D 352 5.39 26.67 -38.55
N ASP D 353 4.41 27.32 -37.92
CA ASP D 353 4.57 28.72 -37.54
C ASP D 353 5.35 28.91 -36.26
N GLY D 354 5.65 27.83 -35.53
CA GLY D 354 6.29 27.92 -34.24
C GLY D 354 5.35 27.78 -33.07
N SER D 355 4.07 27.53 -33.30
CA SER D 355 3.13 27.35 -32.20
C SER D 355 3.30 25.99 -31.56
N LEU D 356 3.20 25.96 -30.24
CA LEU D 356 3.30 24.73 -29.47
C LEU D 356 2.03 24.60 -28.64
N LEU D 357 1.15 23.70 -29.05
CA LEU D 357 -0.17 23.56 -28.43
C LEU D 357 -0.24 22.26 -27.65
N PHE D 358 -1.15 22.24 -26.69
CA PHE D 358 -1.39 21.07 -25.85
C PHE D 358 -2.84 20.63 -25.97
N TRP D 359 -3.04 19.33 -26.09
CA TRP D 359 -4.37 18.76 -26.28
C TRP D 359 -4.57 17.58 -25.34
N HIS D 360 -5.83 17.31 -25.03
CA HIS D 360 -6.20 16.13 -24.29
C HIS D 360 -7.28 15.38 -25.05
N VAL D 361 -7.22 14.05 -24.99
CA VAL D 361 -8.23 13.22 -25.65
C VAL D 361 -9.56 13.41 -24.94
N GLY D 362 -10.60 13.73 -25.70
CA GLY D 362 -11.91 14.00 -25.17
C GLY D 362 -12.23 15.46 -24.96
N VAL D 363 -11.24 16.35 -25.08
CA VAL D 363 -11.44 17.78 -24.94
C VAL D 363 -11.36 18.39 -26.33
N GLU D 364 -12.40 19.12 -26.73
CA GLU D 364 -12.48 19.65 -28.09
C GLU D 364 -11.37 20.65 -28.37
N LYS D 365 -11.19 21.62 -27.49
CA LYS D 365 -10.23 22.68 -27.71
C LYS D 365 -8.89 22.35 -27.08
N GLU D 366 -7.89 23.15 -27.41
CA GLU D 366 -6.56 22.97 -26.83
C GLU D 366 -6.60 23.31 -25.34
N VAL D 367 -5.95 22.48 -24.53
CA VAL D 367 -5.92 22.72 -23.09
C VAL D 367 -4.90 23.80 -22.75
N GLY D 368 -3.98 24.05 -23.67
CA GLY D 368 -3.02 25.12 -23.50
C GLY D 368 -2.20 25.25 -24.77
N GLY D 369 -1.38 26.29 -24.82
CA GLY D 369 -0.52 26.47 -25.98
C GLY D 369 0.23 27.77 -25.94
N MET D 370 1.24 27.86 -26.80
CA MET D 370 2.04 29.07 -26.99
C MET D 370 2.13 29.30 -28.50
N GLU D 371 1.47 30.35 -28.98
CA GLU D 371 1.44 30.62 -30.41
C GLU D 371 2.79 31.02 -30.98
N MET D 372 3.69 31.56 -30.16
CA MET D 372 4.99 32.00 -30.66
C MET D 372 6.10 31.35 -29.83
N ALA D 373 5.99 30.05 -29.61
CA ALA D 373 7.01 29.31 -28.88
C ALA D 373 8.35 29.35 -29.60
N HIS D 374 8.34 29.21 -30.92
CA HIS D 374 9.55 29.27 -31.73
C HIS D 374 9.34 30.21 -32.90
N GLU D 375 10.43 30.73 -33.43
CA GLU D 375 10.41 31.52 -34.66
C GLU D 375 10.79 30.61 -35.81
N GLY D 376 9.90 29.70 -36.18
CA GLY D 376 10.18 28.71 -37.19
C GLY D 376 9.48 27.40 -36.91
N MET D 377 9.53 26.52 -37.90
CA MET D 377 8.79 25.27 -37.83
C MET D 377 9.36 24.36 -36.75
N ILE D 378 8.48 23.87 -35.89
CA ILE D 378 8.87 22.95 -34.81
C ILE D 378 8.96 21.56 -35.40
N TRP D 379 10.16 20.99 -35.37
CA TRP D 379 10.39 19.70 -36.01
C TRP D 379 10.12 18.52 -35.08
N SER D 380 10.49 18.62 -33.81
CA SER D 380 10.35 17.50 -32.89
C SER D 380 10.01 18.00 -31.50
N LEU D 381 9.29 17.17 -30.76
CA LEU D 381 8.99 17.41 -29.36
C LEU D 381 9.38 16.17 -28.57
N ALA D 382 10.11 16.37 -27.48
CA ALA D 382 10.52 15.27 -26.62
C ALA D 382 10.12 15.58 -25.18
N TRP D 383 9.47 14.63 -24.54
CA TRP D 383 9.11 14.75 -23.14
C TRP D 383 10.18 14.10 -22.28
N HIS D 384 10.48 14.73 -21.15
CA HIS D 384 11.33 14.10 -20.15
C HIS D 384 10.62 12.85 -19.61
N PRO D 385 11.37 11.80 -19.25
CA PRO D 385 10.73 10.59 -18.73
C PRO D 385 9.76 10.85 -17.58
N LEU D 386 10.10 11.76 -16.68
CA LEU D 386 9.11 12.43 -15.85
C LEU D 386 8.53 13.56 -16.69
N GLY D 387 7.25 13.49 -17.02
CA GLY D 387 6.71 14.43 -17.98
C GLY D 387 6.54 15.83 -17.43
N HIS D 388 7.58 16.34 -16.77
CA HIS D 388 7.58 17.67 -16.21
C HIS D 388 8.33 18.69 -17.06
N ILE D 389 9.11 18.22 -18.03
CA ILE D 389 9.85 19.08 -18.93
C ILE D 389 9.56 18.64 -20.35
N LEU D 390 9.30 19.58 -21.24
CA LEU D 390 9.15 19.33 -22.66
C LEU D 390 10.23 20.10 -23.40
N CYS D 391 10.88 19.45 -24.36
CA CYS D 391 11.84 20.11 -25.22
C CYS D 391 11.32 20.15 -26.65
N SER D 392 11.59 21.25 -27.34
CA SER D 392 11.17 21.44 -28.72
C SER D 392 12.36 21.89 -29.54
N GLY D 393 12.57 21.22 -30.68
CA GLY D 393 13.59 21.63 -31.63
C GLY D 393 12.97 22.16 -32.89
N SER D 394 13.23 23.42 -33.22
CA SER D 394 12.56 24.09 -34.32
C SER D 394 13.46 24.18 -35.54
N ASN D 395 12.86 24.65 -36.64
CA ASN D 395 13.63 24.98 -37.82
C ASN D 395 14.55 26.16 -37.59
N ASP D 396 14.19 27.04 -36.64
CA ASP D 396 15.17 27.96 -36.11
C ASP D 396 16.27 27.18 -35.42
N HIS D 397 17.44 27.80 -35.31
CA HIS D 397 18.63 27.06 -34.93
C HIS D 397 18.73 26.81 -33.44
N THR D 398 17.62 26.90 -32.71
CA THR D 398 17.62 26.79 -31.26
C THR D 398 16.69 25.67 -30.82
N SER D 399 16.86 25.26 -29.57
CA SER D 399 15.99 24.29 -28.93
C SER D 399 15.63 24.84 -27.55
N LYS D 400 14.36 24.71 -27.17
CA LYS D 400 13.86 25.31 -25.95
C LYS D 400 13.31 24.25 -25.01
N PHE D 401 13.40 24.56 -23.72
CA PHE D 401 12.90 23.69 -22.66
C PHE D 401 11.72 24.35 -21.98
N TRP D 402 10.64 23.60 -21.80
CA TRP D 402 9.42 24.10 -21.19
C TRP D 402 9.09 23.24 -19.98
N THR D 403 8.73 23.87 -18.88
CA THR D 403 8.35 23.18 -17.66
C THR D 403 6.96 23.61 -17.23
N ARG D 404 6.45 22.92 -16.23
CA ARG D 404 5.13 23.25 -15.69
C ARG D 404 5.18 24.60 -14.99
N ASN D 405 4.07 25.34 -15.08
CA ASN D 405 4.01 26.67 -14.51
C ASN D 405 4.01 26.61 -12.99
N ARG D 406 4.79 27.49 -12.37
CA ARG D 406 4.85 27.55 -10.92
C ARG D 406 3.48 27.96 -10.37
N PRO D 407 3.02 27.32 -9.31
CA PRO D 407 1.81 27.82 -8.64
C PRO D 407 2.01 29.23 -8.12
N GLY D 408 1.05 30.09 -8.43
CA GLY D 408 1.06 31.44 -7.94
C GLY D 408 1.82 32.46 -8.76
N ASP D 409 2.17 32.14 -9.99
CA ASP D 409 2.86 33.09 -10.85
C ASP D 409 1.90 33.71 -11.86
N LYS D 410 2.13 34.99 -12.14
CA LYS D 410 1.33 35.73 -13.12
C LYS D 410 1.95 35.54 -14.49
N MET D 411 1.35 34.68 -15.31
CA MET D 411 1.93 34.26 -16.57
C MET D 411 1.82 35.39 -17.60
N ARG D 412 2.54 36.48 -17.31
CA ARG D 412 2.52 37.68 -18.13
C ARG D 412 3.72 37.77 -19.06
N ASP D 413 4.49 36.69 -19.19
CA ASP D 413 5.64 36.67 -20.07
C ASP D 413 5.20 36.61 -21.53
N ARG D 414 6.18 36.68 -22.44
CA ARG D 414 5.88 36.74 -23.86
C ARG D 414 5.17 35.49 -24.34
N TYR D 415 5.46 34.34 -23.75
CA TYR D 415 4.91 33.08 -24.24
C TYR D 415 3.49 32.83 -23.77
N ASN D 416 3.01 33.57 -22.76
CA ASN D 416 1.66 33.36 -22.25
C ASN D 416 0.77 34.58 -22.46
N LEU D 417 1.18 35.76 -21.98
CA LEU D 417 0.36 36.96 -22.12
C LEU D 417 1.24 38.18 -22.40
#